data_1PWP
#
_entry.id   1PWP
#
_cell.length_a   96.700
_cell.length_b   137.400
_cell.length_c   98.300
_cell.angle_alpha   90.00
_cell.angle_beta   98.00
_cell.angle_gamma   90.00
#
_symmetry.space_group_name_H-M   'P 1 21 1'
#
loop_
_entity.id
_entity.type
_entity.pdbx_description
1 polymer 'Lethal factor'
2 non-polymer 'ZINC ION'
3 non-polymer "N,N'-BIS(4-AMINO-2-METHYLQUINOLIN-6-YL)UREA"
#
_entity_poly.entity_id   1
_entity_poly.type   'polypeptide(L)'
_entity_poly.pdbx_seq_one_letter_code
;AGGHGDVGMHVKEKEKNKDENKRKDEERNKTQEEHLKEIMKHIVKIEVKGEEAVKKEAAEKLLEKVPSDVLEMYKAIGGK
IYIVDGDITKHISLEALSEDKKKIKDIYGKDALLHEHYVYAKEGYEPVLVIQSSEDYVENTEKALNVYYEIGKILSRDIL
SKINQPYQKFLDVLNTIKNASDSDGQDLLFTNQLKEHPTDFSVEFLEQNSNEVQEVFAKAFAYYIEPQHRDVLQLYAPEA
FNYMDKFNEQEINLSLEELKDQRMLSRYEKWEKIKQHYQHWSDSLSEEGRGLLKKLQIPIEPKKDDIIHSLSQEEKELLK
RIQIDSSDFLSTEEKEFLKKLQIDIRDSLSEEEKELLNRIQVDSSNPLSEKEKEFLKKLKLDIQPYDINQRLQDTGGLID
SPSINLDVRKQYKRDIQNIDALLHQSIGSTLYNKIYLYENMNINNLTATLGADLVDSTDNTKINRGIFNEFKKNFKYSIS
SNYMIVDINERPALDNERLKWRIQLSPDTRAGYLENGKLILQRNIGLEIKDVQIIKQSEKEYIRIDAKVVPKSKIDTKIQ
EAQLNINQEWNKALGLPKYTKLITFNVHNRYASNIVESAYLILNEWKNNIQSDLIKKVTNYLVDGNGRFVFTDITLPNIA
EQYTHQDEIYEQVHSKGLYVPESRSILLHGPSKGVELRNDSEGFIHEFGHAVDDYAGYLLDKNQSDLVTNSKKFIDIFKE
EGSNLTSYGRTNEAEFFAEAFRLMHSTDHAERLKVQKNAPKTFQFINDQIKFIINS
;
_entity_poly.pdbx_strand_id   A,B
#
loop_
_chem_comp.id
_chem_comp.type
_chem_comp.name
_chem_comp.formula
NSC non-polymer N,N'-BIS(4-AMINO-2-METHYLQUINOLIN-6-YL)UREA 'C21 H20 N6 O'
ZN non-polymer 'ZINC ION' 'Zn 2'
#
# COMPACT_ATOMS: atom_id res chain seq x y z
N LYS A 30 -38.66 8.16 -20.70
CA LYS A 30 -39.41 6.92 -20.69
C LYS A 30 -38.58 5.83 -21.38
N THR A 31 -37.35 6.19 -21.51
CA THR A 31 -36.53 5.22 -22.01
C THR A 31 -36.62 4.08 -20.98
N GLN A 32 -37.31 4.37 -19.87
CA GLN A 32 -37.48 3.46 -18.75
C GLN A 32 -37.91 2.08 -19.22
N GLU A 33 -39.18 1.98 -19.63
CA GLU A 33 -39.77 0.73 -20.10
C GLU A 33 -38.93 -0.01 -21.12
N GLU A 34 -38.18 0.73 -21.92
CA GLU A 34 -37.34 0.11 -22.92
C GLU A 34 -36.14 -0.54 -22.25
N HIS A 35 -35.56 0.16 -21.28
CA HIS A 35 -34.40 -0.35 -20.54
C HIS A 35 -34.75 -1.73 -20.01
N LEU A 36 -35.95 -1.85 -19.43
CA LEU A 36 -36.43 -3.12 -18.87
C LEU A 36 -36.73 -4.15 -19.95
N LYS A 37 -37.28 -3.71 -21.08
CA LYS A 37 -37.57 -4.63 -22.17
C LYS A 37 -36.25 -5.22 -22.68
N GLU A 38 -35.31 -4.34 -22.99
CA GLU A 38 -33.99 -4.73 -23.46
C GLU A 38 -33.35 -5.76 -22.53
N ILE A 39 -33.21 -5.38 -21.25
CA ILE A 39 -32.60 -6.26 -20.26
C ILE A 39 -33.34 -7.59 -20.15
N MET A 40 -34.67 -7.53 -20.10
CA MET A 40 -35.47 -8.73 -19.96
C MET A 40 -35.40 -9.74 -21.11
N LYS A 41 -35.30 -9.24 -22.34
CA LYS A 41 -35.24 -10.15 -23.49
C LYS A 41 -34.00 -11.04 -23.40
N HIS A 42 -33.04 -10.60 -22.60
CA HIS A 42 -31.80 -11.34 -22.41
C HIS A 42 -31.93 -12.39 -21.31
N ILE A 43 -31.94 -11.92 -20.07
CA ILE A 43 -32.02 -12.78 -18.91
C ILE A 43 -33.33 -13.55 -18.76
N VAL A 44 -34.43 -12.98 -19.25
CA VAL A 44 -35.72 -13.64 -19.13
C VAL A 44 -35.99 -14.67 -20.22
N LYS A 45 -36.27 -15.89 -19.78
CA LYS A 45 -36.55 -17.01 -20.67
C LYS A 45 -37.93 -17.56 -20.35
N ILE A 46 -38.84 -17.51 -21.31
CA ILE A 46 -40.18 -18.02 -21.10
C ILE A 46 -40.19 -19.43 -21.69
N GLU A 47 -40.63 -20.41 -20.91
CA GLU A 47 -40.68 -21.78 -21.38
C GLU A 47 -41.85 -22.55 -20.83
N VAL A 48 -43.06 -22.13 -21.23
CA VAL A 48 -44.29 -22.76 -20.78
C VAL A 48 -44.96 -23.55 -21.90
N LYS A 49 -46.18 -24.00 -21.62
CA LYS A 49 -46.96 -24.81 -22.56
C LYS A 49 -47.63 -24.06 -23.72
N GLY A 50 -48.86 -23.59 -23.61
CA GLY A 50 -49.44 -22.97 -24.79
C GLY A 50 -49.99 -21.56 -24.60
N GLU A 51 -49.64 -20.91 -23.50
CA GLU A 51 -50.13 -19.56 -23.24
C GLU A 51 -48.96 -18.58 -23.20
N GLU A 52 -47.94 -18.84 -24.02
CA GLU A 52 -46.76 -17.99 -24.08
C GLU A 52 -47.10 -16.61 -24.63
N ALA A 53 -47.85 -15.85 -23.85
CA ALA A 53 -48.28 -14.50 -24.22
C ALA A 53 -49.08 -13.97 -23.03
N VAL A 54 -49.72 -14.91 -22.33
CA VAL A 54 -50.51 -14.57 -21.16
C VAL A 54 -49.58 -14.77 -19.96
N LYS A 55 -48.76 -15.81 -20.04
CA LYS A 55 -47.78 -16.13 -19.00
C LYS A 55 -46.54 -15.28 -19.23
N LYS A 56 -46.19 -15.09 -20.50
CA LYS A 56 -45.03 -14.29 -20.88
C LYS A 56 -45.30 -12.84 -20.54
N GLU A 57 -46.57 -12.49 -20.35
CA GLU A 57 -46.94 -11.13 -20.05
C GLU A 57 -47.16 -11.01 -18.55
N ALA A 58 -47.34 -12.15 -17.89
CA ALA A 58 -47.54 -12.17 -16.45
C ALA A 58 -46.21 -11.90 -15.75
N ALA A 59 -45.16 -12.52 -16.28
CA ALA A 59 -43.81 -12.36 -15.75
C ALA A 59 -43.37 -10.91 -15.87
N GLU A 60 -43.65 -10.29 -17.01
CA GLU A 60 -43.29 -8.89 -17.23
C GLU A 60 -43.94 -8.01 -16.17
N LYS A 61 -45.13 -8.40 -15.72
CA LYS A 61 -45.84 -7.64 -14.70
C LYS A 61 -45.18 -7.76 -13.35
N LEU A 62 -44.71 -8.96 -13.05
CA LEU A 62 -44.05 -9.26 -11.78
C LEU A 62 -42.68 -8.60 -11.64
N LEU A 63 -41.80 -8.83 -12.62
CA LEU A 63 -40.45 -8.26 -12.59
C LEU A 63 -40.43 -6.74 -12.70
N GLU A 64 -41.47 -6.17 -13.29
CA GLU A 64 -41.58 -4.73 -13.45
C GLU A 64 -41.45 -3.97 -12.14
N LYS A 65 -41.84 -4.61 -11.04
CA LYS A 65 -41.77 -3.97 -9.72
C LYS A 65 -40.33 -3.82 -9.23
N VAL A 66 -39.45 -4.69 -9.74
CA VAL A 66 -38.05 -4.68 -9.34
C VAL A 66 -37.30 -3.54 -10.01
N PRO A 67 -36.40 -2.87 -9.27
CA PRO A 67 -35.61 -1.75 -9.79
C PRO A 67 -34.80 -2.20 -11.00
N SER A 68 -35.05 -1.56 -12.13
CA SER A 68 -34.39 -1.89 -13.38
C SER A 68 -32.92 -2.26 -13.20
N ASP A 69 -32.23 -1.53 -12.33
CA ASP A 69 -30.82 -1.74 -12.08
C ASP A 69 -30.39 -3.05 -11.42
N VAL A 70 -31.26 -3.68 -10.63
CA VAL A 70 -30.86 -4.94 -10.01
C VAL A 70 -30.95 -6.05 -11.05
N LEU A 71 -31.67 -5.80 -12.13
CA LEU A 71 -31.82 -6.78 -13.19
C LEU A 71 -30.55 -6.80 -14.03
N GLU A 72 -29.99 -5.62 -14.25
CA GLU A 72 -28.75 -5.56 -15.04
C GLU A 72 -27.57 -6.13 -14.25
N MET A 73 -27.58 -5.93 -12.94
CA MET A 73 -26.52 -6.45 -12.08
C MET A 73 -26.58 -7.96 -12.10
N TYR A 74 -27.78 -8.52 -12.28
CA TYR A 74 -27.93 -9.98 -12.33
C TYR A 74 -27.40 -10.47 -13.66
N LYS A 75 -27.62 -9.68 -14.70
CA LYS A 75 -27.15 -10.03 -16.03
C LYS A 75 -25.63 -9.96 -15.98
N ALA A 76 -25.13 -8.97 -15.25
CA ALA A 76 -23.70 -8.73 -15.11
C ALA A 76 -22.95 -9.97 -14.64
N ILE A 77 -23.48 -10.63 -13.63
CA ILE A 77 -22.86 -11.83 -13.04
C ILE A 77 -23.29 -13.14 -13.70
N GLY A 78 -23.90 -13.03 -14.89
CA GLY A 78 -24.32 -14.21 -15.63
C GLY A 78 -25.62 -14.87 -15.19
N GLY A 79 -26.47 -14.15 -14.47
CA GLY A 79 -27.72 -14.73 -14.02
C GLY A 79 -28.80 -14.77 -15.06
N LYS A 80 -29.75 -15.68 -14.89
CA LYS A 80 -30.88 -15.82 -15.83
C LYS A 80 -32.16 -16.16 -15.11
N ILE A 81 -33.27 -15.71 -15.68
CA ILE A 81 -34.58 -15.97 -15.10
C ILE A 81 -35.39 -16.90 -16.00
N TYR A 82 -35.90 -17.98 -15.42
CA TYR A 82 -36.70 -18.96 -16.17
C TYR A 82 -38.13 -19.08 -15.64
N ILE A 83 -39.10 -18.73 -16.48
CA ILE A 83 -40.52 -18.84 -16.14
C ILE A 83 -41.00 -20.23 -16.60
N VAL A 84 -41.33 -21.10 -15.66
CA VAL A 84 -41.78 -22.44 -16.01
C VAL A 84 -43.10 -22.92 -15.40
N ASP A 85 -43.53 -24.11 -15.82
CA ASP A 85 -44.77 -24.74 -15.35
C ASP A 85 -44.50 -25.93 -14.45
N GLY A 86 -45.47 -26.22 -13.58
CA GLY A 86 -45.36 -27.35 -12.67
C GLY A 86 -44.21 -27.33 -11.72
N ASP A 87 -43.72 -28.53 -11.35
CA ASP A 87 -42.60 -28.67 -10.43
C ASP A 87 -41.35 -27.98 -11.01
N ILE A 88 -40.87 -26.96 -10.31
CA ILE A 88 -39.68 -26.23 -10.76
C ILE A 88 -38.41 -27.07 -10.68
N THR A 89 -38.44 -28.12 -9.86
CA THR A 89 -37.28 -29.01 -9.72
C THR A 89 -37.05 -29.71 -11.06
N LYS A 90 -38.12 -29.83 -11.84
CA LYS A 90 -38.08 -30.49 -13.14
C LYS A 90 -37.53 -29.59 -14.26
N HIS A 91 -36.44 -28.88 -13.98
CA HIS A 91 -35.80 -28.03 -14.98
C HIS A 91 -34.33 -28.44 -15.01
N ILE A 92 -33.71 -28.36 -16.18
CA ILE A 92 -32.31 -28.75 -16.32
C ILE A 92 -31.36 -28.01 -15.39
N SER A 93 -31.61 -26.71 -15.18
CA SER A 93 -30.79 -25.86 -14.33
C SER A 93 -30.79 -26.24 -12.84
N LEU A 94 -31.84 -26.93 -12.40
CA LEU A 94 -31.94 -27.32 -11.00
C LEU A 94 -31.79 -28.83 -10.78
N GLU A 95 -31.13 -29.50 -11.71
CA GLU A 95 -30.93 -30.93 -11.59
C GLU A 95 -29.76 -31.23 -10.65
N ALA A 96 -28.68 -30.50 -10.82
CA ALA A 96 -27.49 -30.67 -9.99
C ALA A 96 -27.77 -30.34 -8.53
N LEU A 97 -29.02 -30.01 -8.23
CA LEU A 97 -29.38 -29.68 -6.86
C LEU A 97 -29.20 -30.86 -5.92
N SER A 98 -28.37 -30.67 -4.89
CA SER A 98 -28.15 -31.72 -3.92
C SER A 98 -29.47 -32.05 -3.22
N GLU A 99 -29.62 -33.30 -2.77
CA GLU A 99 -30.85 -33.71 -2.11
C GLU A 99 -30.98 -33.08 -0.73
N ASP A 100 -30.60 -31.80 -0.64
CA ASP A 100 -30.68 -31.07 0.62
C ASP A 100 -31.27 -29.68 0.34
N LYS A 101 -30.71 -29.02 -0.67
CA LYS A 101 -31.15 -27.69 -1.09
C LYS A 101 -32.54 -27.79 -1.71
N LYS A 102 -33.16 -28.94 -1.55
CA LYS A 102 -34.50 -29.20 -2.08
C LYS A 102 -35.55 -28.65 -1.11
N LYS A 103 -35.11 -28.25 0.08
CA LYS A 103 -35.99 -27.69 1.09
C LYS A 103 -35.59 -26.24 1.41
N ILE A 104 -36.50 -25.30 1.16
CA ILE A 104 -36.23 -23.89 1.41
C ILE A 104 -37.18 -23.34 2.45
N LYS A 105 -36.93 -22.10 2.87
CA LYS A 105 -37.79 -21.43 3.84
C LYS A 105 -38.42 -20.21 3.19
N ASP A 106 -39.72 -20.02 3.43
CA ASP A 106 -40.41 -18.88 2.84
C ASP A 106 -40.04 -17.65 3.67
N ILE A 107 -40.43 -16.48 3.19
CA ILE A 107 -40.09 -15.24 3.88
C ILE A 107 -40.48 -15.24 5.36
N TYR A 108 -41.44 -16.09 5.73
CA TYR A 108 -41.90 -16.15 7.13
C TYR A 108 -41.14 -17.16 7.99
N GLY A 109 -40.20 -17.86 7.38
CA GLY A 109 -39.40 -18.83 8.12
C GLY A 109 -39.94 -20.23 8.25
N LYS A 110 -40.94 -20.57 7.45
CA LYS A 110 -41.55 -21.89 7.50
C LYS A 110 -40.94 -22.81 6.45
N ASP A 111 -40.51 -24.00 6.87
CA ASP A 111 -39.91 -24.97 5.97
C ASP A 111 -40.82 -25.39 4.83
N ALA A 112 -40.27 -25.47 3.64
CA ALA A 112 -41.03 -25.85 2.46
C ALA A 112 -40.24 -26.88 1.64
N LEU A 113 -40.70 -27.13 0.42
CA LEU A 113 -40.03 -28.08 -0.45
C LEU A 113 -40.04 -27.58 -1.87
N LEU A 114 -38.86 -27.48 -2.47
CA LEU A 114 -38.74 -26.99 -3.84
C LEU A 114 -39.79 -27.60 -4.76
N HIS A 115 -40.04 -28.90 -4.64
CA HIS A 115 -41.02 -29.54 -5.51
C HIS A 115 -42.46 -29.18 -5.15
N GLU A 116 -42.63 -28.22 -4.24
CA GLU A 116 -43.94 -27.75 -3.82
C GLU A 116 -44.01 -26.23 -3.75
N HIS A 117 -42.94 -25.55 -4.17
CA HIS A 117 -42.88 -24.09 -4.12
C HIS A 117 -42.91 -23.46 -5.51
N TYR A 118 -43.06 -22.14 -5.57
CA TYR A 118 -43.11 -21.43 -6.85
C TYR A 118 -41.85 -20.66 -7.25
N VAL A 119 -40.86 -20.59 -6.37
CA VAL A 119 -39.61 -19.88 -6.67
C VAL A 119 -38.36 -20.48 -6.05
N TYR A 120 -37.23 -20.08 -6.61
CA TYR A 120 -35.94 -20.52 -6.13
C TYR A 120 -34.81 -19.81 -6.87
N ALA A 121 -33.85 -19.29 -6.12
CA ALA A 121 -32.72 -18.63 -6.72
C ALA A 121 -31.49 -19.50 -6.44
N LYS A 122 -30.90 -20.07 -7.49
CA LYS A 122 -29.73 -20.91 -7.28
C LYS A 122 -28.45 -20.10 -7.20
N GLU A 123 -27.63 -20.43 -6.20
CA GLU A 123 -26.35 -19.77 -6.01
C GLU A 123 -25.35 -20.33 -7.01
N GLY A 124 -24.08 -20.01 -6.83
CA GLY A 124 -23.06 -20.53 -7.72
C GLY A 124 -22.55 -19.53 -8.74
N TYR A 125 -21.55 -19.93 -9.52
CA TYR A 125 -20.98 -19.03 -10.52
C TYR A 125 -21.81 -18.96 -11.78
N GLU A 126 -22.98 -19.58 -11.74
CA GLU A 126 -23.92 -19.56 -12.86
C GLU A 126 -25.30 -19.46 -12.23
N PRO A 127 -25.63 -18.25 -11.72
CA PRO A 127 -26.89 -17.93 -11.06
C PRO A 127 -28.13 -18.29 -11.86
N VAL A 128 -29.17 -18.72 -11.14
CA VAL A 128 -30.42 -19.12 -11.77
C VAL A 128 -31.61 -18.68 -10.94
N LEU A 129 -32.65 -18.23 -11.61
CA LEU A 129 -33.88 -17.82 -10.92
C LEU A 129 -35.01 -18.61 -11.56
N VAL A 130 -35.75 -19.36 -10.76
CA VAL A 130 -36.86 -20.15 -11.30
C VAL A 130 -38.19 -19.72 -10.68
N ILE A 131 -39.13 -19.37 -11.56
CA ILE A 131 -40.44 -18.91 -11.14
C ILE A 131 -41.54 -19.73 -11.81
N GLN A 132 -42.54 -20.15 -11.04
CA GLN A 132 -43.66 -20.93 -11.59
C GLN A 132 -44.57 -19.98 -12.38
N SER A 133 -45.54 -20.51 -13.11
CA SER A 133 -46.41 -19.64 -13.88
C SER A 133 -47.73 -19.28 -13.22
N SER A 134 -48.13 -18.03 -13.39
CA SER A 134 -49.38 -17.52 -12.83
C SER A 134 -49.54 -16.05 -13.21
N GLU A 135 -50.70 -15.47 -12.89
CA GLU A 135 -51.01 -14.08 -13.16
C GLU A 135 -51.70 -13.53 -11.93
N ASP A 136 -52.01 -14.45 -11.01
CA ASP A 136 -52.66 -14.11 -9.76
C ASP A 136 -51.62 -13.54 -8.79
N TYR A 137 -50.42 -13.30 -9.31
CA TYR A 137 -49.35 -12.72 -8.52
C TYR A 137 -49.87 -11.36 -8.07
N VAL A 138 -50.67 -10.74 -8.95
CA VAL A 138 -51.27 -9.45 -8.66
C VAL A 138 -52.23 -9.63 -7.49
N GLU A 139 -53.09 -10.64 -7.61
CA GLU A 139 -54.07 -10.94 -6.57
C GLU A 139 -53.44 -11.49 -5.30
N ASN A 140 -52.84 -12.68 -5.40
CA ASN A 140 -52.21 -13.34 -4.26
C ASN A 140 -50.83 -12.79 -3.95
N THR A 141 -50.84 -11.62 -3.32
CA THR A 141 -49.64 -10.89 -2.93
C THR A 141 -48.62 -11.65 -2.10
N GLU A 142 -49.06 -12.61 -1.30
CA GLU A 142 -48.13 -13.35 -0.45
C GLU A 142 -47.11 -14.18 -1.24
N LYS A 143 -47.40 -14.46 -2.49
CA LYS A 143 -46.45 -15.22 -3.28
C LYS A 143 -45.48 -14.25 -3.92
N ALA A 144 -46.00 -13.10 -4.36
CA ALA A 144 -45.15 -12.08 -4.96
C ALA A 144 -44.12 -11.67 -3.90
N LEU A 145 -44.58 -11.59 -2.66
CA LEU A 145 -43.72 -11.23 -1.54
C LEU A 145 -42.55 -12.22 -1.53
N ASN A 146 -42.89 -13.50 -1.55
CA ASN A 146 -41.88 -14.55 -1.55
C ASN A 146 -40.94 -14.46 -2.76
N VAL A 147 -41.51 -14.29 -3.95
CA VAL A 147 -40.68 -14.19 -5.14
C VAL A 147 -39.68 -13.05 -5.02
N TYR A 148 -40.11 -11.92 -4.46
CA TYR A 148 -39.25 -10.75 -4.31
C TYR A 148 -38.18 -10.98 -3.25
N TYR A 149 -38.55 -11.72 -2.23
CA TYR A 149 -37.68 -12.10 -1.16
C TYR A 149 -36.57 -12.94 -1.72
N GLU A 150 -36.87 -13.70 -2.75
CA GLU A 150 -35.90 -14.54 -3.38
C GLU A 150 -34.99 -13.65 -4.22
N ILE A 151 -35.57 -12.59 -4.78
CA ILE A 151 -34.79 -11.68 -5.61
C ILE A 151 -33.89 -10.89 -4.66
N GLY A 152 -34.47 -10.43 -3.56
CA GLY A 152 -33.70 -9.68 -2.59
C GLY A 152 -32.49 -10.51 -2.20
N LYS A 153 -32.71 -11.81 -2.06
CA LYS A 153 -31.65 -12.72 -1.70
C LYS A 153 -30.61 -12.69 -2.80
N ILE A 154 -31.05 -12.68 -4.04
CA ILE A 154 -30.09 -12.64 -5.14
C ILE A 154 -29.26 -11.37 -5.00
N LEU A 155 -29.94 -10.27 -4.68
CA LEU A 155 -29.30 -8.97 -4.54
C LEU A 155 -28.26 -8.91 -3.42
N SER A 156 -28.67 -9.25 -2.19
CA SER A 156 -27.75 -9.19 -1.05
C SER A 156 -26.70 -10.29 -1.00
N ARG A 157 -26.98 -11.44 -1.60
CA ARG A 157 -26.04 -12.54 -1.55
C ARG A 157 -25.23 -12.85 -2.80
N ASP A 158 -25.84 -12.60 -3.96
CA ASP A 158 -25.18 -12.89 -5.24
C ASP A 158 -24.52 -11.69 -5.88
N ILE A 159 -25.11 -10.53 -5.65
CA ILE A 159 -24.61 -9.29 -6.23
C ILE A 159 -23.77 -8.44 -5.28
N LEU A 160 -24.38 -7.92 -4.24
CA LEU A 160 -23.67 -7.06 -3.29
C LEU A 160 -22.46 -7.68 -2.61
N SER A 161 -22.42 -9.01 -2.52
CA SER A 161 -21.30 -9.68 -1.88
C SER A 161 -20.03 -9.52 -2.70
N LYS A 162 -20.18 -9.35 -4.01
CA LYS A 162 -19.04 -9.21 -4.89
C LYS A 162 -18.34 -7.84 -4.80
N ILE A 163 -18.95 -6.92 -4.04
CA ILE A 163 -18.36 -5.60 -3.85
C ILE A 163 -18.41 -5.27 -2.37
N ASN A 164 -18.32 -6.31 -1.55
CA ASN A 164 -18.33 -6.17 -0.09
C ASN A 164 -19.49 -5.44 0.55
N GLN A 165 -20.71 -5.81 0.17
CA GLN A 165 -21.90 -5.19 0.76
C GLN A 165 -22.97 -6.25 1.05
N PRO A 166 -23.92 -5.94 1.96
CA PRO A 166 -24.01 -4.68 2.70
C PRO A 166 -22.94 -4.58 3.77
N TYR A 167 -22.68 -3.38 4.25
CA TYR A 167 -21.65 -3.21 5.27
C TYR A 167 -22.12 -2.29 6.40
N GLN A 168 -21.19 -1.48 6.90
CA GLN A 168 -21.49 -0.60 8.01
C GLN A 168 -22.78 0.21 7.93
N LYS A 169 -23.05 0.82 6.79
CA LYS A 169 -24.28 1.60 6.67
C LYS A 169 -25.49 0.73 7.01
N PHE A 170 -25.60 -0.42 6.37
CA PHE A 170 -26.70 -1.33 6.64
C PHE A 170 -26.67 -1.85 8.09
N LEU A 171 -25.48 -2.07 8.63
CA LEU A 171 -25.36 -2.55 10.01
C LEU A 171 -25.99 -1.54 10.95
N ASP A 172 -25.88 -0.26 10.58
CA ASP A 172 -26.43 0.79 11.39
C ASP A 172 -27.96 0.73 11.42
N VAL A 173 -28.56 0.29 10.33
CA VAL A 173 -30.00 0.18 10.30
C VAL A 173 -30.40 -0.94 11.24
N LEU A 174 -29.69 -2.06 11.16
CA LEU A 174 -29.95 -3.22 12.01
C LEU A 174 -29.83 -2.88 13.50
N ASN A 175 -28.80 -2.12 13.85
CA ASN A 175 -28.60 -1.73 15.25
C ASN A 175 -29.65 -0.72 15.73
N THR A 176 -30.23 0.04 14.82
CA THR A 176 -31.24 1.02 15.20
C THR A 176 -32.50 0.27 15.59
N ILE A 177 -32.81 -0.77 14.81
CA ILE A 177 -33.99 -1.60 15.00
C ILE A 177 -33.98 -2.42 16.29
N LYS A 178 -32.86 -3.09 16.56
CA LYS A 178 -32.77 -3.92 17.75
C LYS A 178 -32.75 -3.13 19.05
N ASN A 179 -32.10 -1.97 19.03
CA ASN A 179 -32.01 -1.15 20.22
C ASN A 179 -33.05 -0.06 20.33
N ALA A 180 -34.06 -0.12 19.46
CA ALA A 180 -35.14 0.86 19.52
C ALA A 180 -36.11 0.38 20.59
N SER A 181 -37.02 1.24 21.01
CA SER A 181 -37.99 0.89 22.04
C SER A 181 -38.97 -0.18 21.56
N ASP A 182 -39.71 0.16 20.51
CA ASP A 182 -40.71 -0.73 19.90
C ASP A 182 -40.00 -1.96 19.32
N SER A 183 -40.27 -3.13 19.92
CA SER A 183 -39.66 -4.37 19.46
C SER A 183 -40.35 -4.96 18.23
N ASP A 184 -41.32 -4.23 17.68
CA ASP A 184 -42.06 -4.70 16.51
C ASP A 184 -41.16 -4.75 15.27
N GLY A 185 -40.27 -3.78 15.13
CA GLY A 185 -39.38 -3.77 13.99
C GLY A 185 -38.58 -5.07 13.93
N GLN A 186 -38.13 -5.53 15.09
CA GLN A 186 -37.36 -6.76 15.18
C GLN A 186 -38.23 -7.97 14.88
N ASP A 187 -39.39 -8.03 15.53
CA ASP A 187 -40.34 -9.13 15.37
C ASP A 187 -40.79 -9.31 13.92
N LEU A 188 -40.50 -8.31 13.08
CA LEU A 188 -40.89 -8.34 11.68
C LEU A 188 -39.76 -8.63 10.70
N LEU A 189 -38.51 -8.46 11.14
CA LEU A 189 -37.36 -8.67 10.25
C LEU A 189 -36.21 -9.53 10.78
N PHE A 190 -36.10 -9.65 12.09
CA PHE A 190 -35.02 -10.44 12.69
C PHE A 190 -35.41 -11.86 13.03
N THR A 191 -34.47 -12.79 12.82
CA THR A 191 -34.66 -14.19 13.17
C THR A 191 -34.20 -14.21 14.62
N ASN A 192 -34.72 -15.14 15.42
CA ASN A 192 -34.34 -15.19 16.83
C ASN A 192 -32.84 -15.13 17.08
N GLN A 193 -32.06 -15.69 16.16
CA GLN A 193 -30.60 -15.67 16.31
C GLN A 193 -30.11 -14.24 16.56
N LEU A 194 -30.61 -13.29 15.77
CA LEU A 194 -30.24 -11.89 15.92
C LEU A 194 -30.98 -11.28 17.11
N LYS A 195 -32.25 -11.64 17.26
CA LYS A 195 -33.07 -11.14 18.35
C LYS A 195 -32.40 -11.32 19.70
N GLU A 196 -31.88 -12.52 19.93
CA GLU A 196 -31.23 -12.87 21.18
C GLU A 196 -29.79 -12.40 21.34
N HIS A 197 -29.20 -11.86 20.29
CA HIS A 197 -27.83 -11.36 20.39
C HIS A 197 -27.84 -10.22 21.39
N PRO A 198 -26.91 -10.24 22.36
CA PRO A 198 -26.82 -9.19 23.38
C PRO A 198 -26.40 -7.84 22.82
N THR A 199 -25.09 -7.65 22.63
CA THR A 199 -24.56 -6.40 22.11
C THR A 199 -25.01 -6.09 20.69
N ASP A 200 -24.57 -4.93 20.19
CA ASP A 200 -24.90 -4.49 18.83
C ASP A 200 -24.21 -5.38 17.81
N PHE A 201 -24.58 -5.21 16.55
CA PHE A 201 -23.99 -5.99 15.47
C PHE A 201 -22.74 -5.28 14.96
N SER A 202 -21.58 -5.84 15.26
CA SER A 202 -20.32 -5.25 14.83
C SER A 202 -19.89 -5.82 13.49
N VAL A 203 -18.90 -5.18 12.88
CA VAL A 203 -18.38 -5.64 11.60
C VAL A 203 -18.00 -7.11 11.72
N GLU A 204 -17.41 -7.46 12.87
CA GLU A 204 -16.99 -8.82 13.13
C GLU A 204 -18.16 -9.80 13.08
N PHE A 205 -19.26 -9.40 13.69
CA PHE A 205 -20.46 -10.22 13.70
C PHE A 205 -20.94 -10.40 12.26
N LEU A 206 -20.99 -9.29 11.52
CA LEU A 206 -21.43 -9.32 10.14
C LEU A 206 -20.64 -10.27 9.27
N GLU A 207 -19.42 -10.56 9.66
CA GLU A 207 -18.56 -11.47 8.90
C GLU A 207 -18.81 -12.92 9.20
N GLN A 208 -19.12 -13.22 10.47
CA GLN A 208 -19.38 -14.59 10.89
C GLN A 208 -20.83 -15.00 10.61
N ASN A 209 -21.70 -14.02 10.49
CA ASN A 209 -23.11 -14.26 10.24
C ASN A 209 -23.55 -13.60 8.95
N SER A 210 -22.74 -13.75 7.91
CA SER A 210 -23.00 -13.16 6.59
C SER A 210 -24.37 -13.57 6.02
N ASN A 211 -24.66 -14.86 6.13
CA ASN A 211 -25.92 -15.42 5.66
C ASN A 211 -27.10 -14.75 6.37
N GLU A 212 -26.96 -14.55 7.68
CA GLU A 212 -28.01 -13.93 8.46
C GLU A 212 -28.33 -12.50 8.00
N VAL A 213 -27.33 -11.63 7.96
CA VAL A 213 -27.56 -10.25 7.54
C VAL A 213 -28.20 -10.25 6.15
N GLN A 214 -27.62 -11.00 5.23
CA GLN A 214 -28.16 -11.07 3.88
C GLN A 214 -29.66 -11.37 3.88
N GLU A 215 -30.07 -12.22 4.81
CA GLU A 215 -31.46 -12.61 4.94
C GLU A 215 -32.30 -11.39 5.33
N VAL A 216 -31.84 -10.66 6.34
CA VAL A 216 -32.58 -9.48 6.78
C VAL A 216 -32.69 -8.54 5.63
N PHE A 217 -31.56 -8.30 4.96
CA PHE A 217 -31.56 -7.40 3.82
C PHE A 217 -32.70 -7.78 2.89
N ALA A 218 -32.64 -9.01 2.38
CA ALA A 218 -33.65 -9.53 1.44
C ALA A 218 -35.08 -9.32 1.93
N LYS A 219 -35.38 -9.72 3.14
CA LYS A 219 -36.73 -9.55 3.66
C LYS A 219 -37.18 -8.10 3.53
N ALA A 220 -36.31 -7.17 3.94
CA ALA A 220 -36.65 -5.76 3.87
C ALA A 220 -36.82 -5.32 2.41
N PHE A 221 -36.00 -5.87 1.53
CA PHE A 221 -36.09 -5.52 0.12
C PHE A 221 -37.45 -5.98 -0.37
N ALA A 222 -37.83 -7.18 0.06
CA ALA A 222 -39.09 -7.82 -0.31
C ALA A 222 -40.28 -6.98 0.12
N TYR A 223 -40.41 -6.75 1.42
CA TYR A 223 -41.52 -5.94 1.90
C TYR A 223 -41.61 -4.61 1.16
N TYR A 224 -40.46 -3.97 0.93
CA TYR A 224 -40.44 -2.68 0.25
C TYR A 224 -40.90 -2.75 -1.21
N ILE A 225 -40.49 -3.81 -1.89
CA ILE A 225 -40.84 -3.99 -3.30
C ILE A 225 -42.28 -4.39 -3.58
N GLU A 226 -42.84 -5.28 -2.76
CA GLU A 226 -44.22 -5.70 -2.96
C GLU A 226 -45.14 -4.57 -2.48
N PRO A 227 -45.74 -3.83 -3.42
CA PRO A 227 -46.63 -2.70 -3.12
C PRO A 227 -47.61 -2.83 -1.96
N GLN A 228 -48.01 -4.05 -1.63
CA GLN A 228 -48.95 -4.19 -0.52
C GLN A 228 -48.30 -4.28 0.86
N HIS A 229 -47.10 -4.83 0.94
CA HIS A 229 -46.44 -4.96 2.24
C HIS A 229 -45.56 -3.78 2.58
N ARG A 230 -45.39 -2.86 1.63
CA ARG A 230 -44.57 -1.69 1.84
C ARG A 230 -45.04 -0.88 3.05
N ASP A 231 -46.36 -0.76 3.18
CA ASP A 231 -46.95 -0.01 4.28
C ASP A 231 -46.60 -0.67 5.62
N VAL A 232 -46.63 -1.99 5.66
CA VAL A 232 -46.30 -2.72 6.87
C VAL A 232 -44.86 -2.38 7.25
N LEU A 233 -43.97 -2.43 6.26
CA LEU A 233 -42.57 -2.12 6.46
C LEU A 233 -42.43 -0.75 7.10
N GLN A 234 -43.00 0.25 6.42
CA GLN A 234 -42.93 1.61 6.91
C GLN A 234 -43.64 1.76 8.25
N LEU A 235 -44.54 0.84 8.56
CA LEU A 235 -45.29 0.90 9.82
C LEU A 235 -44.56 0.35 11.05
N TYR A 236 -43.85 -0.77 10.89
CA TYR A 236 -43.17 -1.37 12.02
C TYR A 236 -41.65 -1.27 12.03
N ALA A 237 -41.08 -0.88 10.89
CA ALA A 237 -39.62 -0.75 10.76
C ALA A 237 -39.32 0.45 9.87
N PRO A 238 -39.49 1.67 10.39
CA PRO A 238 -39.24 2.89 9.64
C PRO A 238 -37.81 3.06 9.11
N GLU A 239 -36.81 2.69 9.91
CA GLU A 239 -35.44 2.84 9.47
C GLU A 239 -35.09 1.94 8.28
N ALA A 240 -35.68 0.75 8.28
CA ALA A 240 -35.46 -0.21 7.21
C ALA A 240 -36.14 0.33 5.98
N PHE A 241 -37.36 0.80 6.20
CA PHE A 241 -38.09 1.33 5.04
C PHE A 241 -37.30 2.45 4.41
N ASN A 242 -36.82 3.36 5.27
CA ASN A 242 -36.04 4.48 4.80
C ASN A 242 -34.78 4.05 4.07
N TYR A 243 -34.02 3.13 4.64
CA TYR A 243 -32.83 2.67 3.98
C TYR A 243 -33.19 2.14 2.61
N MET A 244 -34.07 1.14 2.55
CA MET A 244 -34.47 0.51 1.29
C MET A 244 -35.11 1.50 0.32
N ASP A 245 -35.69 2.56 0.87
CA ASP A 245 -36.33 3.59 0.07
C ASP A 245 -35.26 4.37 -0.71
N LYS A 246 -34.28 4.90 0.03
CA LYS A 246 -33.21 5.68 -0.56
C LYS A 246 -32.30 4.83 -1.44
N PHE A 247 -32.16 3.56 -1.10
CA PHE A 247 -31.29 2.65 -1.86
C PHE A 247 -31.80 2.32 -3.25
N ASN A 248 -33.10 2.04 -3.36
CA ASN A 248 -33.71 1.67 -4.65
C ASN A 248 -33.99 2.82 -5.58
N GLU A 249 -34.03 4.03 -5.02
CA GLU A 249 -34.30 5.20 -5.85
C GLU A 249 -33.03 5.91 -6.25
N GLN A 250 -32.04 5.91 -5.37
CA GLN A 250 -30.77 6.59 -5.67
C GLN A 250 -29.61 5.61 -5.68
N GLU A 251 -28.95 5.49 -4.53
CA GLU A 251 -27.78 4.65 -4.32
C GLU A 251 -27.55 3.37 -5.14
N ILE A 252 -28.60 2.70 -5.60
CA ILE A 252 -28.42 1.47 -6.35
C ILE A 252 -27.60 1.59 -7.65
N ASN A 253 -27.76 2.69 -8.37
CA ASN A 253 -27.01 2.85 -9.62
C ASN A 253 -25.53 3.00 -9.30
N LEU A 254 -25.24 3.39 -8.06
CA LEU A 254 -23.85 3.52 -7.64
C LEU A 254 -23.32 2.13 -7.41
N SER A 255 -24.22 1.21 -7.05
CA SER A 255 -23.86 -0.19 -6.81
C SER A 255 -23.48 -0.82 -8.14
N LEU A 256 -24.32 -0.57 -9.15
CA LEU A 256 -24.06 -1.10 -10.47
C LEU A 256 -22.70 -0.57 -10.88
N GLU A 257 -22.48 0.72 -10.62
CA GLU A 257 -21.22 1.36 -10.97
C GLU A 257 -20.04 0.64 -10.37
N GLU A 258 -20.09 0.41 -9.06
CA GLU A 258 -19.02 -0.28 -8.37
C GLU A 258 -18.87 -1.70 -8.90
N LEU A 259 -20.00 -2.31 -9.24
CA LEU A 259 -20.02 -3.68 -9.74
C LEU A 259 -19.34 -3.78 -11.10
N LYS A 260 -19.61 -2.80 -11.98
CA LYS A 260 -19.01 -2.79 -13.32
C LYS A 260 -17.53 -2.51 -13.26
N ASP A 261 -17.10 -1.81 -12.21
CA ASP A 261 -15.69 -1.45 -12.05
C ASP A 261 -14.78 -2.65 -11.82
N GLN A 262 -15.39 -3.79 -11.51
CA GLN A 262 -14.61 -5.01 -11.26
C GLN A 262 -14.50 -5.89 -12.50
N ARG A 263 -15.28 -5.56 -13.53
CA ARG A 263 -15.31 -6.31 -14.77
C ARG A 263 -14.21 -5.87 -15.70
N MET A 264 -13.25 -6.75 -15.92
CA MET A 264 -12.14 -6.42 -16.80
C MET A 264 -12.56 -5.70 -18.07
N LEU A 265 -13.49 -6.27 -18.80
CA LEU A 265 -13.94 -5.68 -20.06
C LEU A 265 -14.65 -4.35 -19.90
N SER A 266 -15.36 -4.17 -18.79
CA SER A 266 -16.01 -2.90 -18.59
C SER A 266 -14.93 -1.86 -18.44
N ARG A 267 -13.97 -2.16 -17.56
CA ARG A 267 -12.85 -1.27 -17.29
C ARG A 267 -12.15 -0.88 -18.56
N TYR A 268 -11.82 -1.86 -19.39
CA TYR A 268 -11.12 -1.58 -20.63
C TYR A 268 -11.99 -0.75 -21.59
N GLU A 269 -13.28 -1.02 -21.61
CA GLU A 269 -14.22 -0.31 -22.48
C GLU A 269 -14.31 1.16 -22.15
N LYS A 270 -14.38 1.48 -20.85
CA LYS A 270 -14.48 2.86 -20.39
C LYS A 270 -13.23 3.67 -20.76
N TRP A 271 -12.08 3.07 -20.51
CA TRP A 271 -10.80 3.67 -20.79
C TRP A 271 -10.65 4.01 -22.27
N GLU A 272 -11.09 3.10 -23.13
CA GLU A 272 -10.98 3.28 -24.57
C GLU A 272 -11.83 4.42 -25.09
N LYS A 273 -13.03 4.56 -24.56
CA LYS A 273 -13.89 5.63 -25.04
C LYS A 273 -13.27 6.98 -24.68
N ILE A 274 -12.63 7.05 -23.52
CA ILE A 274 -12.01 8.29 -23.10
C ILE A 274 -10.74 8.54 -23.92
N LYS A 275 -9.93 7.49 -24.09
CA LYS A 275 -8.70 7.60 -24.85
C LYS A 275 -9.05 8.12 -26.26
N GLN A 276 -10.19 7.67 -26.75
CA GLN A 276 -10.66 8.06 -28.07
C GLN A 276 -11.05 9.51 -28.04
N HIS A 277 -11.86 9.89 -27.06
CA HIS A 277 -12.32 11.25 -26.97
C HIS A 277 -11.20 12.26 -26.91
N TYR A 278 -10.05 11.85 -26.41
CA TYR A 278 -8.92 12.76 -26.31
C TYR A 278 -7.82 12.42 -27.33
N GLN A 279 -8.11 11.49 -28.25
CA GLN A 279 -7.11 11.11 -29.23
C GLN A 279 -6.48 12.29 -29.96
N HIS A 280 -7.31 13.24 -30.39
CA HIS A 280 -6.79 14.39 -31.10
C HIS A 280 -5.89 15.25 -30.21
N TRP A 281 -6.39 15.61 -29.02
CA TRP A 281 -5.65 16.39 -28.05
C TRP A 281 -4.29 15.76 -27.78
N SER A 282 -4.26 14.45 -27.67
CA SER A 282 -3.01 13.76 -27.40
C SER A 282 -2.05 13.86 -28.58
N ASP A 283 -2.44 13.37 -29.75
CA ASP A 283 -1.55 13.45 -30.92
C ASP A 283 -0.99 14.86 -31.17
N SER A 284 -1.67 15.88 -30.67
CA SER A 284 -1.23 17.25 -30.87
C SER A 284 -0.22 17.69 -29.82
N LEU A 285 -0.21 17.08 -28.65
CA LEU A 285 0.76 17.45 -27.61
C LEU A 285 2.17 17.51 -28.19
N SER A 286 2.99 18.37 -27.62
CA SER A 286 4.36 18.55 -28.05
C SER A 286 5.27 18.05 -26.95
N GLU A 287 6.55 17.88 -27.25
CA GLU A 287 7.49 17.42 -26.24
C GLU A 287 7.44 18.35 -25.03
N GLU A 288 7.21 19.63 -25.31
CA GLU A 288 7.12 20.66 -24.27
C GLU A 288 5.91 20.46 -23.38
N GLY A 289 4.78 20.10 -23.99
CA GLY A 289 3.56 19.86 -23.24
C GLY A 289 3.71 18.62 -22.39
N ARG A 290 4.25 17.55 -22.99
CA ARG A 290 4.44 16.33 -22.23
C ARG A 290 5.45 16.53 -21.11
N GLY A 291 6.41 17.43 -21.32
CA GLY A 291 7.40 17.70 -20.31
C GLY A 291 6.75 18.34 -19.10
N LEU A 292 5.78 19.19 -19.37
CA LEU A 292 5.05 19.88 -18.32
C LEU A 292 4.19 18.92 -17.50
N LEU A 293 3.42 18.07 -18.17
CA LEU A 293 2.56 17.12 -17.46
C LEU A 293 3.36 16.17 -16.59
N LYS A 294 4.52 15.75 -17.10
CA LYS A 294 5.37 14.84 -16.36
C LYS A 294 5.97 15.55 -15.14
N LYS A 295 6.43 16.78 -15.33
CA LYS A 295 7.01 17.55 -14.22
C LYS A 295 5.96 17.75 -13.14
N LEU A 296 4.71 17.82 -13.57
CA LEU A 296 3.59 18.02 -12.66
C LEU A 296 3.22 16.73 -11.90
N GLN A 297 3.85 15.61 -12.25
CA GLN A 297 3.56 14.35 -11.57
C GLN A 297 4.67 13.96 -10.61
N ILE A 298 5.90 14.35 -10.92
CA ILE A 298 7.02 14.07 -10.03
C ILE A 298 7.91 15.28 -9.87
N PRO A 299 7.84 15.92 -8.70
CA PRO A 299 8.59 17.12 -8.32
C PRO A 299 10.09 16.97 -8.45
N ILE A 300 10.76 18.11 -8.62
CA ILE A 300 12.21 18.15 -8.76
C ILE A 300 12.86 18.53 -7.43
N GLU A 301 13.64 17.60 -6.88
CA GLU A 301 14.31 17.82 -5.60
C GLU A 301 15.51 18.77 -5.71
N PRO A 302 15.87 19.41 -4.59
CA PRO A 302 17.00 20.34 -4.50
C PRO A 302 18.30 19.63 -4.82
N LYS A 303 18.99 20.09 -5.86
CA LYS A 303 20.24 19.46 -6.23
C LYS A 303 21.38 20.01 -5.36
N LYS A 304 21.66 19.29 -4.28
CA LYS A 304 22.69 19.64 -3.31
C LYS A 304 23.76 20.52 -3.90
N ASP A 305 24.45 20.02 -4.91
CA ASP A 305 25.51 20.76 -5.57
C ASP A 305 25.16 22.24 -5.71
N ASP A 306 24.24 22.54 -6.61
CA ASP A 306 23.83 23.93 -6.87
C ASP A 306 23.68 24.77 -5.60
N ILE A 307 23.14 24.17 -4.54
CA ILE A 307 22.97 24.90 -3.29
C ILE A 307 24.32 25.49 -2.91
N ILE A 308 25.32 24.63 -2.79
CA ILE A 308 26.68 25.03 -2.42
C ILE A 308 27.21 26.22 -3.24
N HIS A 309 27.07 26.14 -4.56
CA HIS A 309 27.56 27.22 -5.44
C HIS A 309 26.96 28.58 -5.11
N SER A 310 25.68 28.77 -5.46
CA SER A 310 25.00 30.04 -5.22
C SER A 310 24.98 30.44 -3.75
N LEU A 311 25.76 29.73 -2.93
CA LEU A 311 25.82 30.02 -1.50
C LEU A 311 26.65 31.29 -1.27
N SER A 312 27.81 31.14 -0.64
CA SER A 312 28.68 32.28 -0.36
C SER A 312 29.95 31.87 0.39
N GLN A 313 31.05 32.54 0.08
CA GLN A 313 32.33 32.25 0.72
C GLN A 313 32.19 32.26 2.24
N GLU A 314 31.57 33.32 2.75
CA GLU A 314 31.35 33.48 4.18
C GLU A 314 30.32 32.49 4.70
N GLU A 315 29.21 32.38 3.97
CA GLU A 315 28.14 31.47 4.36
C GLU A 315 28.61 30.03 4.42
N LYS A 316 29.39 29.61 3.43
CA LYS A 316 29.91 28.25 3.41
C LYS A 316 30.58 27.97 4.73
N GLU A 317 31.37 28.94 5.20
CA GLU A 317 32.08 28.84 6.46
C GLU A 317 31.15 28.60 7.64
N LEU A 318 30.04 29.32 7.67
CA LEU A 318 29.06 29.17 8.74
C LEU A 318 28.45 27.79 8.65
N LEU A 319 28.05 27.41 7.43
CA LEU A 319 27.45 26.12 7.18
C LEU A 319 28.44 25.02 7.58
N LYS A 320 29.73 25.31 7.42
CA LYS A 320 30.79 24.35 7.74
C LYS A 320 30.62 23.73 9.13
N ARG A 321 29.78 24.35 9.96
CA ARG A 321 29.49 23.81 11.28
C ARG A 321 28.32 24.46 11.97
N ILE A 322 27.16 23.81 11.87
CA ILE A 322 25.94 24.25 12.49
C ILE A 322 25.22 22.98 12.88
N GLN A 323 24.99 22.77 14.17
CA GLN A 323 24.30 21.56 14.58
C GLN A 323 22.86 21.75 14.16
N ILE A 324 22.62 21.52 12.88
CA ILE A 324 21.30 21.67 12.28
C ILE A 324 20.18 21.37 13.30
N ASP A 325 20.36 20.32 14.10
CA ASP A 325 19.37 19.93 15.09
C ASP A 325 19.09 21.00 16.14
N SER A 326 20.09 21.84 16.40
CA SER A 326 19.95 22.90 17.38
C SER A 326 18.74 23.80 17.08
N SER A 327 18.50 24.07 15.80
CA SER A 327 17.38 24.92 15.40
C SER A 327 16.03 24.22 15.54
N ASP A 328 14.97 24.98 15.28
CA ASP A 328 13.62 24.45 15.39
C ASP A 328 12.67 25.14 14.41
N PHE A 329 12.82 24.80 13.13
CA PHE A 329 11.98 25.31 12.06
C PHE A 329 12.37 24.56 10.79
N LEU A 330 13.26 23.57 10.98
CA LEU A 330 13.75 22.71 9.92
C LEU A 330 13.27 21.29 10.22
N SER A 331 12.25 20.83 9.52
CA SER A 331 11.70 19.50 9.74
C SER A 331 12.79 18.42 9.62
N THR A 332 12.49 17.23 10.15
CA THR A 332 13.42 16.11 10.12
C THR A 332 13.91 15.85 8.70
N GLU A 333 13.01 16.00 7.74
CA GLU A 333 13.35 15.80 6.35
C GLU A 333 14.36 16.84 5.90
N GLU A 334 14.09 18.09 6.28
CA GLU A 334 14.96 19.21 5.92
C GLU A 334 16.33 19.14 6.58
N LYS A 335 16.35 18.93 7.90
CA LYS A 335 17.60 18.84 8.65
C LYS A 335 18.58 17.84 8.03
N GLU A 336 18.06 16.66 7.68
CA GLU A 336 18.88 15.64 7.09
C GLU A 336 19.55 16.19 5.83
N PHE A 337 18.76 16.79 4.96
CA PHE A 337 19.28 17.35 3.71
C PHE A 337 20.44 18.30 3.99
N LEU A 338 20.22 19.24 4.90
CA LEU A 338 21.26 20.20 5.25
C LEU A 338 22.49 19.47 5.80
N LYS A 339 22.27 18.51 6.70
CA LYS A 339 23.38 17.74 7.27
C LYS A 339 24.31 17.23 6.17
N LYS A 340 23.73 16.61 5.14
CA LYS A 340 24.51 16.06 4.03
C LYS A 340 25.14 17.16 3.17
N LEU A 341 24.74 18.41 3.41
CA LEU A 341 25.28 19.54 2.66
C LEU A 341 26.66 19.91 3.17
N GLN A 342 26.82 19.92 4.50
CA GLN A 342 28.09 20.24 5.13
C GLN A 342 29.06 19.07 4.96
N ILE A 343 28.58 17.88 5.26
CA ILE A 343 29.35 16.65 5.17
C ILE A 343 29.88 16.40 3.76
N ASP A 344 29.42 17.20 2.81
CA ASP A 344 29.83 17.05 1.42
C ASP A 344 30.76 18.17 0.94
N ILE A 345 31.18 19.04 1.86
CA ILE A 345 32.06 20.14 1.51
C ILE A 345 33.32 20.11 2.37
N ARG A 346 33.41 19.12 3.26
CA ARG A 346 34.55 18.95 4.16
C ARG A 346 35.72 18.19 3.52
N ASP A 347 35.48 17.62 2.35
CA ASP A 347 36.47 16.84 1.62
C ASP A 347 37.68 17.57 1.04
N SER A 348 38.20 18.59 1.73
CA SER A 348 39.35 19.31 1.20
C SER A 348 40.09 20.21 2.21
N LEU A 349 41.43 20.13 2.15
CA LEU A 349 42.33 20.92 3.00
C LEU A 349 41.73 21.35 4.34
N SER A 365 27.54 21.62 24.41
CA SER A 365 26.39 22.53 24.32
C SER A 365 26.07 22.86 22.87
N ASN A 366 24.96 23.56 22.66
CA ASN A 366 24.54 23.94 21.31
C ASN A 366 23.84 25.31 21.28
N PRO A 367 24.60 26.40 21.50
CA PRO A 367 24.07 27.76 21.51
C PRO A 367 23.26 28.09 20.25
N LEU A 368 22.11 28.74 20.43
CA LEU A 368 21.27 29.11 19.29
C LEU A 368 21.66 30.48 18.74
N SER A 369 22.58 30.48 17.79
CA SER A 369 23.06 31.72 17.18
C SER A 369 21.99 32.50 16.43
N GLU A 370 22.20 33.81 16.31
CA GLU A 370 21.25 34.67 15.60
C GLU A 370 21.40 34.56 14.09
N LYS A 371 22.37 35.27 13.53
CA LYS A 371 22.59 35.24 12.09
C LYS A 371 22.73 33.84 11.51
N GLU A 372 22.81 32.84 12.38
CA GLU A 372 22.89 31.45 11.92
C GLU A 372 21.48 30.95 11.60
N LYS A 373 20.53 31.25 12.49
CA LYS A 373 19.16 30.81 12.25
C LYS A 373 18.62 31.60 11.06
N GLU A 374 19.22 32.76 10.79
CA GLU A 374 18.84 33.60 9.68
C GLU A 374 19.31 32.92 8.41
N PHE A 375 20.51 32.35 8.49
CA PHE A 375 21.10 31.65 7.38
C PHE A 375 20.30 30.37 7.09
N LEU A 376 19.89 29.69 8.15
CA LEU A 376 19.13 28.45 7.99
C LEU A 376 17.72 28.74 7.48
N LYS A 377 17.21 29.94 7.75
CA LYS A 377 15.88 30.30 7.29
C LYS A 377 15.93 30.48 5.78
N LYS A 378 16.92 31.24 5.32
CA LYS A 378 17.07 31.47 3.89
C LYS A 378 17.13 30.16 3.12
N LEU A 379 17.90 29.21 3.65
CA LEU A 379 18.07 27.91 2.99
C LEU A 379 16.81 27.07 2.97
N LYS A 380 15.94 27.27 3.95
CA LYS A 380 14.71 26.50 4.00
C LYS A 380 13.95 26.76 2.69
N LEU A 381 13.88 28.02 2.26
CA LEU A 381 13.20 28.38 1.02
C LEU A 381 13.90 27.71 -0.14
N ASP A 382 15.24 27.76 -0.10
CA ASP A 382 16.09 27.20 -1.14
C ASP A 382 16.08 25.68 -1.29
N ILE A 383 15.87 24.94 -0.20
CA ILE A 383 15.87 23.47 -0.30
C ILE A 383 14.51 22.81 -0.44
N GLN A 384 13.50 23.56 -0.84
CA GLN A 384 12.17 23.01 -1.04
C GLN A 384 12.12 22.48 -2.47
N PRO A 385 11.38 21.38 -2.70
CA PRO A 385 11.23 20.76 -4.02
C PRO A 385 10.38 21.61 -4.97
N TYR A 386 10.65 21.52 -6.27
CA TYR A 386 9.84 22.28 -7.22
C TYR A 386 8.62 21.42 -7.40
N ASP A 387 7.50 21.84 -6.80
CA ASP A 387 6.25 21.10 -6.85
C ASP A 387 5.08 22.01 -7.21
N ILE A 388 4.77 22.07 -8.51
CA ILE A 388 3.68 22.91 -9.00
C ILE A 388 2.37 22.71 -8.25
N ASN A 389 1.92 21.46 -8.15
CA ASN A 389 0.66 21.18 -7.45
C ASN A 389 0.74 21.62 -6.01
N GLN A 390 1.89 21.39 -5.37
CA GLN A 390 2.08 21.77 -3.97
C GLN A 390 2.02 23.31 -3.84
N ARG A 391 2.55 24.01 -4.84
CA ARG A 391 2.53 25.46 -4.81
C ARG A 391 1.09 25.95 -4.86
N LEU A 392 0.25 25.28 -5.65
CA LEU A 392 -1.15 25.71 -5.74
C LEU A 392 -1.90 25.47 -4.44
N GLN A 393 -1.67 24.30 -3.84
CA GLN A 393 -2.35 23.99 -2.59
C GLN A 393 -1.99 24.96 -1.45
N ASP A 394 -0.72 25.31 -1.34
CA ASP A 394 -0.24 26.21 -0.31
C ASP A 394 -0.81 27.63 -0.44
N THR A 395 -0.93 28.10 -1.67
CA THR A 395 -1.44 29.44 -1.95
C THR A 395 -2.92 29.51 -2.29
N GLY A 396 -3.57 28.35 -2.40
CA GLY A 396 -4.99 28.34 -2.73
C GLY A 396 -5.25 28.94 -4.10
N GLY A 397 -4.22 29.00 -4.93
CA GLY A 397 -4.37 29.57 -6.25
C GLY A 397 -3.76 30.96 -6.38
N LEU A 398 -3.56 31.62 -5.24
CA LEU A 398 -2.98 32.95 -5.22
C LEU A 398 -1.48 32.83 -5.53
N ILE A 399 -1.17 32.55 -6.79
CA ILE A 399 0.21 32.34 -7.23
C ILE A 399 1.14 33.57 -7.20
N ASP A 400 0.59 34.72 -6.81
CA ASP A 400 1.37 35.95 -6.73
C ASP A 400 1.85 36.25 -5.32
N SER A 401 1.56 35.35 -4.38
CA SER A 401 1.97 35.54 -2.99
C SER A 401 3.47 35.65 -2.85
N PRO A 402 3.93 36.68 -2.10
CA PRO A 402 5.32 37.01 -1.80
C PRO A 402 5.98 35.96 -0.92
N SER A 403 5.34 34.81 -0.77
CA SER A 403 5.87 33.75 0.08
C SER A 403 7.18 33.08 -0.34
N ILE A 404 7.61 33.26 -1.58
CA ILE A 404 8.90 32.67 -2.00
C ILE A 404 9.60 33.62 -2.96
N ASN A 405 10.92 33.43 -3.13
CA ASN A 405 11.72 34.30 -3.99
C ASN A 405 11.12 34.55 -5.36
N LEU A 406 11.18 35.80 -5.78
CA LEU A 406 10.64 36.24 -7.05
C LEU A 406 11.05 35.39 -8.26
N ASP A 407 12.29 34.92 -8.32
CA ASP A 407 12.69 34.10 -9.45
C ASP A 407 11.82 32.84 -9.57
N VAL A 408 11.64 32.14 -8.46
CA VAL A 408 10.84 30.92 -8.40
C VAL A 408 9.35 31.17 -8.53
N ARG A 409 8.91 32.35 -8.11
CA ARG A 409 7.50 32.70 -8.20
C ARG A 409 7.09 32.72 -9.67
N LYS A 410 7.92 33.35 -10.51
CA LYS A 410 7.66 33.47 -11.95
C LYS A 410 7.70 32.16 -12.70
N GLN A 411 8.60 31.26 -12.32
CA GLN A 411 8.66 29.97 -12.98
C GLN A 411 7.37 29.19 -12.70
N TYR A 412 6.81 29.34 -11.50
CA TYR A 412 5.57 28.67 -11.13
C TYR A 412 4.41 29.25 -11.92
N LYS A 413 4.38 30.58 -12.02
CA LYS A 413 3.33 31.27 -12.76
C LYS A 413 3.38 30.89 -14.22
N ARG A 414 4.57 30.81 -14.79
CA ARG A 414 4.72 30.42 -16.19
C ARG A 414 4.20 29.00 -16.43
N ASP A 415 4.69 28.03 -15.67
CA ASP A 415 4.27 26.62 -15.81
C ASP A 415 2.77 26.40 -15.63
N ILE A 416 2.18 27.07 -14.65
CA ILE A 416 0.76 26.92 -14.36
C ILE A 416 -0.08 27.54 -15.46
N GLN A 417 0.28 28.76 -15.85
CA GLN A 417 -0.43 29.43 -16.90
C GLN A 417 -0.39 28.54 -18.13
N ASN A 418 0.67 27.75 -18.26
CA ASN A 418 0.77 26.87 -19.41
C ASN A 418 -0.04 25.59 -19.29
N ILE A 419 -0.06 24.99 -18.10
CA ILE A 419 -0.83 23.77 -17.89
C ILE A 419 -2.32 24.09 -18.10
N ASP A 420 -2.71 25.29 -17.67
CA ASP A 420 -4.09 25.74 -17.81
C ASP A 420 -4.51 25.80 -19.27
N ALA A 421 -3.57 26.14 -20.15
CA ALA A 421 -3.86 26.23 -21.58
C ALA A 421 -3.89 24.84 -22.21
N LEU A 422 -3.08 23.92 -21.71
CA LEU A 422 -3.07 22.56 -22.23
C LEU A 422 -4.36 21.79 -21.94
N LEU A 423 -4.87 21.95 -20.72
CA LEU A 423 -6.08 21.26 -20.31
C LEU A 423 -7.34 22.04 -20.64
N HIS A 424 -7.59 22.16 -21.95
CA HIS A 424 -8.75 22.87 -22.47
C HIS A 424 -9.96 22.02 -22.89
N GLN A 425 -9.75 20.75 -23.23
CA GLN A 425 -10.87 19.90 -23.67
C GLN A 425 -11.65 19.23 -22.56
N SER A 426 -12.96 19.50 -22.53
CA SER A 426 -13.83 18.93 -21.51
C SER A 426 -14.21 17.47 -21.76
N ILE A 427 -14.51 16.79 -20.66
CA ILE A 427 -14.85 15.37 -20.63
C ILE A 427 -16.07 15.00 -21.46
N GLY A 428 -17.03 15.92 -21.56
CA GLY A 428 -18.25 15.72 -22.35
C GLY A 428 -18.07 15.13 -23.75
N SER A 429 -18.72 13.98 -23.99
CA SER A 429 -18.61 13.30 -25.28
C SER A 429 -19.92 12.62 -25.69
N THR A 430 -19.99 12.17 -26.93
CA THR A 430 -21.18 11.47 -27.43
C THR A 430 -20.99 9.98 -27.12
N LEU A 431 -19.77 9.60 -26.72
CA LEU A 431 -19.41 8.22 -26.42
C LEU A 431 -19.85 7.74 -25.05
N TYR A 432 -20.34 8.64 -24.20
CA TYR A 432 -20.76 8.25 -22.86
C TYR A 432 -21.49 9.36 -22.10
N ASN A 433 -22.35 8.99 -21.18
CA ASN A 433 -23.11 9.94 -20.37
C ASN A 433 -22.43 10.29 -19.04
N LYS A 434 -23.01 9.86 -17.92
CA LYS A 434 -22.45 10.12 -16.60
C LYS A 434 -21.13 9.39 -16.53
N ILE A 435 -20.13 10.00 -15.90
CA ILE A 435 -18.79 9.43 -15.81
C ILE A 435 -18.18 9.57 -14.43
N TYR A 436 -17.67 8.48 -13.88
CA TYR A 436 -17.06 8.52 -12.55
C TYR A 436 -15.55 8.35 -12.59
N LEU A 437 -14.86 9.20 -11.86
CA LEU A 437 -13.40 9.11 -11.79
C LEU A 437 -13.00 8.91 -10.34
N TYR A 438 -11.84 8.30 -10.11
CA TYR A 438 -11.46 8.01 -8.74
C TYR A 438 -10.14 8.62 -8.27
N GLU A 439 -10.08 8.84 -6.96
CA GLU A 439 -8.90 9.37 -6.31
C GLU A 439 -8.70 8.83 -4.88
N ASN A 440 -7.50 8.29 -4.65
CA ASN A 440 -7.12 7.77 -3.34
C ASN A 440 -6.36 8.91 -2.65
N MET A 441 -6.80 9.25 -1.44
CA MET A 441 -6.21 10.36 -0.69
C MET A 441 -5.80 10.03 0.75
N ASN A 442 -4.87 10.82 1.29
CA ASN A 442 -4.42 10.67 2.67
C ASN A 442 -5.23 11.68 3.48
N ILE A 443 -5.90 11.20 4.53
CA ILE A 443 -6.72 12.07 5.34
C ILE A 443 -5.92 13.23 5.93
N ASN A 444 -4.62 13.02 6.21
CA ASN A 444 -3.80 14.09 6.78
C ASN A 444 -3.83 15.35 5.94
N ASN A 445 -4.14 15.17 4.66
CA ASN A 445 -4.22 16.29 3.75
C ASN A 445 -5.41 17.18 4.10
N LEU A 446 -6.44 16.62 4.71
CA LEU A 446 -7.63 17.40 5.07
C LEU A 446 -7.61 17.82 6.53
N THR A 447 -7.34 16.87 7.41
CA THR A 447 -7.28 17.18 8.83
C THR A 447 -6.31 16.27 9.54
N ALA A 448 -5.06 16.74 9.63
CA ALA A 448 -3.98 16.02 10.29
C ALA A 448 -4.35 15.70 11.73
N THR A 449 -5.09 16.58 12.38
CA THR A 449 -5.46 16.34 13.76
C THR A 449 -6.39 15.12 13.89
N LEU A 450 -7.34 14.93 12.98
CA LEU A 450 -8.18 13.73 13.04
C LEU A 450 -7.40 12.55 12.45
N GLY A 451 -6.53 12.84 11.49
CA GLY A 451 -5.75 11.79 10.87
C GLY A 451 -4.93 11.02 11.87
N ALA A 452 -4.70 11.63 13.02
CA ALA A 452 -3.90 11.01 14.06
C ALA A 452 -4.54 9.76 14.63
N ASP A 453 -5.86 9.69 14.59
CA ASP A 453 -6.57 8.55 15.15
C ASP A 453 -7.63 7.97 14.22
N LEU A 454 -7.37 7.99 12.92
CA LEU A 454 -8.33 7.44 11.97
C LEU A 454 -8.24 5.90 11.94
N VAL A 455 -7.02 5.39 11.88
CA VAL A 455 -6.79 3.96 11.84
C VAL A 455 -6.80 3.42 13.27
N ASP A 456 -7.46 2.28 13.46
CA ASP A 456 -7.55 1.65 14.77
C ASP A 456 -6.17 1.23 15.30
N SER A 457 -5.81 1.72 16.49
CA SER A 457 -4.51 1.43 17.12
C SER A 457 -4.20 -0.05 17.28
N THR A 458 -5.25 -0.84 17.46
CA THR A 458 -5.08 -2.27 17.63
C THR A 458 -5.00 -2.98 16.29
N ASP A 459 -6.08 -2.92 15.52
CA ASP A 459 -6.15 -3.55 14.18
C ASP A 459 -6.01 -2.48 13.09
N ASN A 460 -4.84 -2.44 12.44
CA ASN A 460 -4.60 -1.44 11.40
C ASN A 460 -5.52 -1.55 10.19
N THR A 461 -6.33 -2.61 10.15
CA THR A 461 -7.25 -2.82 9.04
C THR A 461 -8.59 -2.14 9.28
N LYS A 462 -8.86 -1.75 10.52
CA LYS A 462 -10.12 -1.11 10.86
C LYS A 462 -9.99 0.40 11.05
N ILE A 463 -11.09 1.11 10.81
CA ILE A 463 -11.14 2.55 10.97
C ILE A 463 -11.99 2.88 12.19
N ASN A 464 -11.49 3.78 13.02
CA ASN A 464 -12.18 4.17 14.23
C ASN A 464 -13.50 4.90 13.97
N ARG A 465 -14.61 4.30 14.39
CA ARG A 465 -15.93 4.89 14.18
C ARG A 465 -16.03 6.26 14.85
N GLY A 466 -15.32 6.40 15.96
CA GLY A 466 -15.34 7.67 16.67
C GLY A 466 -14.85 8.81 15.79
N ILE A 467 -13.65 8.67 15.24
CA ILE A 467 -13.09 9.69 14.37
C ILE A 467 -13.89 9.79 13.08
N PHE A 468 -14.36 8.67 12.56
CA PHE A 468 -15.15 8.68 11.33
C PHE A 468 -16.33 9.65 11.41
N ASN A 469 -17.16 9.50 12.44
CA ASN A 469 -18.33 10.36 12.58
C ASN A 469 -17.93 11.80 12.68
N GLU A 470 -16.84 12.04 13.39
CA GLU A 470 -16.36 13.40 13.57
C GLU A 470 -15.92 13.97 12.23
N PHE A 471 -15.09 13.20 11.53
CA PHE A 471 -14.59 13.62 10.23
C PHE A 471 -15.73 13.95 9.30
N LYS A 472 -16.75 13.09 9.32
CA LYS A 472 -17.94 13.22 8.48
C LYS A 472 -18.84 14.42 8.81
N LYS A 473 -18.92 14.72 10.10
CA LYS A 473 -19.76 15.79 10.64
C LYS A 473 -20.15 16.94 9.69
N ASN A 474 -19.24 17.86 9.44
CA ASN A 474 -19.55 19.01 8.59
C ASN A 474 -18.92 18.98 7.21
N PHE A 475 -18.73 17.79 6.66
CA PHE A 475 -18.15 17.67 5.35
C PHE A 475 -19.23 17.76 4.28
N LYS A 476 -19.57 18.99 3.88
CA LYS A 476 -20.58 19.22 2.87
C LYS A 476 -20.01 19.59 1.49
N TYR A 477 -19.00 20.45 1.45
CA TYR A 477 -18.40 20.80 0.17
C TYR A 477 -16.88 20.79 0.24
N SER A 478 -16.25 20.81 -0.92
CA SER A 478 -14.80 20.75 -1.08
C SER A 478 -14.40 21.56 -2.30
N ILE A 479 -13.13 21.98 -2.35
CA ILE A 479 -12.61 22.76 -3.47
C ILE A 479 -11.26 22.24 -3.91
N SER A 480 -10.95 22.37 -5.19
CA SER A 480 -9.67 21.94 -5.69
C SER A 480 -8.96 23.13 -6.34
N SER A 481 -7.84 23.55 -5.74
CA SER A 481 -7.09 24.69 -6.24
C SER A 481 -5.89 24.28 -7.05
N ASN A 482 -5.61 22.99 -7.07
CA ASN A 482 -4.49 22.49 -7.86
C ASN A 482 -5.05 21.48 -8.85
N TYR A 483 -4.17 20.76 -9.55
CA TYR A 483 -4.60 19.79 -10.53
C TYR A 483 -4.79 18.38 -9.97
N MET A 484 -6.04 17.96 -9.83
CA MET A 484 -6.38 16.62 -9.34
C MET A 484 -5.97 15.58 -10.36
N ILE A 485 -5.36 14.50 -9.90
CA ILE A 485 -4.96 13.43 -10.80
C ILE A 485 -5.75 12.18 -10.41
N VAL A 486 -6.76 11.88 -11.19
CA VAL A 486 -7.62 10.76 -10.89
C VAL A 486 -7.50 9.58 -11.83
N ASP A 487 -8.05 8.46 -11.42
CA ASP A 487 -8.02 7.25 -12.22
C ASP A 487 -9.34 6.99 -12.93
N ILE A 488 -9.26 6.44 -14.13
CA ILE A 488 -10.45 6.16 -14.90
C ILE A 488 -11.27 5.10 -14.18
N ASN A 489 -10.63 4.00 -13.83
CA ASN A 489 -11.26 2.91 -13.06
C ASN A 489 -10.56 2.88 -11.70
N GLU A 490 -11.31 2.64 -10.63
CA GLU A 490 -10.72 2.65 -9.29
C GLU A 490 -9.52 1.74 -9.14
N ARG A 491 -8.53 2.18 -8.36
CA ARG A 491 -7.31 1.41 -8.14
C ARG A 491 -6.89 1.32 -6.66
N PRO A 492 -6.12 0.30 -6.30
CA PRO A 492 -5.66 0.13 -4.92
C PRO A 492 -4.86 1.30 -4.39
N ALA A 493 -5.05 1.59 -3.11
CA ALA A 493 -4.38 2.72 -2.46
C ALA A 493 -3.06 2.36 -1.77
N LEU A 494 -2.39 3.40 -1.30
CA LEU A 494 -1.12 3.31 -0.58
C LEU A 494 -1.51 3.20 0.89
N ASP A 495 -0.67 2.60 1.72
CA ASP A 495 -1.01 2.44 3.12
C ASP A 495 -1.59 3.68 3.80
N ASN A 496 -0.97 4.84 3.60
CA ASN A 496 -1.46 6.07 4.23
C ASN A 496 -2.68 6.72 3.56
N GLU A 497 -3.23 6.07 2.54
CA GLU A 497 -4.41 6.59 1.85
C GLU A 497 -5.64 5.78 2.24
N ARG A 498 -6.39 6.26 3.21
CA ARG A 498 -7.57 5.53 3.64
C ARG A 498 -8.84 6.22 3.19
N LEU A 499 -8.70 7.11 2.22
CA LEU A 499 -9.83 7.85 1.67
C LEU A 499 -9.95 7.47 0.20
N LYS A 500 -11.13 7.00 -0.21
CA LYS A 500 -11.33 6.62 -1.61
C LYS A 500 -12.46 7.42 -2.21
N TRP A 501 -12.10 8.44 -2.98
CA TRP A 501 -13.10 9.29 -3.61
C TRP A 501 -13.64 8.67 -4.88
N ARG A 502 -14.92 8.92 -5.10
CA ARG A 502 -15.60 8.54 -6.28
C ARG A 502 -16.23 9.84 -6.73
N ILE A 503 -15.69 10.43 -7.79
CA ILE A 503 -16.15 11.73 -8.25
C ILE A 503 -16.91 11.72 -9.56
N GLN A 504 -18.06 12.40 -9.57
CA GLN A 504 -18.87 12.49 -10.77
C GLN A 504 -18.57 13.77 -11.57
N LEU A 505 -17.68 13.64 -12.55
CA LEU A 505 -17.27 14.76 -13.39
C LEU A 505 -18.45 15.41 -14.10
N SER A 506 -18.35 16.70 -14.36
CA SER A 506 -19.39 17.39 -15.08
C SER A 506 -19.01 17.30 -16.56
N PRO A 507 -20.00 17.40 -17.47
CA PRO A 507 -19.58 17.32 -18.88
C PRO A 507 -18.69 18.53 -19.21
N ASP A 508 -18.90 19.61 -18.47
CA ASP A 508 -18.15 20.86 -18.62
C ASP A 508 -16.68 20.79 -18.19
N THR A 509 -16.39 19.95 -17.20
CA THR A 509 -15.05 19.80 -16.67
C THR A 509 -13.95 19.51 -17.68
N ARG A 510 -12.94 20.39 -17.72
CA ARG A 510 -11.83 20.19 -18.64
C ARG A 510 -10.80 19.25 -18.01
N ALA A 511 -10.06 18.53 -18.84
CA ALA A 511 -9.08 17.59 -18.34
C ALA A 511 -8.10 17.20 -19.41
N GLY A 512 -7.07 16.48 -18.98
CA GLY A 512 -6.04 16.00 -19.88
C GLY A 512 -5.92 14.49 -19.73
N TYR A 513 -5.64 13.79 -20.82
CA TYR A 513 -5.52 12.34 -20.77
C TYR A 513 -4.09 11.88 -20.66
N LEU A 514 -3.87 10.89 -19.81
CA LEU A 514 -2.54 10.30 -19.59
C LEU A 514 -2.58 8.86 -20.06
N GLU A 515 -1.45 8.35 -20.58
CA GLU A 515 -1.42 6.99 -21.09
C GLU A 515 -1.75 5.90 -20.07
N ASN A 516 -1.29 6.05 -18.83
CA ASN A 516 -1.54 5.04 -17.81
C ASN A 516 -2.95 4.93 -17.25
N GLY A 517 -3.93 5.50 -17.94
CA GLY A 517 -5.30 5.39 -17.47
C GLY A 517 -5.76 6.37 -16.42
N LYS A 518 -5.09 7.53 -16.36
CA LYS A 518 -5.43 8.59 -15.41
C LYS A 518 -5.76 9.87 -16.17
N LEU A 519 -6.48 10.77 -15.52
CA LEU A 519 -6.82 12.08 -16.10
C LEU A 519 -6.31 13.20 -15.17
N ILE A 520 -5.75 14.25 -15.75
CA ILE A 520 -5.31 15.39 -14.95
C ILE A 520 -6.39 16.44 -15.16
N LEU A 521 -7.06 16.81 -14.06
CA LEU A 521 -8.13 17.81 -14.10
C LEU A 521 -7.63 19.24 -13.96
N GLN A 522 -8.45 20.17 -14.46
CA GLN A 522 -8.17 21.59 -14.40
C GLN A 522 -8.33 22.10 -12.98
N ARG A 523 -7.54 23.10 -12.60
CA ARG A 523 -7.61 23.67 -11.26
C ARG A 523 -8.92 24.42 -11.06
N ASN A 524 -9.23 24.74 -9.81
CA ASN A 524 -10.45 25.48 -9.46
C ASN A 524 -11.73 24.77 -9.82
N ILE A 525 -11.93 23.59 -9.24
CA ILE A 525 -13.11 22.77 -9.46
C ILE A 525 -13.97 22.92 -8.22
N GLY A 526 -15.27 22.64 -8.35
CA GLY A 526 -16.16 22.74 -7.21
C GLY A 526 -16.67 21.34 -6.91
N LEU A 527 -16.75 20.98 -5.63
CA LEU A 527 -17.22 19.64 -5.28
C LEU A 527 -18.23 19.61 -4.17
N GLU A 528 -19.38 18.99 -4.43
CA GLU A 528 -20.41 18.85 -3.41
C GLU A 528 -20.32 17.43 -2.88
N ILE A 529 -20.17 17.28 -1.56
CA ILE A 529 -20.09 15.95 -0.99
C ILE A 529 -21.49 15.38 -0.93
N LYS A 530 -21.69 14.20 -1.50
CA LYS A 530 -23.01 13.54 -1.53
C LYS A 530 -23.19 12.38 -0.55
N ASP A 531 -22.10 11.72 -0.16
CA ASP A 531 -22.22 10.59 0.75
C ASP A 531 -20.85 10.23 1.33
N VAL A 532 -20.82 9.87 2.61
CA VAL A 532 -19.57 9.48 3.26
C VAL A 532 -19.85 8.25 4.09
N GLN A 533 -19.21 7.13 3.74
CA GLN A 533 -19.43 5.89 4.45
C GLN A 533 -18.20 4.98 4.53
N ILE A 534 -18.19 4.10 5.52
CA ILE A 534 -17.10 3.15 5.73
C ILE A 534 -17.32 1.93 4.84
N ILE A 535 -16.33 1.58 4.03
CA ILE A 535 -16.46 0.44 3.15
C ILE A 535 -15.26 -0.47 3.36
N LYS A 536 -15.40 -1.73 2.96
CA LYS A 536 -14.32 -2.70 3.09
C LYS A 536 -13.89 -3.06 1.68
N GLN A 537 -12.60 -3.09 1.45
CA GLN A 537 -12.09 -3.42 0.13
C GLN A 537 -10.77 -4.13 0.28
N SER A 538 -10.57 -5.16 -0.53
CA SER A 538 -9.33 -5.93 -0.50
C SER A 538 -8.82 -6.22 0.91
N GLU A 539 -9.71 -6.64 1.81
CA GLU A 539 -9.33 -6.99 3.18
C GLU A 539 -9.03 -5.82 4.10
N LYS A 540 -9.49 -4.63 3.78
CA LYS A 540 -9.19 -3.48 4.63
C LYS A 540 -10.33 -2.47 4.61
N GLU A 541 -10.38 -1.58 5.61
CA GLU A 541 -11.44 -0.58 5.64
C GLU A 541 -11.00 0.82 5.18
N TYR A 542 -11.85 1.45 4.35
CA TYR A 542 -11.60 2.80 3.83
C TYR A 542 -12.83 3.66 3.96
N ILE A 543 -12.62 4.97 3.80
CA ILE A 543 -13.71 5.93 3.82
C ILE A 543 -13.99 6.32 2.37
N ARG A 544 -15.15 5.90 1.88
CA ARG A 544 -15.60 6.19 0.53
C ARG A 544 -16.29 7.53 0.54
N ILE A 545 -15.88 8.41 -0.35
CA ILE A 545 -16.52 9.71 -0.43
C ILE A 545 -17.13 9.87 -1.81
N ASP A 546 -18.45 9.99 -1.87
CA ASP A 546 -19.13 10.17 -3.13
C ASP A 546 -19.34 11.67 -3.34
N ALA A 547 -18.72 12.21 -4.40
CA ALA A 547 -18.78 13.64 -4.69
C ALA A 547 -19.15 14.01 -6.12
N LYS A 548 -19.85 15.12 -6.26
CA LYS A 548 -20.25 15.61 -7.58
C LYS A 548 -19.63 16.97 -7.94
N VAL A 549 -19.03 17.04 -9.13
CA VAL A 549 -18.41 18.29 -9.57
C VAL A 549 -19.46 19.32 -9.93
N VAL A 550 -19.20 20.56 -9.50
CA VAL A 550 -20.10 21.68 -9.76
C VAL A 550 -19.22 22.90 -10.01
N PRO A 551 -19.83 24.03 -10.41
CA PRO A 551 -19.04 25.24 -10.66
C PRO A 551 -18.43 25.80 -9.38
N LYS A 552 -17.13 26.07 -9.40
CA LYS A 552 -16.50 26.61 -8.20
C LYS A 552 -17.20 27.86 -7.65
N SER A 553 -17.77 28.67 -8.54
CA SER A 553 -18.46 29.87 -8.09
C SER A 553 -19.60 29.51 -7.14
N LYS A 554 -20.20 28.34 -7.34
CA LYS A 554 -21.30 27.93 -6.48
C LYS A 554 -20.81 27.70 -5.04
N ILE A 555 -19.64 27.08 -4.90
CA ILE A 555 -19.10 26.82 -3.57
C ILE A 555 -18.59 28.11 -2.92
N ASP A 556 -17.92 28.96 -3.70
CA ASP A 556 -17.41 30.21 -3.18
C ASP A 556 -18.57 31.03 -2.60
N THR A 557 -19.68 31.07 -3.33
CA THR A 557 -20.87 31.80 -2.89
C THR A 557 -21.31 31.34 -1.51
N LYS A 558 -21.34 30.03 -1.27
CA LYS A 558 -21.73 29.50 0.04
C LYS A 558 -20.81 30.04 1.14
N ILE A 559 -19.51 29.95 0.90
CA ILE A 559 -18.51 30.45 1.85
C ILE A 559 -18.73 31.93 2.13
N GLN A 560 -18.89 32.73 1.07
CA GLN A 560 -19.11 34.17 1.20
C GLN A 560 -20.33 34.48 2.04
N GLU A 561 -21.43 33.75 1.79
CA GLU A 561 -22.65 33.96 2.55
C GLU A 561 -22.45 33.51 3.98
N ALA A 562 -21.51 32.58 4.18
CA ALA A 562 -21.23 32.11 5.53
C ALA A 562 -20.53 33.27 6.24
N GLN A 563 -19.47 33.79 5.64
CA GLN A 563 -18.72 34.91 6.23
C GLN A 563 -19.67 36.04 6.64
N LEU A 564 -20.66 36.31 5.79
CA LEU A 564 -21.63 37.36 6.08
C LEU A 564 -22.49 36.99 7.29
N ASN A 565 -22.97 35.75 7.30
CA ASN A 565 -23.79 35.27 8.39
C ASN A 565 -23.01 35.28 9.71
N ILE A 566 -21.85 34.62 9.73
CA ILE A 566 -21.02 34.54 10.93
C ILE A 566 -20.63 35.89 11.51
N ASN A 567 -20.42 36.89 10.66
CA ASN A 567 -20.06 38.21 11.15
C ASN A 567 -21.29 38.94 11.67
N GLN A 568 -22.43 38.78 11.02
CA GLN A 568 -23.65 39.41 11.49
C GLN A 568 -23.86 38.97 12.93
N GLU A 569 -23.92 37.66 13.11
CA GLU A 569 -24.12 37.04 14.41
C GLU A 569 -23.16 37.49 15.51
N TRP A 570 -21.86 37.45 15.24
CA TRP A 570 -20.86 37.84 16.23
C TRP A 570 -20.68 39.34 16.43
N ASN A 571 -21.17 40.14 15.51
CA ASN A 571 -21.05 41.58 15.67
C ASN A 571 -22.13 42.01 16.66
N LYS A 572 -23.15 41.19 16.78
CA LYS A 572 -24.26 41.45 17.68
C LYS A 572 -23.87 41.00 19.10
N ALA A 573 -23.24 39.84 19.19
CA ALA A 573 -22.82 39.29 20.46
C ALA A 573 -21.68 40.07 21.11
N LEU A 574 -20.92 40.82 20.31
CA LEU A 574 -19.81 41.60 20.84
C LEU A 574 -20.12 43.09 20.87
N GLY A 575 -21.26 43.46 20.29
CA GLY A 575 -21.66 44.86 20.27
C GLY A 575 -20.80 45.70 19.35
N LEU A 576 -20.35 45.10 18.25
CA LEU A 576 -19.53 45.79 17.27
C LEU A 576 -20.48 46.44 16.27
N PRO A 577 -20.00 47.44 15.52
CA PRO A 577 -20.91 48.06 14.56
C PRO A 577 -21.45 46.99 13.61
N LYS A 578 -22.69 47.16 13.20
CA LYS A 578 -23.39 46.23 12.32
C LYS A 578 -22.61 45.59 11.16
N TYR A 579 -21.97 46.41 10.36
CA TYR A 579 -21.23 45.92 9.21
C TYR A 579 -19.72 45.85 9.31
N THR A 580 -19.15 45.41 10.43
CA THR A 580 -17.69 45.34 10.47
C THR A 580 -17.19 43.99 10.01
N LYS A 581 -16.08 44.01 9.26
CA LYS A 581 -15.46 42.79 8.75
C LYS A 581 -14.51 42.26 9.84
N LEU A 582 -15.03 41.44 10.75
CA LEU A 582 -14.22 40.89 11.82
C LEU A 582 -13.63 39.55 11.38
N ILE A 583 -14.53 38.57 11.21
CA ILE A 583 -14.18 37.20 10.83
C ILE A 583 -14.06 37.03 9.32
N THR A 584 -13.05 36.28 8.87
CA THR A 584 -12.86 36.08 7.43
C THR A 584 -12.48 34.66 7.01
N PHE A 585 -13.14 34.17 5.97
CA PHE A 585 -12.92 32.82 5.45
C PHE A 585 -12.03 32.82 4.22
N ASN A 586 -10.81 32.32 4.37
CA ASN A 586 -9.84 32.23 3.28
C ASN A 586 -9.76 30.73 2.91
N VAL A 587 -10.86 30.20 2.37
CA VAL A 587 -10.97 28.78 2.05
C VAL A 587 -10.75 28.42 0.59
N HIS A 588 -9.85 27.48 0.34
CA HIS A 588 -9.52 27.08 -1.02
C HIS A 588 -9.25 25.59 -1.24
N ASN A 589 -9.35 24.76 -0.21
CA ASN A 589 -9.02 23.36 -0.40
C ASN A 589 -10.06 22.28 -0.11
N ARG A 590 -9.68 21.03 -0.41
CA ARG A 590 -10.57 19.88 -0.31
C ARG A 590 -11.43 19.68 0.97
N TYR A 591 -11.10 20.28 2.09
CA TYR A 591 -11.95 20.10 3.29
C TYR A 591 -12.81 21.35 3.51
N ALA A 592 -12.81 22.22 2.51
CA ALA A 592 -13.46 23.51 2.47
C ALA A 592 -14.56 23.79 3.49
N SER A 593 -15.68 23.08 3.41
CA SER A 593 -16.81 23.31 4.32
C SER A 593 -16.46 23.20 5.80
N ASN A 594 -15.63 22.23 6.15
CA ASN A 594 -15.28 22.07 7.53
C ASN A 594 -14.59 23.31 8.10
N ILE A 595 -13.75 23.97 7.31
CA ILE A 595 -13.07 25.19 7.78
C ILE A 595 -14.09 26.22 8.25
N VAL A 596 -15.18 26.34 7.50
CA VAL A 596 -16.26 27.27 7.80
C VAL A 596 -17.10 26.85 9.03
N GLU A 597 -17.69 25.66 8.97
CA GLU A 597 -18.51 25.19 10.08
C GLU A 597 -17.71 25.06 11.37
N SER A 598 -16.39 24.95 11.25
CA SER A 598 -15.53 24.83 12.41
C SER A 598 -15.33 26.15 13.14
N ALA A 599 -15.24 27.25 12.39
CA ALA A 599 -15.05 28.57 12.98
C ALA A 599 -16.13 28.88 13.99
N TYR A 600 -17.39 28.63 13.62
CA TYR A 600 -18.51 28.86 14.53
C TYR A 600 -18.25 28.21 15.89
N LEU A 601 -17.93 26.92 15.84
CA LEU A 601 -17.65 26.13 17.04
C LEU A 601 -16.44 26.66 17.82
N ILE A 602 -15.37 27.01 17.13
CA ILE A 602 -14.20 27.53 17.81
C ILE A 602 -14.57 28.82 18.57
N LEU A 603 -15.27 29.73 17.90
CA LEU A 603 -15.66 30.99 18.54
C LEU A 603 -16.62 30.79 19.72
N ASN A 604 -17.38 29.70 19.72
CA ASN A 604 -18.29 29.44 20.83
C ASN A 604 -17.47 29.07 22.05
N GLU A 605 -16.51 28.17 21.86
CA GLU A 605 -15.64 27.76 22.96
C GLU A 605 -14.84 28.96 23.44
N TRP A 606 -14.64 29.95 22.56
CA TRP A 606 -13.87 31.15 22.88
C TRP A 606 -14.64 32.14 23.76
N LYS A 607 -15.97 32.11 23.68
CA LYS A 607 -16.78 33.04 24.49
C LYS A 607 -17.22 32.41 25.79
N ASN A 608 -17.39 31.10 25.80
CA ASN A 608 -17.83 30.40 27.00
C ASN A 608 -16.70 30.08 27.96
N ASN A 609 -15.48 30.49 27.62
CA ASN A 609 -14.33 30.19 28.46
C ASN A 609 -13.57 31.42 28.92
N ILE A 610 -13.94 32.57 28.36
CA ILE A 610 -13.28 33.81 28.71
C ILE A 610 -14.31 34.88 29.09
N GLN A 611 -13.91 35.75 30.01
CA GLN A 611 -14.80 36.81 30.48
C GLN A 611 -15.21 37.74 29.35
N SER A 612 -16.53 37.83 29.13
CA SER A 612 -17.10 38.68 28.09
C SER A 612 -16.57 40.09 28.03
N ASP A 613 -16.28 40.66 29.20
CA ASP A 613 -15.76 42.02 29.24
C ASP A 613 -14.32 42.07 28.74
N LEU A 614 -13.59 40.97 28.87
CA LEU A 614 -12.21 40.89 28.40
C LEU A 614 -12.19 40.76 26.89
N ILE A 615 -13.05 39.90 26.38
CA ILE A 615 -13.18 39.68 24.95
C ILE A 615 -13.44 41.02 24.28
N LYS A 616 -14.57 41.61 24.63
CA LYS A 616 -14.99 42.88 24.07
C LYS A 616 -13.92 43.96 24.04
N LYS A 617 -13.25 44.18 25.16
CA LYS A 617 -12.21 45.20 25.20
C LYS A 617 -11.07 44.84 24.24
N VAL A 618 -10.69 43.57 24.25
CA VAL A 618 -9.61 43.13 23.38
C VAL A 618 -9.98 43.11 21.90
N THR A 619 -11.18 42.65 21.55
CA THR A 619 -11.53 42.62 20.14
C THR A 619 -11.83 44.02 19.61
N ASN A 620 -12.27 44.93 20.48
CA ASN A 620 -12.54 46.31 20.04
C ASN A 620 -11.18 46.90 19.66
N TYR A 621 -10.17 46.54 20.45
CA TYR A 621 -8.81 47.00 20.20
C TYR A 621 -8.38 46.49 18.83
N LEU A 622 -8.58 45.19 18.62
CA LEU A 622 -8.22 44.55 17.36
C LEU A 622 -8.92 45.21 16.19
N VAL A 623 -10.24 45.31 16.27
CA VAL A 623 -11.03 45.95 15.21
C VAL A 623 -10.53 47.35 14.94
N ASP A 624 -10.12 48.06 15.99
CA ASP A 624 -9.62 49.43 15.83
C ASP A 624 -8.40 49.52 14.91
N GLY A 625 -7.60 48.46 14.88
CA GLY A 625 -6.42 48.45 14.03
C GLY A 625 -6.62 47.58 12.81
N ASN A 626 -7.90 47.43 12.41
CA ASN A 626 -8.29 46.63 11.26
C ASN A 626 -8.02 45.14 11.39
N GLY A 627 -7.92 44.67 12.63
CA GLY A 627 -7.65 43.28 12.89
C GLY A 627 -8.64 42.32 12.25
N ARG A 628 -8.24 41.06 12.17
CA ARG A 628 -9.05 40.00 11.57
C ARG A 628 -8.89 38.64 12.21
N PHE A 629 -9.98 37.88 12.24
CA PHE A 629 -9.97 36.50 12.75
C PHE A 629 -9.99 35.69 11.44
N VAL A 630 -8.84 35.21 11.01
CA VAL A 630 -8.77 34.47 9.76
C VAL A 630 -8.68 32.95 9.91
N PHE A 631 -9.70 32.26 9.41
CA PHE A 631 -9.73 30.81 9.43
C PHE A 631 -9.40 30.41 7.99
N THR A 632 -8.37 29.59 7.81
CA THR A 632 -7.95 29.24 6.45
C THR A 632 -7.39 27.84 6.33
N ASP A 633 -7.22 27.40 5.08
CA ASP A 633 -6.64 26.12 4.78
C ASP A 633 -5.41 26.32 3.90
N ILE A 634 -5.04 27.58 3.63
CA ILE A 634 -3.81 27.82 2.86
C ILE A 634 -2.77 28.09 3.93
N THR A 635 -1.50 27.75 3.70
CA THR A 635 -0.45 27.95 4.70
C THR A 635 -0.30 29.43 5.07
N LEU A 636 -0.22 29.68 6.37
CA LEU A 636 -0.12 31.02 6.93
C LEU A 636 0.75 32.07 6.23
N PRO A 637 1.94 31.69 5.74
CA PRO A 637 2.75 32.71 5.07
C PRO A 637 2.15 33.18 3.74
N ASN A 638 0.88 32.85 3.48
CA ASN A 638 0.21 33.27 2.25
C ASN A 638 -1.04 34.09 2.59
N ILE A 639 -1.27 34.28 3.89
CA ILE A 639 -2.36 35.12 4.33
C ILE A 639 -1.64 36.48 4.36
N ALA A 640 -2.24 37.51 3.76
CA ALA A 640 -1.59 38.82 3.75
C ALA A 640 -1.38 39.41 5.14
N GLU A 641 -2.36 39.23 6.03
CA GLU A 641 -2.23 39.76 7.38
C GLU A 641 -0.87 39.49 8.00
N GLN A 642 -0.08 38.63 7.38
CA GLN A 642 1.26 38.36 7.88
C GLN A 642 2.35 38.79 6.94
N TYR A 643 2.17 38.56 5.64
CA TYR A 643 3.25 38.89 4.73
C TYR A 643 3.43 40.34 4.32
N THR A 644 2.38 41.14 4.38
CA THR A 644 2.51 42.54 4.00
C THR A 644 3.14 43.31 5.14
N HIS A 645 3.52 42.60 6.19
CA HIS A 645 4.15 43.19 7.36
C HIS A 645 5.45 42.45 7.68
N GLN A 646 6.09 41.90 6.67
CA GLN A 646 7.35 41.19 6.89
C GLN A 646 8.51 42.00 6.37
N ASP A 647 9.65 41.88 7.01
CA ASP A 647 10.84 42.59 6.57
C ASP A 647 11.35 41.78 5.38
N GLU A 648 11.80 40.56 5.67
CA GLU A 648 12.31 39.67 4.62
C GLU A 648 11.32 38.53 4.46
N ILE A 649 11.39 37.84 3.32
CA ILE A 649 10.49 36.73 3.06
C ILE A 649 10.80 35.56 3.99
N TYR A 650 12.08 35.24 4.16
CA TYR A 650 12.45 34.13 5.02
C TYR A 650 12.02 34.31 6.48
N GLU A 651 11.55 35.50 6.81
CA GLU A 651 11.06 35.80 8.15
C GLU A 651 9.58 35.41 8.26
N GLN A 652 9.16 34.48 7.42
CA GLN A 652 7.78 34.02 7.41
C GLN A 652 7.57 32.91 8.42
N VAL A 653 6.34 32.75 8.85
CA VAL A 653 6.03 31.72 9.82
C VAL A 653 4.79 30.94 9.39
N HIS A 654 4.88 29.62 9.51
CA HIS A 654 3.74 28.79 9.20
C HIS A 654 3.53 27.83 10.37
N SER A 655 2.29 27.76 10.86
CA SER A 655 2.02 26.87 11.96
C SER A 655 0.52 26.80 12.19
N LYS A 656 0.11 26.11 13.23
CA LYS A 656 -1.30 25.96 13.53
C LYS A 656 -2.00 27.32 13.70
N GLY A 657 -1.34 28.22 14.39
CA GLY A 657 -1.92 29.52 14.62
C GLY A 657 -0.81 30.55 14.66
N LEU A 658 -1.19 31.82 14.72
CA LEU A 658 -0.23 32.90 14.76
C LEU A 658 -0.95 34.18 15.00
N TYR A 659 -0.31 35.07 15.74
CA TYR A 659 -0.87 36.40 16.02
C TYR A 659 0.11 37.41 15.43
N VAL A 660 -0.42 38.36 14.69
CA VAL A 660 0.40 39.37 14.06
C VAL A 660 0.05 40.73 14.63
N PRO A 661 0.94 41.26 15.49
CA PRO A 661 0.75 42.56 16.14
C PRO A 661 0.61 43.71 15.13
N GLU A 662 1.46 43.73 14.11
CA GLU A 662 1.39 44.77 13.10
C GLU A 662 0.06 44.86 12.39
N SER A 663 -0.74 43.80 12.39
CA SER A 663 -2.04 43.83 11.71
C SER A 663 -3.18 43.57 12.67
N ARG A 664 -2.83 43.17 13.89
CA ARG A 664 -3.82 42.87 14.93
C ARG A 664 -4.78 41.79 14.50
N SER A 665 -4.27 40.77 13.82
CA SER A 665 -5.13 39.70 13.38
C SER A 665 -4.65 38.36 13.94
N ILE A 666 -5.57 37.42 14.06
CA ILE A 666 -5.25 36.08 14.55
C ILE A 666 -5.43 35.13 13.34
N LEU A 667 -4.42 34.31 13.08
CA LEU A 667 -4.48 33.37 11.95
C LEU A 667 -4.56 31.95 12.47
N LEU A 668 -5.49 31.17 11.94
CA LEU A 668 -5.65 29.76 12.34
C LEU A 668 -5.70 28.84 11.12
N HIS A 669 -4.65 28.06 10.89
CA HIS A 669 -4.58 27.12 9.76
C HIS A 669 -5.27 25.84 10.15
N GLY A 670 -6.32 25.48 9.41
CA GLY A 670 -7.07 24.28 9.74
C GLY A 670 -6.39 22.93 9.61
N PRO A 671 -5.98 22.53 8.39
CA PRO A 671 -5.34 21.25 8.15
C PRO A 671 -4.33 20.70 9.14
N SER A 672 -3.45 21.53 9.69
CA SER A 672 -2.43 21.00 10.59
C SER A 672 -2.85 20.57 12.00
N LYS A 673 -1.86 20.08 12.74
CA LYS A 673 -2.06 19.64 14.11
C LYS A 673 -1.12 20.39 15.05
N GLY A 674 -1.70 21.21 15.93
CA GLY A 674 -0.90 21.96 16.88
C GLY A 674 -0.20 20.98 17.80
N VAL A 675 1.13 20.94 17.72
CA VAL A 675 1.93 20.00 18.50
C VAL A 675 1.47 19.75 19.93
N GLU A 676 1.34 20.80 20.73
CA GLU A 676 0.92 20.64 22.10
C GLU A 676 -0.57 20.94 22.25
N LEU A 677 -1.18 21.38 21.16
CA LEU A 677 -2.60 21.74 21.14
C LEU A 677 -3.44 20.56 20.64
N ARG A 678 -4.37 20.12 21.46
CA ARG A 678 -5.22 18.99 21.12
C ARG A 678 -6.30 19.26 20.05
N ASN A 679 -6.73 20.51 19.90
CA ASN A 679 -7.74 20.86 18.90
C ASN A 679 -7.73 22.33 18.53
N ASP A 680 -8.48 22.67 17.48
CA ASP A 680 -8.56 24.04 16.98
C ASP A 680 -8.91 25.09 18.05
N SER A 681 -9.90 24.79 18.88
CA SER A 681 -10.27 25.75 19.91
C SER A 681 -9.04 26.17 20.67
N GLU A 682 -8.42 25.21 21.37
CA GLU A 682 -7.22 25.50 22.13
C GLU A 682 -6.28 26.43 21.36
N GLY A 683 -5.94 26.04 20.15
CA GLY A 683 -5.06 26.83 19.32
C GLY A 683 -5.47 28.27 19.22
N PHE A 684 -6.74 28.50 18.90
CA PHE A 684 -7.24 29.86 18.78
C PHE A 684 -7.04 30.62 20.07
N ILE A 685 -7.52 30.07 21.18
CA ILE A 685 -7.41 30.72 22.47
C ILE A 685 -5.95 31.04 22.81
N HIS A 686 -5.05 30.15 22.44
CA HIS A 686 -3.64 30.37 22.68
C HIS A 686 -3.20 31.66 21.99
N GLU A 687 -3.69 31.87 20.77
CA GLU A 687 -3.34 33.06 20.01
C GLU A 687 -4.06 34.26 20.55
N PHE A 688 -5.19 34.06 21.20
CA PHE A 688 -5.89 35.20 21.79
C PHE A 688 -5.07 35.66 23.00
N GLY A 689 -4.26 34.76 23.53
CA GLY A 689 -3.41 35.11 24.65
C GLY A 689 -2.44 36.18 24.20
N HIS A 690 -1.80 35.95 23.06
CA HIS A 690 -0.85 36.91 22.51
C HIS A 690 -1.55 38.25 22.27
N ALA A 691 -2.82 38.18 21.88
CA ALA A 691 -3.59 39.39 21.63
C ALA A 691 -3.78 40.15 22.93
N VAL A 692 -4.02 39.42 24.03
CA VAL A 692 -4.21 40.04 25.34
C VAL A 692 -2.87 40.62 25.79
N ASP A 693 -1.81 39.83 25.61
CA ASP A 693 -0.46 40.25 25.96
C ASP A 693 -0.19 41.61 25.28
N ASP A 694 -0.87 41.83 24.15
CA ASP A 694 -0.72 43.06 23.39
C ASP A 694 -1.50 44.22 24.01
N TYR A 695 -2.82 44.06 24.11
CA TYR A 695 -3.66 45.11 24.66
C TYR A 695 -3.27 45.50 26.07
N ALA A 696 -2.76 44.54 26.84
CA ALA A 696 -2.35 44.81 28.21
C ALA A 696 -1.11 45.69 28.19
N GLY A 697 -0.09 45.25 27.46
CA GLY A 697 1.14 46.03 27.38
C GLY A 697 0.91 47.38 26.71
N TYR A 698 -0.22 47.51 26.02
CA TYR A 698 -0.54 48.75 25.35
C TYR A 698 -1.15 49.72 26.35
N LEU A 699 -1.96 49.18 27.26
CA LEU A 699 -2.61 50.01 28.27
C LEU A 699 -1.67 50.49 29.38
N LEU A 700 -0.40 50.06 29.33
CA LEU A 700 0.58 50.49 30.33
C LEU A 700 1.02 51.90 30.00
N ASP A 701 1.19 52.19 28.71
CA ASP A 701 1.67 53.46 28.19
C ASP A 701 1.55 53.50 26.65
N LYS A 702 0.31 53.78 26.26
CA LYS A 702 -0.03 53.87 24.85
C LYS A 702 0.98 54.74 24.18
N ASN A 703 1.86 55.36 24.93
CA ASN A 703 2.81 56.26 24.26
C ASN A 703 4.01 55.48 23.72
N GLN A 704 3.84 54.19 23.95
CA GLN A 704 4.70 53.08 23.60
C GLN A 704 3.93 51.78 23.56
N SER A 705 3.59 51.30 22.36
CA SER A 705 2.86 50.05 22.25
C SER A 705 3.86 48.91 22.41
N ASP A 706 3.80 48.23 23.56
CA ASP A 706 4.69 47.12 23.81
C ASP A 706 4.00 45.99 24.55
N LEU A 707 4.69 44.87 24.70
CA LEU A 707 4.15 43.69 25.37
C LEU A 707 4.28 43.66 26.89
N VAL A 708 3.16 43.43 27.57
CA VAL A 708 3.13 43.36 29.02
C VAL A 708 3.78 42.05 29.44
N THR A 709 4.19 41.26 28.45
CA THR A 709 4.85 39.99 28.68
C THR A 709 6.35 40.23 28.65
N ASN A 710 6.70 41.44 28.21
CA ASN A 710 8.08 41.87 28.09
C ASN A 710 8.51 42.57 29.38
N SER A 711 7.52 42.90 30.22
CA SER A 711 7.77 43.59 31.48
C SER A 711 8.81 42.87 32.32
N LYS A 712 9.62 43.64 33.02
CA LYS A 712 10.67 43.11 33.88
C LYS A 712 10.06 42.17 34.92
N LYS A 713 8.95 42.60 35.49
CA LYS A 713 8.28 41.81 36.52
C LYS A 713 7.93 40.41 36.00
N PHE A 714 7.53 40.32 34.74
CA PHE A 714 7.16 39.03 34.17
C PHE A 714 8.35 38.18 33.71
N ILE A 715 9.45 38.85 33.32
CA ILE A 715 10.65 38.13 32.87
C ILE A 715 11.22 37.31 34.02
N ASP A 716 10.84 37.68 35.25
CA ASP A 716 11.30 36.97 36.42
C ASP A 716 10.34 35.82 36.75
N ILE A 717 9.05 36.07 36.62
CA ILE A 717 8.05 35.03 36.88
C ILE A 717 8.35 33.87 35.94
N PHE A 718 8.84 34.22 34.75
CA PHE A 718 9.19 33.24 33.73
C PHE A 718 10.52 32.59 34.09
N LYS A 719 11.39 33.38 34.73
CA LYS A 719 12.70 32.89 35.15
C LYS A 719 12.52 31.72 36.10
N GLU A 720 11.47 31.78 36.90
CA GLU A 720 11.19 30.73 37.89
C GLU A 720 10.13 29.71 37.48
N GLU A 721 8.93 30.18 37.15
CA GLU A 721 7.84 29.28 36.77
C GLU A 721 7.85 28.95 35.28
N GLY A 722 8.80 29.51 34.56
CA GLY A 722 8.89 29.30 33.12
C GLY A 722 9.03 27.87 32.61
N SER A 723 9.22 26.90 33.49
CA SER A 723 9.38 25.53 33.04
C SER A 723 8.43 24.55 33.72
N ASN A 724 7.36 25.07 34.33
CA ASN A 724 6.41 24.20 35.04
C ASN A 724 5.17 23.84 34.24
N LEU A 725 4.98 24.45 33.07
CA LEU A 725 3.80 24.16 32.26
C LEU A 725 4.09 23.29 31.04
N THR A 726 3.77 23.78 29.84
CA THR A 726 4.00 22.99 28.64
C THR A 726 5.39 23.21 28.07
N SER A 727 5.87 22.22 27.34
CA SER A 727 7.16 22.30 26.72
C SER A 727 7.14 23.53 25.83
N TYR A 728 6.16 23.57 24.93
CA TYR A 728 6.00 24.68 24.01
C TYR A 728 5.99 25.99 24.78
N GLY A 729 5.30 25.97 25.92
CA GLY A 729 5.22 27.17 26.74
C GLY A 729 6.58 27.66 27.20
N ARG A 730 7.54 26.75 27.28
CA ARG A 730 8.89 27.10 27.73
C ARG A 730 9.73 27.84 26.69
N THR A 731 9.28 27.84 25.44
CA THR A 731 10.00 28.51 24.36
C THR A 731 10.48 29.92 24.71
N ASN A 732 9.60 30.72 25.29
CA ASN A 732 9.93 32.09 25.69
C ASN A 732 8.77 32.69 26.47
N GLU A 733 8.97 33.90 26.99
CA GLU A 733 7.95 34.57 27.79
C GLU A 733 6.62 34.83 27.07
N ALA A 734 6.68 35.36 25.86
CA ALA A 734 5.46 35.64 25.12
C ALA A 734 4.63 34.38 24.94
N GLU A 735 5.31 33.28 24.64
CA GLU A 735 4.65 31.99 24.45
C GLU A 735 4.21 31.38 25.78
N PHE A 736 5.09 31.47 26.78
CA PHE A 736 4.79 30.94 28.09
C PHE A 736 3.52 31.59 28.62
N PHE A 737 3.40 32.91 28.41
CA PHE A 737 2.24 33.66 28.86
C PHE A 737 1.01 33.15 28.12
N ALA A 738 1.19 32.89 26.82
CA ALA A 738 0.12 32.42 25.97
C ALA A 738 -0.35 31.01 26.31
N GLU A 739 0.60 30.11 26.59
CA GLU A 739 0.23 28.75 26.96
C GLU A 739 -0.47 28.74 28.30
N ALA A 740 -0.01 29.60 29.20
CA ALA A 740 -0.59 29.72 30.52
C ALA A 740 -2.01 30.27 30.42
N PHE A 741 -2.16 31.41 29.74
CA PHE A 741 -3.47 32.01 29.56
C PHE A 741 -4.43 30.95 29.03
N ARG A 742 -3.90 30.13 28.13
CA ARG A 742 -4.66 29.06 27.51
C ARG A 742 -5.19 28.01 28.47
N LEU A 743 -4.31 27.43 29.27
CA LEU A 743 -4.74 26.41 30.20
C LEU A 743 -5.73 26.98 31.19
N MET A 744 -5.48 28.19 31.65
CA MET A 744 -6.37 28.83 32.61
C MET A 744 -7.80 28.91 32.10
N HIS A 745 -7.98 28.95 30.79
CA HIS A 745 -9.29 29.06 30.19
C HIS A 745 -9.75 27.82 29.44
N SER A 746 -9.12 26.68 29.74
CA SER A 746 -9.48 25.42 29.10
C SER A 746 -10.85 24.96 29.51
N THR A 747 -11.42 24.05 28.73
CA THR A 747 -12.73 23.49 29.03
C THR A 747 -12.51 22.43 30.09
N ASP A 748 -11.29 21.90 30.13
CA ASP A 748 -10.91 20.88 31.10
C ASP A 748 -10.52 21.59 32.38
N HIS A 749 -11.44 21.66 33.34
CA HIS A 749 -11.19 22.33 34.61
C HIS A 749 -9.94 21.84 35.31
N ALA A 750 -9.63 20.56 35.13
CA ALA A 750 -8.44 19.99 35.75
C ALA A 750 -7.25 20.79 35.25
N GLU A 751 -7.26 21.08 33.94
CA GLU A 751 -6.19 21.81 33.29
C GLU A 751 -6.01 23.22 33.86
N ARG A 752 -7.08 23.78 34.41
CA ARG A 752 -7.00 25.11 34.99
C ARG A 752 -6.19 25.02 36.28
N LEU A 753 -6.45 23.97 37.05
CA LEU A 753 -5.76 23.74 38.30
C LEU A 753 -4.25 23.69 38.15
N LYS A 754 -3.78 22.99 37.12
CA LYS A 754 -2.35 22.85 36.88
C LYS A 754 -1.57 24.16 36.87
N VAL A 755 -2.17 25.21 36.36
CA VAL A 755 -1.47 26.48 36.32
C VAL A 755 -1.47 27.09 37.70
N GLN A 756 -2.58 26.92 38.42
CA GLN A 756 -2.72 27.46 39.76
C GLN A 756 -1.88 26.77 40.84
N LYS A 757 -1.39 25.57 40.56
CA LYS A 757 -0.57 24.86 41.52
C LYS A 757 0.82 24.51 41.01
N ASN A 758 1.18 25.08 39.87
CA ASN A 758 2.49 24.86 39.27
C ASN A 758 3.04 26.17 38.72
N ALA A 759 2.18 27.18 38.64
CA ALA A 759 2.58 28.49 38.15
C ALA A 759 1.85 29.57 38.95
N PRO A 760 1.92 29.51 40.29
CA PRO A 760 1.27 30.47 41.17
C PRO A 760 1.44 31.93 40.78
N LYS A 761 2.69 32.40 40.77
CA LYS A 761 2.96 33.80 40.44
C LYS A 761 2.45 34.19 39.05
N THR A 762 2.23 33.18 38.20
CA THR A 762 1.73 33.43 36.85
C THR A 762 0.20 33.47 36.84
N PHE A 763 -0.43 32.50 37.50
CA PHE A 763 -1.89 32.46 37.56
C PHE A 763 -2.39 33.81 38.06
N GLN A 764 -1.65 34.40 39.01
CA GLN A 764 -2.01 35.68 39.56
C GLN A 764 -1.66 36.82 38.61
N PHE A 765 -0.52 36.70 37.92
CA PHE A 765 -0.12 37.74 36.98
C PHE A 765 -1.15 37.84 35.84
N ILE A 766 -1.51 36.70 35.25
CA ILE A 766 -2.49 36.69 34.18
C ILE A 766 -3.82 37.22 34.67
N ASN A 767 -4.13 37.00 35.94
CA ASN A 767 -5.38 37.49 36.51
C ASN A 767 -5.37 38.99 36.77
N ASP A 768 -4.18 39.54 37.01
CA ASP A 768 -4.07 40.98 37.24
C ASP A 768 -4.38 41.66 35.91
N GLN A 769 -3.66 41.25 34.86
CA GLN A 769 -3.86 41.78 33.52
C GLN A 769 -5.32 41.76 33.08
N ILE A 770 -6.00 40.66 33.39
CA ILE A 770 -7.41 40.51 33.02
C ILE A 770 -8.20 41.65 33.68
N LYS A 771 -8.15 41.69 35.01
CA LYS A 771 -8.87 42.70 35.77
C LYS A 771 -8.42 44.09 35.33
N PHE A 772 -7.13 44.23 35.02
CA PHE A 772 -6.61 45.50 34.56
C PHE A 772 -7.40 45.88 33.31
N ILE A 773 -7.19 45.14 32.23
CA ILE A 773 -7.87 45.38 30.97
C ILE A 773 -9.38 45.58 31.15
N ILE A 774 -10.01 44.69 31.91
CA ILE A 774 -11.46 44.76 32.15
C ILE A 774 -11.92 46.14 32.62
N ASN A 775 -11.25 46.67 33.65
CA ASN A 775 -11.61 47.98 34.20
C ASN A 775 -11.14 49.16 33.35
N SER A 776 -9.83 49.23 33.11
CA SER A 776 -9.26 50.33 32.32
C SER A 776 -9.76 50.37 30.86
N THR B 31 -6.86 -34.50 -25.77
CA THR B 31 -7.50 -33.40 -24.98
C THR B 31 -7.36 -32.06 -25.68
N GLN B 32 -6.36 -31.94 -26.55
CA GLN B 32 -6.15 -30.69 -27.28
C GLN B 32 -7.25 -30.50 -28.31
N GLU B 33 -7.18 -31.29 -29.39
CA GLU B 33 -8.16 -31.20 -30.46
C GLU B 33 -9.58 -31.18 -29.92
N GLU B 34 -9.76 -31.68 -28.69
CA GLU B 34 -11.07 -31.71 -28.06
C GLU B 34 -11.63 -30.30 -27.88
N HIS B 35 -10.95 -29.47 -27.09
CA HIS B 35 -11.42 -28.12 -26.88
C HIS B 35 -10.85 -27.14 -27.91
N LEU B 36 -9.77 -27.53 -28.58
CA LEU B 36 -9.18 -26.67 -29.59
C LEU B 36 -10.22 -26.49 -30.70
N LYS B 37 -11.16 -27.43 -30.76
CA LYS B 37 -12.23 -27.40 -31.76
C LYS B 37 -13.45 -26.67 -31.20
N GLU B 38 -13.49 -26.50 -29.88
CA GLU B 38 -14.58 -25.78 -29.21
C GLU B 38 -14.29 -24.28 -29.24
N ILE B 39 -13.05 -23.92 -28.89
CA ILE B 39 -12.64 -22.53 -28.92
C ILE B 39 -12.99 -22.04 -30.32
N MET B 40 -12.70 -22.89 -31.31
CA MET B 40 -12.98 -22.59 -32.71
C MET B 40 -14.47 -22.66 -33.00
N LYS B 41 -15.15 -23.64 -32.40
CA LYS B 41 -16.58 -23.81 -32.60
C LYS B 41 -17.34 -22.62 -32.03
N HIS B 42 -16.63 -21.76 -31.30
CA HIS B 42 -17.25 -20.59 -30.71
C HIS B 42 -16.72 -19.27 -31.26
N ILE B 43 -15.45 -19.23 -31.61
CA ILE B 43 -14.86 -18.00 -32.13
C ILE B 43 -14.69 -17.99 -33.65
N VAL B 44 -14.55 -19.18 -34.23
CA VAL B 44 -14.38 -19.31 -35.68
C VAL B 44 -15.74 -19.40 -36.37
N LYS B 45 -16.07 -18.37 -37.15
CA LYS B 45 -17.33 -18.35 -37.86
C LYS B 45 -17.14 -18.33 -39.38
N ILE B 46 -17.51 -19.44 -40.01
CA ILE B 46 -17.39 -19.62 -41.45
C ILE B 46 -18.56 -19.01 -42.22
N GLU B 47 -18.39 -17.80 -42.73
CA GLU B 47 -19.46 -17.15 -43.48
C GLU B 47 -19.07 -16.94 -44.94
N VAL B 48 -18.78 -18.04 -45.63
CA VAL B 48 -18.39 -18.01 -47.04
C VAL B 48 -19.59 -18.12 -47.98
N LYS B 49 -19.31 -18.19 -49.28
CA LYS B 49 -20.34 -18.32 -50.30
C LYS B 49 -20.30 -19.74 -50.87
N GLY B 50 -19.11 -20.16 -51.30
CA GLY B 50 -18.94 -21.49 -51.83
C GLY B 50 -19.29 -22.54 -50.80
N GLU B 51 -19.31 -23.81 -51.20
CA GLU B 51 -19.64 -24.91 -50.28
C GLU B 51 -18.54 -25.05 -49.24
N GLU B 52 -18.90 -24.81 -47.97
CA GLU B 52 -17.95 -24.90 -46.86
C GLU B 52 -17.53 -26.34 -46.59
N ALA B 53 -16.46 -26.77 -47.25
CA ALA B 53 -15.96 -28.12 -47.07
C ALA B 53 -14.49 -28.03 -46.69
N VAL B 54 -13.63 -28.00 -47.69
CA VAL B 54 -12.19 -27.90 -47.45
C VAL B 54 -11.96 -26.45 -47.01
N LYS B 55 -12.98 -25.62 -47.17
CA LYS B 55 -12.91 -24.23 -46.77
C LYS B 55 -12.72 -24.19 -45.25
N LYS B 56 -13.58 -24.93 -44.55
CA LYS B 56 -13.53 -25.03 -43.10
C LYS B 56 -12.30 -25.84 -42.69
N GLU B 57 -12.11 -26.99 -43.33
CA GLU B 57 -10.96 -27.84 -43.07
C GLU B 57 -9.67 -27.03 -43.24
N ALA B 58 -9.68 -26.11 -44.20
CA ALA B 58 -8.53 -25.26 -44.48
C ALA B 58 -8.14 -24.42 -43.26
N ALA B 59 -8.98 -23.46 -42.94
CA ALA B 59 -8.75 -22.57 -41.81
C ALA B 59 -8.32 -23.33 -40.56
N GLU B 60 -8.94 -24.49 -40.32
CA GLU B 60 -8.60 -25.29 -39.16
C GLU B 60 -7.26 -26.01 -39.31
N LYS B 61 -6.41 -25.48 -40.18
CA LYS B 61 -5.09 -26.03 -40.43
C LYS B 61 -4.17 -24.82 -40.41
N LEU B 62 -4.76 -23.65 -40.66
CA LEU B 62 -4.04 -22.38 -40.66
C LEU B 62 -3.91 -21.94 -39.21
N LEU B 63 -5.01 -22.06 -38.48
CA LEU B 63 -5.05 -21.68 -37.08
C LEU B 63 -4.35 -22.69 -36.19
N GLU B 64 -4.59 -23.97 -36.44
CA GLU B 64 -3.98 -25.04 -35.68
C GLU B 64 -2.52 -24.81 -35.30
N LYS B 65 -1.81 -23.98 -36.07
CA LYS B 65 -0.41 -23.68 -35.80
C LYS B 65 -0.21 -22.69 -34.65
N VAL B 66 -1.30 -22.06 -34.24
CA VAL B 66 -1.28 -21.08 -33.16
C VAL B 66 -1.47 -21.75 -31.79
N PRO B 67 -0.62 -21.41 -30.81
CA PRO B 67 -0.80 -22.04 -29.48
C PRO B 67 -2.27 -21.92 -29.08
N SER B 68 -2.86 -23.05 -28.73
CA SER B 68 -4.27 -23.06 -28.34
C SER B 68 -4.59 -21.98 -27.31
N ASP B 69 -3.74 -21.84 -26.30
CA ASP B 69 -3.96 -20.84 -25.27
C ASP B 69 -4.19 -19.44 -25.81
N VAL B 70 -3.67 -19.14 -26.99
CA VAL B 70 -3.86 -17.82 -27.61
C VAL B 70 -5.29 -17.61 -28.07
N LEU B 71 -5.87 -18.62 -28.69
CA LEU B 71 -7.25 -18.52 -29.15
C LEU B 71 -8.14 -18.46 -27.92
N GLU B 72 -7.75 -19.22 -26.90
CA GLU B 72 -8.49 -19.26 -25.64
C GLU B 72 -8.57 -17.86 -25.01
N MET B 73 -7.46 -17.11 -25.07
CA MET B 73 -7.42 -15.75 -24.53
C MET B 73 -8.26 -14.81 -25.39
N TYR B 74 -8.10 -14.90 -26.71
CA TYR B 74 -8.86 -14.06 -27.61
C TYR B 74 -10.33 -14.15 -27.28
N LYS B 75 -10.77 -15.35 -26.92
CA LYS B 75 -12.16 -15.57 -26.57
C LYS B 75 -12.49 -14.83 -25.27
N ALA B 76 -11.63 -14.97 -24.26
CA ALA B 76 -11.86 -14.32 -22.97
C ALA B 76 -11.98 -12.81 -23.13
N ILE B 77 -11.22 -12.26 -24.08
CA ILE B 77 -11.20 -10.84 -24.36
C ILE B 77 -12.38 -10.55 -25.28
N GLY B 78 -13.06 -11.61 -25.66
CA GLY B 78 -14.21 -11.50 -26.54
C GLY B 78 -13.72 -11.15 -27.93
N GLY B 79 -13.55 -12.17 -28.76
CA GLY B 79 -13.08 -11.94 -30.11
C GLY B 79 -13.67 -12.96 -31.04
N LYS B 80 -13.85 -12.57 -32.30
CA LYS B 80 -14.42 -13.46 -33.31
C LYS B 80 -13.53 -13.58 -34.54
N ILE B 81 -13.32 -14.83 -34.98
CA ILE B 81 -12.51 -15.09 -36.17
C ILE B 81 -13.47 -15.43 -37.30
N TYR B 82 -13.43 -14.62 -38.36
CA TYR B 82 -14.31 -14.84 -39.51
C TYR B 82 -13.58 -15.35 -40.75
N ILE B 83 -14.02 -16.51 -41.23
CA ILE B 83 -13.47 -17.14 -42.43
C ILE B 83 -14.50 -16.94 -43.55
N VAL B 84 -14.22 -15.99 -44.44
CA VAL B 84 -15.14 -15.69 -45.53
C VAL B 84 -14.39 -15.34 -46.81
N ASP B 85 -15.01 -15.62 -47.96
CA ASP B 85 -14.39 -15.31 -49.25
C ASP B 85 -14.91 -13.99 -49.85
N GLY B 86 -14.06 -13.32 -50.62
CA GLY B 86 -14.41 -12.06 -51.24
C GLY B 86 -13.76 -10.87 -50.56
N ASP B 87 -14.15 -9.65 -50.96
CA ASP B 87 -13.60 -8.44 -50.36
C ASP B 87 -13.91 -8.44 -48.87
N ILE B 88 -12.93 -8.78 -48.05
CA ILE B 88 -13.12 -8.84 -46.59
C ILE B 88 -13.80 -7.61 -46.01
N THR B 89 -13.54 -6.45 -46.60
CA THR B 89 -14.15 -5.20 -46.12
C THR B 89 -15.65 -5.26 -46.32
N LYS B 90 -16.06 -6.12 -47.27
CA LYS B 90 -17.46 -6.33 -47.61
C LYS B 90 -18.06 -7.21 -46.50
N HIS B 91 -17.59 -7.04 -45.27
CA HIS B 91 -18.08 -7.81 -44.15
C HIS B 91 -18.90 -6.95 -43.19
N ILE B 92 -19.69 -7.62 -42.36
CA ILE B 92 -20.57 -6.95 -41.40
C ILE B 92 -19.86 -6.04 -40.39
N SER B 93 -18.84 -6.56 -39.72
CA SER B 93 -18.13 -5.78 -38.71
C SER B 93 -16.87 -5.06 -39.17
N LEU B 94 -16.51 -5.22 -40.44
CA LEU B 94 -15.30 -4.60 -40.97
C LEU B 94 -15.51 -3.25 -41.67
N GLU B 95 -16.76 -2.85 -41.85
CA GLU B 95 -17.04 -1.60 -42.56
C GLU B 95 -16.79 -0.31 -41.77
N ALA B 96 -16.89 -0.38 -40.44
CA ALA B 96 -16.67 0.81 -39.62
C ALA B 96 -15.26 1.39 -39.78
N LEU B 97 -14.44 0.74 -40.60
CA LEU B 97 -13.06 1.18 -40.86
C LEU B 97 -13.03 2.46 -41.68
N SER B 98 -12.23 3.43 -41.24
CA SER B 98 -12.10 4.70 -41.95
C SER B 98 -11.31 4.50 -43.25
N GLU B 99 -10.48 5.48 -43.60
CA GLU B 99 -9.69 5.39 -44.81
C GLU B 99 -8.22 5.12 -44.51
N ASP B 100 -7.61 5.93 -43.65
CA ASP B 100 -6.21 5.71 -43.29
C ASP B 100 -6.13 4.47 -42.42
N LYS B 101 -7.30 3.95 -42.06
CA LYS B 101 -7.42 2.74 -41.25
C LYS B 101 -7.57 1.57 -42.23
N LYS B 102 -7.74 1.90 -43.50
CA LYS B 102 -7.88 0.91 -44.57
C LYS B 102 -6.67 1.00 -45.53
N LYS B 103 -5.52 1.39 -44.98
CA LYS B 103 -4.28 1.54 -45.74
C LYS B 103 -3.22 0.72 -44.97
N ILE B 104 -3.46 -0.58 -44.86
CA ILE B 104 -2.59 -1.50 -44.12
C ILE B 104 -1.33 -1.96 -44.85
N LYS B 105 -0.28 -2.23 -44.06
CA LYS B 105 1.01 -2.73 -44.59
C LYS B 105 1.16 -4.18 -44.16
N ASP B 106 2.04 -4.92 -44.85
CA ASP B 106 2.24 -6.33 -44.51
C ASP B 106 3.50 -6.57 -43.69
N ILE B 107 3.74 -7.84 -43.38
CA ILE B 107 4.91 -8.24 -42.60
C ILE B 107 6.23 -7.59 -43.04
N TYR B 108 6.39 -7.39 -44.35
CA TYR B 108 7.62 -6.81 -44.86
C TYR B 108 7.66 -5.27 -44.95
N GLY B 109 6.51 -4.63 -44.77
CA GLY B 109 6.46 -3.18 -44.81
C GLY B 109 5.84 -2.60 -46.07
N LYS B 110 5.51 -3.49 -47.01
CA LYS B 110 4.91 -3.08 -48.28
C LYS B 110 3.48 -2.60 -48.09
N ASP B 111 3.22 -1.36 -48.49
CA ASP B 111 1.87 -0.81 -48.37
C ASP B 111 0.87 -1.63 -49.17
N ALA B 112 -0.41 -1.49 -48.82
CA ALA B 112 -1.45 -2.22 -49.52
C ALA B 112 -2.83 -1.69 -49.15
N LEU B 113 -3.84 -2.12 -49.89
CA LEU B 113 -5.21 -1.70 -49.65
C LEU B 113 -5.95 -2.84 -48.95
N LEU B 114 -6.26 -2.63 -47.67
CA LEU B 114 -6.96 -3.62 -46.86
C LEU B 114 -8.10 -4.23 -47.67
N HIS B 115 -8.75 -3.40 -48.47
CA HIS B 115 -9.86 -3.82 -49.31
C HIS B 115 -9.56 -5.10 -50.12
N GLU B 116 -8.39 -5.13 -50.75
CA GLU B 116 -8.00 -6.29 -51.56
C GLU B 116 -7.13 -7.32 -50.86
N HIS B 117 -6.76 -7.05 -49.60
CA HIS B 117 -5.91 -7.98 -48.86
C HIS B 117 -6.69 -9.21 -48.39
N TYR B 118 -6.00 -10.20 -47.82
CA TYR B 118 -6.65 -11.43 -47.38
C TYR B 118 -6.88 -11.63 -45.88
N VAL B 119 -6.54 -10.64 -45.07
CA VAL B 119 -6.74 -10.77 -43.62
C VAL B 119 -6.58 -9.46 -42.88
N TYR B 120 -7.39 -9.29 -41.84
CA TYR B 120 -7.33 -8.10 -41.01
C TYR B 120 -7.95 -8.42 -39.67
N ALA B 121 -7.52 -7.67 -38.66
CA ALA B 121 -8.01 -7.82 -37.31
C ALA B 121 -8.30 -6.43 -36.77
N LYS B 122 -9.57 -6.12 -36.56
CA LYS B 122 -9.97 -4.81 -36.04
C LYS B 122 -9.65 -4.69 -34.55
N GLU B 123 -8.94 -3.62 -34.21
CA GLU B 123 -8.57 -3.34 -32.82
C GLU B 123 -9.83 -2.86 -32.10
N GLY B 124 -9.65 -2.33 -30.89
CA GLY B 124 -10.80 -1.84 -30.16
C GLY B 124 -11.49 -2.85 -29.27
N TYR B 125 -12.59 -2.43 -28.64
CA TYR B 125 -13.34 -3.28 -27.74
C TYR B 125 -14.45 -4.05 -28.43
N GLU B 126 -14.12 -4.67 -29.55
CA GLU B 126 -15.08 -5.47 -30.30
C GLU B 126 -14.22 -6.23 -31.33
N PRO B 127 -13.17 -6.93 -30.85
CA PRO B 127 -12.20 -7.73 -31.59
C PRO B 127 -12.75 -8.67 -32.65
N VAL B 128 -12.06 -8.71 -33.79
CA VAL B 128 -12.45 -9.57 -34.89
C VAL B 128 -11.27 -9.85 -35.82
N LEU B 129 -11.09 -11.11 -36.18
CA LEU B 129 -10.04 -11.49 -37.10
C LEU B 129 -10.77 -11.96 -38.35
N VAL B 130 -10.58 -11.24 -39.46
CA VAL B 130 -11.23 -11.58 -40.72
C VAL B 130 -10.21 -12.04 -41.76
N ILE B 131 -10.32 -13.31 -42.17
CA ILE B 131 -9.42 -13.87 -43.16
C ILE B 131 -10.16 -14.00 -44.50
N GLN B 132 -9.56 -14.69 -45.48
CA GLN B 132 -10.20 -14.85 -46.79
C GLN B 132 -10.15 -16.28 -47.36
N SER B 133 -10.93 -17.17 -46.74
CA SER B 133 -11.05 -18.59 -47.12
C SER B 133 -10.27 -19.00 -48.36
N SER B 134 -9.31 -19.90 -48.18
CA SER B 134 -8.48 -20.38 -49.27
C SER B 134 -7.66 -21.56 -48.81
N GLU B 135 -6.68 -21.94 -49.63
CA GLU B 135 -5.78 -23.05 -49.32
C GLU B 135 -4.39 -22.65 -49.78
N ASP B 136 -4.22 -21.37 -50.06
CA ASP B 136 -2.93 -20.83 -50.48
C ASP B 136 -2.04 -20.87 -49.23
N TYR B 137 -2.70 -20.83 -48.08
CA TYR B 137 -2.02 -20.89 -46.78
C TYR B 137 -1.16 -22.14 -46.78
N VAL B 138 -1.71 -23.21 -47.36
CA VAL B 138 -1.04 -24.49 -47.46
C VAL B 138 0.35 -24.32 -48.09
N GLU B 139 0.38 -24.28 -49.42
CA GLU B 139 1.65 -24.15 -50.14
C GLU B 139 2.30 -22.76 -50.00
N ASN B 140 1.54 -21.71 -50.29
CA ASN B 140 2.03 -20.33 -50.20
C ASN B 140 2.37 -19.99 -48.75
N THR B 141 3.64 -20.08 -48.39
CA THR B 141 4.08 -19.80 -47.04
C THR B 141 4.13 -18.33 -46.68
N GLU B 142 4.02 -17.45 -47.67
CA GLU B 142 4.08 -16.02 -47.39
C GLU B 142 2.73 -15.45 -46.96
N LYS B 143 1.65 -16.09 -47.38
CA LYS B 143 0.32 -15.63 -47.01
C LYS B 143 0.01 -16.10 -45.59
N ALA B 144 0.66 -17.18 -45.16
CA ALA B 144 0.47 -17.71 -43.81
C ALA B 144 1.23 -16.83 -42.82
N LEU B 145 2.45 -16.49 -43.20
CA LEU B 145 3.31 -15.64 -42.40
C LEU B 145 2.60 -14.31 -42.10
N ASN B 146 1.75 -13.86 -43.02
CA ASN B 146 1.05 -12.59 -42.81
C ASN B 146 -0.18 -12.72 -41.93
N VAL B 147 -0.81 -13.89 -41.93
CA VAL B 147 -1.99 -14.09 -41.11
C VAL B 147 -1.56 -14.22 -39.65
N TYR B 148 -0.50 -14.98 -39.42
CA TYR B 148 0.04 -15.18 -38.08
C TYR B 148 0.51 -13.84 -37.53
N TYR B 149 1.09 -13.04 -38.40
CA TYR B 149 1.57 -11.72 -38.03
C TYR B 149 0.40 -10.88 -37.55
N GLU B 150 -0.77 -11.15 -38.11
CA GLU B 150 -1.96 -10.41 -37.73
C GLU B 150 -2.41 -10.90 -36.37
N ILE B 151 -2.30 -12.22 -36.18
CA ILE B 151 -2.66 -12.85 -34.92
C ILE B 151 -1.68 -12.36 -33.85
N GLY B 152 -0.41 -12.22 -34.24
CA GLY B 152 0.61 -11.72 -33.34
C GLY B 152 0.29 -10.30 -32.90
N LYS B 153 -0.34 -9.53 -33.79
CA LYS B 153 -0.72 -8.17 -33.46
C LYS B 153 -1.87 -8.19 -32.46
N ILE B 154 -2.64 -9.28 -32.47
CA ILE B 154 -3.75 -9.41 -31.55
C ILE B 154 -3.22 -9.79 -30.16
N LEU B 155 -2.39 -10.81 -30.12
CA LEU B 155 -1.79 -11.29 -28.88
C LEU B 155 -1.06 -10.13 -28.22
N SER B 156 -0.19 -9.49 -28.99
CA SER B 156 0.61 -8.37 -28.54
C SER B 156 -0.15 -7.10 -28.15
N ARG B 157 -1.01 -6.61 -29.04
CA ARG B 157 -1.74 -5.37 -28.81
C ARG B 157 -3.08 -5.48 -28.10
N ASP B 158 -3.87 -6.48 -28.48
CA ASP B 158 -5.21 -6.68 -27.92
C ASP B 158 -5.30 -7.59 -26.70
N ILE B 159 -4.43 -8.61 -26.63
CA ILE B 159 -4.45 -9.56 -25.52
C ILE B 159 -3.50 -9.26 -24.36
N LEU B 160 -2.20 -9.20 -24.64
CA LEU B 160 -1.19 -8.95 -23.61
C LEU B 160 -1.22 -7.59 -22.92
N SER B 161 -1.80 -6.59 -23.56
CA SER B 161 -1.86 -5.26 -22.96
C SER B 161 -2.84 -5.22 -21.78
N LYS B 162 -3.78 -6.17 -21.74
CA LYS B 162 -4.74 -6.21 -20.65
C LYS B 162 -4.04 -6.64 -19.35
N ILE B 163 -2.78 -7.09 -19.46
CA ILE B 163 -2.01 -7.49 -18.27
C ILE B 163 -0.66 -6.81 -18.23
N ASN B 164 -0.59 -5.62 -18.82
CA ASN B 164 0.62 -4.79 -18.89
C ASN B 164 1.84 -5.41 -19.56
N GLN B 165 1.60 -6.14 -20.64
CA GLN B 165 2.70 -6.78 -21.39
C GLN B 165 2.64 -6.42 -22.88
N PRO B 166 3.78 -6.55 -23.58
CA PRO B 166 5.03 -7.00 -22.98
C PRO B 166 5.54 -5.89 -22.09
N TYR B 167 6.58 -6.17 -21.33
CA TYR B 167 7.14 -5.17 -20.44
C TYR B 167 8.63 -5.31 -20.44
N GLN B 168 9.23 -5.13 -19.27
CA GLN B 168 10.68 -5.21 -19.10
C GLN B 168 11.35 -6.44 -19.68
N LYS B 169 10.74 -7.60 -19.49
CA LYS B 169 11.34 -8.82 -20.01
C LYS B 169 11.60 -8.74 -21.52
N PHE B 170 10.58 -8.37 -22.28
CA PHE B 170 10.74 -8.29 -23.73
C PHE B 170 11.68 -7.16 -24.13
N LEU B 171 11.56 -6.03 -23.46
CA LEU B 171 12.42 -4.88 -23.74
C LEU B 171 13.88 -5.28 -23.61
N ASP B 172 14.15 -6.26 -22.76
CA ASP B 172 15.51 -6.73 -22.57
C ASP B 172 15.94 -7.43 -23.84
N VAL B 173 15.03 -8.20 -24.43
CA VAL B 173 15.32 -8.92 -25.66
C VAL B 173 15.63 -7.94 -26.79
N LEU B 174 14.87 -6.84 -26.84
CA LEU B 174 15.07 -5.81 -27.87
C LEU B 174 16.42 -5.13 -27.71
N ASN B 175 16.84 -4.91 -26.47
CA ASN B 175 18.12 -4.25 -26.25
C ASN B 175 19.28 -5.18 -26.57
N THR B 176 19.09 -6.49 -26.34
CA THR B 176 20.14 -7.47 -26.63
C THR B 176 20.42 -7.46 -28.13
N ILE B 177 19.36 -7.35 -28.92
CA ILE B 177 19.47 -7.32 -30.36
C ILE B 177 20.02 -5.97 -30.80
N LYS B 178 19.39 -4.89 -30.35
CA LYS B 178 19.85 -3.56 -30.70
C LYS B 178 21.33 -3.34 -30.38
N ASN B 179 21.87 -4.11 -29.44
CA ASN B 179 23.27 -3.96 -29.06
C ASN B 179 24.14 -5.15 -29.41
N ALA B 180 23.70 -5.96 -30.35
CA ALA B 180 24.48 -7.11 -30.74
C ALA B 180 25.56 -6.71 -31.74
N SER B 181 26.46 -7.64 -32.03
CA SER B 181 27.51 -7.38 -33.00
C SER B 181 26.82 -7.47 -34.36
N ASP B 182 26.54 -8.69 -34.79
CA ASP B 182 25.85 -8.94 -36.05
C ASP B 182 24.47 -8.29 -35.98
N SER B 183 24.25 -7.25 -36.79
CA SER B 183 22.98 -6.54 -36.78
C SER B 183 21.91 -7.06 -37.73
N ASP B 184 22.03 -8.33 -38.14
CA ASP B 184 21.03 -8.91 -39.03
C ASP B 184 19.67 -8.98 -38.32
N GLY B 185 19.69 -9.41 -37.06
CA GLY B 185 18.45 -9.50 -36.30
C GLY B 185 17.76 -8.17 -36.24
N GLN B 186 18.55 -7.13 -35.99
CA GLN B 186 18.02 -5.77 -35.91
C GLN B 186 17.35 -5.45 -37.25
N ASP B 187 18.14 -5.51 -38.33
CA ASP B 187 17.64 -5.24 -39.66
C ASP B 187 16.51 -6.17 -40.09
N LEU B 188 16.33 -7.28 -39.38
CA LEU B 188 15.28 -8.25 -39.71
C LEU B 188 13.95 -8.01 -38.99
N LEU B 189 14.02 -7.52 -37.75
CA LEU B 189 12.82 -7.28 -36.95
C LEU B 189 12.52 -5.81 -36.64
N PHE B 190 13.57 -5.03 -36.45
CA PHE B 190 13.43 -3.60 -36.13
C PHE B 190 12.98 -2.75 -37.30
N THR B 191 12.25 -1.70 -36.99
CA THR B 191 11.78 -0.76 -37.98
C THR B 191 12.86 0.29 -38.00
N ASN B 192 12.73 1.26 -38.89
CA ASN B 192 13.71 2.33 -39.00
C ASN B 192 13.71 3.21 -37.77
N GLN B 193 12.53 3.37 -37.14
CA GLN B 193 12.39 4.16 -35.93
C GLN B 193 13.26 3.53 -34.84
N LEU B 194 13.03 2.26 -34.55
CA LEU B 194 13.78 1.54 -33.53
C LEU B 194 15.27 1.46 -33.80
N LYS B 195 15.65 1.51 -35.07
CA LYS B 195 17.07 1.42 -35.44
C LYS B 195 17.86 2.66 -35.04
N GLU B 196 17.29 3.83 -35.32
CA GLU B 196 17.95 5.09 -35.04
C GLU B 196 17.78 5.64 -33.62
N HIS B 197 17.23 4.83 -32.72
CA HIS B 197 17.08 5.27 -31.33
C HIS B 197 18.46 5.06 -30.68
N PRO B 198 19.07 6.13 -30.17
CA PRO B 198 20.40 6.07 -29.52
C PRO B 198 20.54 5.20 -28.26
N THR B 199 19.65 5.39 -27.31
CA THR B 199 19.70 4.66 -26.05
C THR B 199 19.01 3.29 -26.08
N ASP B 200 19.27 2.50 -25.04
CA ASP B 200 18.64 1.20 -24.88
C ASP B 200 17.17 1.51 -24.67
N PHE B 201 16.29 0.56 -24.90
CA PHE B 201 14.88 0.84 -24.72
C PHE B 201 14.49 0.74 -23.26
N SER B 202 13.73 1.73 -22.79
CA SER B 202 13.31 1.76 -21.41
C SER B 202 11.84 1.56 -21.27
N VAL B 203 11.41 1.30 -20.04
CA VAL B 203 10.01 1.10 -19.76
C VAL B 203 9.31 2.41 -20.13
N GLU B 204 10.03 3.52 -20.01
CA GLU B 204 9.48 4.84 -20.33
C GLU B 204 9.31 5.02 -21.84
N PHE B 205 10.14 4.32 -22.62
CA PHE B 205 10.04 4.38 -24.07
C PHE B 205 8.80 3.59 -24.46
N LEU B 206 8.65 2.43 -23.83
CA LEU B 206 7.51 1.56 -24.11
C LEU B 206 6.19 2.31 -23.88
N GLU B 207 6.26 3.41 -23.14
CA GLU B 207 5.08 4.22 -22.82
C GLU B 207 4.49 4.98 -23.99
N GLN B 208 5.33 5.72 -24.72
CA GLN B 208 4.90 6.51 -25.88
C GLN B 208 4.90 5.69 -27.18
N ASN B 209 5.95 4.90 -27.38
CA ASN B 209 6.11 4.07 -28.57
C ASN B 209 5.58 2.64 -28.38
N SER B 210 4.55 2.48 -27.55
CA SER B 210 3.99 1.15 -27.31
C SER B 210 3.64 0.44 -28.62
N ASN B 211 3.35 1.21 -29.65
CA ASN B 211 2.99 0.63 -30.93
C ASN B 211 4.17 -0.12 -31.54
N GLU B 212 5.30 0.56 -31.66
CA GLU B 212 6.47 -0.06 -32.23
C GLU B 212 6.93 -1.31 -31.51
N VAL B 213 6.89 -1.29 -30.17
CA VAL B 213 7.30 -2.46 -29.41
C VAL B 213 6.35 -3.62 -29.75
N GLN B 214 5.06 -3.32 -29.85
CA GLN B 214 4.06 -4.33 -30.18
C GLN B 214 4.32 -4.97 -31.54
N GLU B 215 4.73 -4.15 -32.51
CA GLU B 215 5.02 -4.64 -33.86
C GLU B 215 6.15 -5.65 -33.88
N VAL B 216 7.23 -5.33 -33.17
CA VAL B 216 8.38 -6.22 -33.12
C VAL B 216 7.94 -7.58 -32.58
N PHE B 217 7.09 -7.55 -31.56
CA PHE B 217 6.59 -8.77 -30.96
C PHE B 217 5.84 -9.55 -32.04
N ALA B 218 4.89 -8.89 -32.69
CA ALA B 218 4.08 -9.52 -33.74
C ALA B 218 4.95 -10.20 -34.83
N LYS B 219 5.84 -9.44 -35.45
CA LYS B 219 6.71 -10.00 -36.48
C LYS B 219 7.41 -11.26 -35.97
N ALA B 220 8.12 -11.11 -34.84
CA ALA B 220 8.87 -12.20 -34.22
C ALA B 220 7.96 -13.39 -33.98
N PHE B 221 6.79 -13.13 -33.40
CA PHE B 221 5.84 -14.18 -33.14
C PHE B 221 5.57 -14.94 -34.43
N ALA B 222 5.23 -14.20 -35.48
CA ALA B 222 4.94 -14.76 -36.80
C ALA B 222 6.10 -15.61 -37.32
N TYR B 223 7.27 -14.99 -37.39
CA TYR B 223 8.43 -15.71 -37.87
C TYR B 223 8.59 -17.02 -37.11
N TYR B 224 8.21 -17.04 -35.84
CA TYR B 224 8.32 -18.26 -35.05
C TYR B 224 7.19 -19.28 -35.26
N ILE B 225 5.97 -18.79 -35.49
CA ILE B 225 4.84 -19.67 -35.70
C ILE B 225 4.84 -20.35 -37.06
N GLU B 226 5.25 -19.62 -38.09
CA GLU B 226 5.30 -20.17 -39.44
C GLU B 226 6.58 -21.01 -39.54
N PRO B 227 6.42 -22.33 -39.66
CA PRO B 227 7.54 -23.28 -39.76
C PRO B 227 8.74 -22.92 -40.64
N GLN B 228 8.51 -22.79 -41.94
CA GLN B 228 9.59 -22.50 -42.87
C GLN B 228 10.36 -21.20 -42.59
N HIS B 229 9.71 -20.23 -41.97
CA HIS B 229 10.37 -18.95 -41.66
C HIS B 229 11.10 -18.97 -40.31
N ARG B 230 10.69 -19.86 -39.41
CA ARG B 230 11.31 -19.98 -38.10
C ARG B 230 12.83 -20.08 -38.15
N ASP B 231 13.33 -20.82 -39.14
CA ASP B 231 14.77 -20.99 -39.31
C ASP B 231 15.41 -19.63 -39.46
N VAL B 232 14.77 -18.76 -40.23
CA VAL B 232 15.30 -17.43 -40.45
C VAL B 232 15.39 -16.67 -39.12
N LEU B 233 14.40 -16.90 -38.26
CA LEU B 233 14.34 -16.23 -36.96
C LEU B 233 15.35 -16.77 -35.95
N GLN B 234 15.71 -18.05 -36.06
CA GLN B 234 16.68 -18.61 -35.13
C GLN B 234 18.11 -18.35 -35.64
N LEU B 235 18.20 -17.92 -36.88
CA LEU B 235 19.47 -17.66 -37.54
C LEU B 235 19.94 -16.21 -37.52
N TYR B 236 19.05 -15.28 -37.19
CA TYR B 236 19.43 -13.88 -37.18
C TYR B 236 18.88 -13.12 -35.99
N ALA B 237 17.91 -13.70 -35.31
CA ALA B 237 17.33 -13.08 -34.13
C ALA B 237 17.27 -14.12 -33.01
N PRO B 238 18.39 -14.83 -32.79
CA PRO B 238 18.48 -15.86 -31.76
C PRO B 238 17.72 -15.50 -30.48
N GLU B 239 18.06 -14.34 -29.92
CA GLU B 239 17.43 -13.90 -28.69
C GLU B 239 15.91 -13.84 -28.84
N ALA B 240 15.44 -13.45 -30.02
CA ALA B 240 14.01 -13.36 -30.27
C ALA B 240 13.50 -14.80 -30.42
N PHE B 241 14.27 -15.63 -31.13
CA PHE B 241 13.90 -17.01 -31.30
C PHE B 241 13.75 -17.71 -29.96
N ASN B 242 14.69 -17.49 -29.06
CA ASN B 242 14.68 -18.07 -27.72
C ASN B 242 13.47 -17.53 -26.95
N TYR B 243 13.29 -16.23 -26.99
CA TYR B 243 12.17 -15.62 -26.30
C TYR B 243 10.87 -16.26 -26.77
N MET B 244 10.60 -16.17 -28.06
CA MET B 244 9.38 -16.73 -28.64
C MET B 244 9.20 -18.22 -28.41
N ASP B 245 10.30 -18.98 -28.45
CA ASP B 245 10.26 -20.41 -28.23
C ASP B 245 9.72 -20.70 -26.83
N LYS B 246 10.47 -20.25 -25.82
CA LYS B 246 10.08 -20.47 -24.44
C LYS B 246 8.66 -19.97 -24.17
N PHE B 247 8.29 -18.87 -24.83
CA PHE B 247 6.99 -18.28 -24.65
C PHE B 247 5.80 -19.10 -25.13
N ASN B 248 5.90 -19.66 -26.33
CA ASN B 248 4.80 -20.45 -26.87
C ASN B 248 4.80 -21.89 -26.36
N GLU B 249 5.93 -22.33 -25.82
CA GLU B 249 6.05 -23.70 -25.33
C GLU B 249 5.91 -23.80 -23.82
N GLN B 250 5.84 -22.65 -23.17
CA GLN B 250 5.70 -22.63 -21.71
C GLN B 250 4.90 -21.43 -21.24
N GLU B 251 5.62 -20.34 -20.99
CA GLU B 251 5.07 -19.10 -20.50
C GLU B 251 3.64 -18.69 -20.92
N ILE B 252 3.27 -18.98 -22.17
CA ILE B 252 1.96 -18.60 -22.66
C ILE B 252 0.80 -18.88 -21.71
N ASN B 253 0.72 -20.08 -21.17
CA ASN B 253 -0.39 -20.40 -20.27
C ASN B 253 -0.41 -19.55 -18.99
N LEU B 254 0.71 -18.93 -18.66
CA LEU B 254 0.78 -18.09 -17.47
C LEU B 254 0.07 -16.78 -17.80
N SER B 255 0.22 -16.38 -19.07
CA SER B 255 -0.39 -15.16 -19.59
C SER B 255 -1.90 -15.36 -19.58
N LEU B 256 -2.33 -16.59 -19.88
CA LEU B 256 -3.74 -16.95 -19.91
C LEU B 256 -4.24 -16.88 -18.49
N GLU B 257 -3.54 -17.59 -17.61
CA GLU B 257 -3.86 -17.64 -16.19
C GLU B 257 -3.93 -16.22 -15.61
N GLU B 258 -3.02 -15.35 -16.04
CA GLU B 258 -2.99 -13.97 -15.54
C GLU B 258 -4.13 -13.14 -16.08
N LEU B 259 -4.50 -13.37 -17.33
CA LEU B 259 -5.60 -12.65 -17.93
C LEU B 259 -6.89 -13.05 -17.22
N LYS B 260 -7.01 -14.33 -16.86
CA LYS B 260 -8.20 -14.84 -16.16
C LYS B 260 -8.36 -14.21 -14.78
N ASP B 261 -7.23 -14.02 -14.12
CA ASP B 261 -7.18 -13.43 -12.79
C ASP B 261 -7.74 -11.98 -12.76
N GLN B 262 -7.90 -11.37 -13.93
CA GLN B 262 -8.43 -10.01 -14.04
C GLN B 262 -9.96 -10.06 -14.11
N ARG B 263 -10.51 -11.23 -14.41
CA ARG B 263 -11.95 -11.38 -14.57
C ARG B 263 -12.74 -11.72 -13.32
N MET B 264 -13.66 -10.84 -12.97
CA MET B 264 -14.50 -11.03 -11.80
C MET B 264 -15.13 -12.42 -11.74
N LEU B 265 -15.87 -12.80 -12.78
CA LEU B 265 -16.49 -14.11 -12.80
C LEU B 265 -15.49 -15.29 -12.77
N SER B 266 -14.32 -15.12 -13.38
CA SER B 266 -13.32 -16.19 -13.37
C SER B 266 -12.68 -16.36 -11.99
N ARG B 267 -12.45 -15.24 -11.30
CA ARG B 267 -11.87 -15.29 -9.96
C ARG B 267 -12.85 -16.02 -9.05
N TYR B 268 -14.09 -15.56 -9.07
CA TYR B 268 -15.15 -16.13 -8.25
C TYR B 268 -15.40 -17.60 -8.53
N GLU B 269 -15.29 -18.01 -9.79
CA GLU B 269 -15.51 -19.41 -10.12
C GLU B 269 -14.45 -20.26 -9.46
N LYS B 270 -13.19 -19.92 -9.73
CA LYS B 270 -12.05 -20.62 -9.17
C LYS B 270 -12.18 -20.77 -7.66
N TRP B 271 -12.63 -19.71 -7.01
CA TRP B 271 -12.80 -19.71 -5.58
C TRP B 271 -13.82 -20.78 -5.19
N GLU B 272 -14.96 -20.74 -5.86
CA GLU B 272 -16.05 -21.67 -5.61
C GLU B 272 -15.61 -23.14 -5.71
N LYS B 273 -14.80 -23.46 -6.70
CA LYS B 273 -14.36 -24.84 -6.86
C LYS B 273 -13.40 -25.31 -5.74
N ILE B 274 -12.45 -24.46 -5.38
CA ILE B 274 -11.50 -24.79 -4.32
C ILE B 274 -12.29 -24.94 -3.01
N LYS B 275 -13.24 -24.05 -2.80
CA LYS B 275 -14.05 -24.09 -1.59
C LYS B 275 -14.87 -25.36 -1.54
N GLN B 276 -15.43 -25.74 -2.69
CA GLN B 276 -16.25 -26.94 -2.80
C GLN B 276 -15.43 -28.16 -2.48
N HIS B 277 -14.32 -28.31 -3.17
CA HIS B 277 -13.43 -29.43 -2.96
C HIS B 277 -13.04 -29.62 -1.50
N TYR B 278 -13.09 -28.56 -0.70
CA TYR B 278 -12.73 -28.68 0.71
C TYR B 278 -13.95 -28.61 1.62
N GLN B 279 -15.13 -28.62 1.01
CA GLN B 279 -16.36 -28.55 1.79
C GLN B 279 -16.37 -29.59 2.91
N HIS B 280 -16.15 -30.84 2.54
CA HIS B 280 -16.14 -31.92 3.52
C HIS B 280 -15.08 -31.71 4.61
N TRP B 281 -13.88 -31.29 4.22
CA TRP B 281 -12.81 -31.04 5.17
C TRP B 281 -13.31 -29.99 6.13
N SER B 282 -13.73 -28.85 5.58
CA SER B 282 -14.23 -27.75 6.38
C SER B 282 -15.32 -28.13 7.36
N ASP B 283 -16.28 -28.91 6.90
CA ASP B 283 -17.41 -29.32 7.74
C ASP B 283 -17.01 -30.17 8.95
N SER B 284 -15.96 -30.97 8.80
CA SER B 284 -15.53 -31.84 9.88
C SER B 284 -14.58 -31.21 10.91
N LEU B 285 -14.17 -29.96 10.70
CA LEU B 285 -13.26 -29.30 11.63
C LEU B 285 -13.86 -29.13 13.01
N SER B 286 -13.18 -29.65 14.03
CA SER B 286 -13.65 -29.52 15.41
C SER B 286 -13.50 -28.06 15.80
N GLU B 287 -14.04 -27.70 16.95
CA GLU B 287 -13.93 -26.33 17.45
C GLU B 287 -12.46 -26.07 17.72
N GLU B 288 -11.75 -27.13 18.05
CA GLU B 288 -10.33 -27.09 18.34
C GLU B 288 -9.54 -26.83 17.05
N GLY B 289 -9.96 -27.49 15.97
CA GLY B 289 -9.29 -27.31 14.69
C GLY B 289 -9.37 -25.87 14.23
N ARG B 290 -10.57 -25.30 14.26
CA ARG B 290 -10.76 -23.92 13.85
C ARG B 290 -9.97 -23.01 14.78
N GLY B 291 -9.91 -23.39 16.05
CA GLY B 291 -9.18 -22.59 17.00
C GLY B 291 -7.72 -22.51 16.61
N LEU B 292 -7.14 -23.67 16.33
CA LEU B 292 -5.74 -23.76 15.93
C LEU B 292 -5.41 -22.88 14.72
N LEU B 293 -6.14 -23.10 13.62
CA LEU B 293 -5.93 -22.33 12.39
C LEU B 293 -6.00 -20.83 12.66
N LYS B 294 -6.87 -20.44 13.59
CA LYS B 294 -7.02 -19.03 13.90
C LYS B 294 -5.74 -18.44 14.54
N LYS B 295 -5.24 -19.06 15.60
CA LYS B 295 -4.04 -18.52 16.25
C LYS B 295 -2.84 -18.60 15.33
N LEU B 296 -2.88 -19.52 14.38
CA LEU B 296 -1.79 -19.64 13.42
C LEU B 296 -1.75 -18.40 12.56
N GLN B 297 -2.94 -17.86 12.26
CA GLN B 297 -3.06 -16.65 11.45
C GLN B 297 -2.87 -15.39 12.27
N ILE B 298 -3.33 -15.43 13.52
CA ILE B 298 -3.22 -14.29 14.43
C ILE B 298 -2.38 -14.63 15.66
N PRO B 299 -1.12 -14.23 15.67
CA PRO B 299 -0.23 -14.50 16.81
C PRO B 299 -0.78 -13.92 18.13
N ILE B 300 -0.52 -14.60 19.24
CA ILE B 300 -0.97 -14.13 20.55
C ILE B 300 0.02 -13.12 21.11
N GLU B 301 -0.45 -11.92 21.42
CA GLU B 301 0.41 -10.88 22.00
C GLU B 301 0.55 -11.10 23.52
N PRO B 302 1.75 -10.87 24.09
CA PRO B 302 1.91 -11.07 25.53
C PRO B 302 1.09 -10.07 26.35
N LYS B 303 0.43 -10.56 27.39
CA LYS B 303 -0.40 -9.70 28.23
C LYS B 303 0.42 -9.10 29.37
N LYS B 304 0.31 -7.78 29.49
CA LYS B 304 1.02 -7.00 30.51
C LYS B 304 0.91 -7.55 31.94
N ASP B 305 -0.30 -7.75 32.44
CA ASP B 305 -0.43 -8.26 33.79
C ASP B 305 0.13 -9.66 33.96
N ASP B 306 0.05 -10.50 32.93
CA ASP B 306 0.59 -11.85 33.07
C ASP B 306 2.08 -11.78 33.33
N ILE B 307 2.76 -10.89 32.63
CA ILE B 307 4.20 -10.71 32.78
C ILE B 307 4.56 -10.23 34.18
N ILE B 308 3.68 -9.40 34.75
CA ILE B 308 3.93 -8.87 36.08
C ILE B 308 3.84 -9.93 37.18
N HIS B 309 2.68 -10.56 37.33
CA HIS B 309 2.51 -11.58 38.36
C HIS B 309 3.55 -12.68 38.31
N SER B 310 4.18 -12.85 37.16
CA SER B 310 5.21 -13.88 36.98
C SER B 310 6.57 -13.43 37.50
N LEU B 311 6.63 -12.21 38.01
CA LEU B 311 7.89 -11.67 38.51
C LEU B 311 8.07 -11.91 40.00
N SER B 312 9.31 -12.05 40.43
CA SER B 312 9.61 -12.24 41.84
C SER B 312 9.66 -10.83 42.44
N GLN B 313 9.59 -10.74 43.77
CA GLN B 313 9.63 -9.44 44.41
C GLN B 313 10.89 -8.69 44.03
N GLU B 314 11.99 -9.43 43.93
CA GLU B 314 13.28 -8.84 43.58
C GLU B 314 13.31 -8.40 42.14
N GLU B 315 12.32 -8.83 41.35
CA GLU B 315 12.27 -8.46 39.95
C GLU B 315 11.33 -7.27 39.76
N LYS B 316 10.28 -7.19 40.58
CA LYS B 316 9.34 -6.09 40.51
C LYS B 316 10.09 -4.85 40.96
N GLU B 317 11.17 -5.07 41.70
CA GLU B 317 11.97 -3.98 42.20
C GLU B 317 12.81 -3.38 41.07
N LEU B 318 13.58 -4.22 40.39
CA LEU B 318 14.41 -3.74 39.29
C LEU B 318 13.57 -3.07 38.21
N LEU B 319 12.34 -3.53 38.04
CA LEU B 319 11.45 -2.95 37.05
C LEU B 319 11.18 -1.49 37.37
N LYS B 320 10.82 -1.23 38.62
CA LYS B 320 10.51 0.12 39.08
C LYS B 320 11.64 1.12 38.89
N ARG B 321 12.88 0.69 39.13
CA ARG B 321 14.01 1.60 39.03
C ARG B 321 14.84 1.49 37.75
N ILE B 322 14.62 0.44 36.96
CA ILE B 322 15.41 0.26 35.74
C ILE B 322 15.12 1.23 34.61
N GLN B 323 16.19 1.87 34.11
CA GLN B 323 16.09 2.81 33.00
C GLN B 323 16.12 2.01 31.71
N ILE B 324 14.94 1.61 31.23
CA ILE B 324 14.85 0.81 30.01
C ILE B 324 15.55 1.45 28.83
N ASP B 325 15.31 2.75 28.62
CA ASP B 325 15.96 3.44 27.52
C ASP B 325 17.43 3.62 27.83
N SER B 326 18.17 2.52 27.75
CA SER B 326 19.60 2.51 28.03
C SER B 326 20.06 1.11 27.70
N SER B 327 19.25 0.40 26.93
CA SER B 327 19.54 -0.97 26.54
C SER B 327 19.85 -1.15 25.05
N ASP B 328 20.69 -2.13 24.77
CA ASP B 328 21.09 -2.44 23.40
C ASP B 328 20.18 -3.55 22.88
N PHE B 329 20.30 -4.73 23.48
CA PHE B 329 19.53 -5.90 23.10
C PHE B 329 18.02 -5.71 23.05
N LEU B 330 17.53 -4.52 23.35
CA LEU B 330 16.09 -4.27 23.31
C LEU B 330 15.75 -3.42 22.10
N SER B 331 14.66 -3.77 21.41
CA SER B 331 14.23 -3.03 20.24
C SER B 331 13.12 -2.06 20.60
N THR B 332 12.86 -1.11 19.71
CA THR B 332 11.83 -0.10 19.91
C THR B 332 10.52 -0.79 20.31
N GLU B 333 10.19 -1.83 19.57
CA GLU B 333 8.98 -2.62 19.79
C GLU B 333 8.91 -3.18 21.21
N GLU B 334 10.04 -3.73 21.65
CA GLU B 334 10.16 -4.33 22.96
C GLU B 334 10.27 -3.28 24.07
N LYS B 335 11.04 -2.22 23.82
CA LYS B 335 11.21 -1.13 24.80
C LYS B 335 9.87 -0.48 25.15
N GLU B 336 9.14 -0.04 24.13
CA GLU B 336 7.85 0.60 24.35
C GLU B 336 6.93 -0.33 25.14
N PHE B 337 7.05 -1.64 24.92
CA PHE B 337 6.21 -2.59 25.64
C PHE B 337 6.60 -2.69 27.12
N LEU B 338 7.90 -2.76 27.37
CA LEU B 338 8.38 -2.86 28.74
C LEU B 338 8.06 -1.59 29.52
N LYS B 339 8.35 -0.43 28.94
CA LYS B 339 8.08 0.84 29.61
C LYS B 339 6.64 0.97 30.06
N LYS B 340 5.73 0.23 29.44
CA LYS B 340 4.33 0.27 29.85
C LYS B 340 4.21 -0.51 31.16
N LEU B 341 5.04 -1.56 31.29
CA LEU B 341 5.05 -2.37 32.50
C LEU B 341 5.54 -1.50 33.64
N GLN B 342 6.68 -0.84 33.41
CA GLN B 342 7.28 0.04 34.38
C GLN B 342 6.24 1.01 34.90
N ILE B 343 5.29 1.38 34.04
CA ILE B 343 4.24 2.30 34.44
C ILE B 343 3.20 1.57 35.27
N ASP B 344 2.79 0.39 34.81
CA ASP B 344 1.79 -0.40 35.52
C ASP B 344 2.27 -0.67 36.95
N ILE B 345 3.51 -1.12 37.07
CA ILE B 345 4.10 -1.41 38.37
C ILE B 345 4.19 -0.10 39.19
N ARG B 346 4.50 0.99 38.53
CA ARG B 346 4.69 2.24 39.22
C ARG B 346 3.43 2.89 39.83
N ASP B 347 2.20 2.56 39.38
CA ASP B 347 1.02 3.24 39.93
C ASP B 347 0.62 2.67 41.30
N SER B 348 1.65 2.27 42.10
CA SER B 348 1.50 1.67 43.43
C SER B 348 2.10 2.50 44.55
N LEU B 349 1.21 3.48 44.93
CA LEU B 349 1.28 4.55 45.94
C LEU B 349 2.17 5.72 45.57
N SER B 350 2.31 6.69 46.49
CA SER B 350 3.03 7.92 46.17
C SER B 350 4.48 8.04 46.55
N GLU B 351 4.74 7.86 47.77
CA GLU B 351 6.08 8.03 48.30
C GLU B 351 7.25 7.60 47.34
N GLU B 352 7.22 6.36 46.82
CA GLU B 352 8.28 5.89 45.94
C GLU B 352 8.39 6.67 44.67
N GLU B 353 7.22 7.13 44.17
CA GLU B 353 7.12 7.88 42.93
C GLU B 353 7.97 9.13 42.98
N LYS B 354 8.04 9.76 44.16
CA LYS B 354 8.95 10.92 44.33
C LYS B 354 10.38 10.44 44.15
N GLU B 355 10.57 9.27 44.74
CA GLU B 355 11.85 8.56 44.79
C GLU B 355 12.35 8.14 43.42
N LEU B 356 11.58 7.28 42.76
CA LEU B 356 11.89 6.74 41.45
C LEU B 356 12.08 7.78 40.34
N LEU B 357 11.03 8.55 40.07
CA LEU B 357 11.04 9.57 39.03
C LEU B 357 12.30 10.42 38.96
N ASN B 358 12.88 10.76 40.10
CA ASN B 358 14.10 11.58 40.12
C ASN B 358 15.35 10.70 40.16
N ARG B 359 15.59 10.06 41.30
CA ARG B 359 16.75 9.21 41.47
C ARG B 359 16.76 8.10 40.41
N ASP B 363 29.81 10.95 33.56
CA ASP B 363 28.74 10.65 32.61
C ASP B 363 28.46 9.14 32.56
N SER B 364 28.48 8.50 33.73
CA SER B 364 28.26 7.06 33.82
C SER B 364 26.96 6.65 34.49
N SER B 365 25.87 7.36 34.20
CA SER B 365 24.58 7.04 34.79
C SER B 365 23.83 6.03 33.91
N ASN B 366 24.08 6.09 32.61
CA ASN B 366 23.41 5.20 31.66
C ASN B 366 23.72 3.71 31.81
N PRO B 367 25.00 3.36 32.06
CA PRO B 367 25.38 1.95 32.21
C PRO B 367 24.44 1.14 33.13
N LEU B 368 23.70 0.20 32.54
CA LEU B 368 22.77 -0.64 33.30
C LEU B 368 23.56 -1.62 34.15
N SER B 369 22.98 -1.99 35.29
CA SER B 369 23.63 -2.92 36.21
C SER B 369 24.01 -4.23 35.53
N GLU B 370 24.93 -4.96 36.14
CA GLU B 370 25.34 -6.24 35.59
C GLU B 370 24.16 -7.19 35.72
N LYS B 371 23.37 -6.97 36.76
CA LYS B 371 22.19 -7.78 37.02
C LYS B 371 20.96 -7.26 36.28
N GLU B 372 20.90 -5.96 36.04
CA GLU B 372 19.78 -5.39 35.31
C GLU B 372 19.80 -5.87 33.87
N LYS B 373 21.00 -5.97 33.30
CA LYS B 373 21.15 -6.43 31.94
C LYS B 373 20.55 -7.83 31.88
N GLU B 374 20.96 -8.67 32.82
CA GLU B 374 20.48 -10.05 32.88
C GLU B 374 18.96 -10.10 32.94
N PHE B 375 18.37 -9.18 33.69
CA PHE B 375 16.92 -9.11 33.84
C PHE B 375 16.24 -8.79 32.50
N LEU B 376 16.77 -7.81 31.78
CA LEU B 376 16.20 -7.42 30.49
C LEU B 376 16.32 -8.55 29.48
N LYS B 377 17.44 -9.24 29.49
CA LYS B 377 17.64 -10.35 28.57
C LYS B 377 16.56 -11.40 28.82
N LYS B 378 16.24 -11.64 30.09
CA LYS B 378 15.21 -12.61 30.47
C LYS B 378 13.84 -12.10 30.06
N LEU B 379 13.59 -10.83 30.34
CA LEU B 379 12.31 -10.23 29.99
C LEU B 379 12.09 -10.32 28.49
N LYS B 380 13.16 -10.11 27.74
CA LYS B 380 13.09 -10.14 26.29
C LYS B 380 12.46 -11.44 25.79
N LEU B 381 12.95 -12.59 26.24
CA LEU B 381 12.37 -13.84 25.78
C LEU B 381 10.88 -13.94 26.11
N ASP B 382 10.49 -13.55 27.31
CA ASP B 382 9.10 -13.67 27.73
C ASP B 382 8.06 -12.72 27.10
N ILE B 383 8.50 -11.67 26.42
CA ILE B 383 7.56 -10.73 25.82
C ILE B 383 7.45 -10.89 24.31
N GLN B 384 7.89 -12.04 23.81
CA GLN B 384 7.80 -12.33 22.38
C GLN B 384 6.43 -12.97 22.08
N PRO B 385 5.78 -12.54 21.00
CA PRO B 385 4.46 -13.09 20.62
C PRO B 385 4.49 -14.60 20.36
N TYR B 386 3.38 -15.27 20.61
CA TYR B 386 3.28 -16.71 20.36
C TYR B 386 2.94 -16.81 18.86
N ASP B 387 3.97 -17.02 18.05
CA ASP B 387 3.79 -17.10 16.61
C ASP B 387 4.26 -18.46 16.08
N ILE B 388 3.31 -19.36 15.85
CA ILE B 388 3.63 -20.70 15.36
C ILE B 388 4.50 -20.57 14.10
N ASN B 389 4.05 -19.78 13.12
CA ASN B 389 4.82 -19.64 11.91
C ASN B 389 6.21 -19.08 12.16
N GLN B 390 6.29 -18.02 12.96
CA GLN B 390 7.58 -17.41 13.28
C GLN B 390 8.54 -18.45 13.88
N ARG B 391 7.99 -19.36 14.69
CA ARG B 391 8.78 -20.42 15.32
C ARG B 391 9.37 -21.35 14.25
N LEU B 392 8.51 -21.86 13.38
CA LEU B 392 8.99 -22.76 12.34
C LEU B 392 10.07 -22.11 11.52
N GLN B 393 9.92 -20.82 11.24
CA GLN B 393 10.90 -20.13 10.44
C GLN B 393 12.23 -19.85 11.11
N ASP B 394 12.21 -19.43 12.38
CA ASP B 394 13.46 -19.13 13.11
C ASP B 394 14.29 -20.37 13.37
N THR B 395 13.63 -21.51 13.43
CA THR B 395 14.33 -22.76 13.69
C THR B 395 14.43 -23.61 12.41
N GLY B 396 13.84 -23.12 11.33
CA GLY B 396 13.89 -23.84 10.07
C GLY B 396 13.39 -25.26 10.23
N GLY B 397 12.44 -25.46 11.14
CA GLY B 397 11.91 -26.78 11.37
C GLY B 397 12.41 -27.46 12.64
N LEU B 398 13.69 -27.27 13.00
CA LEU B 398 14.21 -27.89 14.21
C LEU B 398 13.50 -27.26 15.39
N ILE B 399 12.34 -27.81 15.76
CA ILE B 399 11.55 -27.26 16.85
C ILE B 399 12.04 -27.63 18.23
N ASP B 400 12.77 -28.73 18.34
CA ASP B 400 13.28 -29.13 19.63
C ASP B 400 14.47 -28.26 20.02
N SER B 401 14.80 -27.31 19.15
CA SER B 401 15.89 -26.37 19.39
C SER B 401 15.63 -25.63 20.71
N PRO B 402 16.58 -25.72 21.67
CA PRO B 402 16.49 -25.09 22.98
C PRO B 402 16.67 -23.57 23.01
N SER B 403 16.14 -22.90 22.00
CA SER B 403 16.28 -21.45 21.94
C SER B 403 15.26 -20.70 22.78
N ILE B 404 14.34 -21.43 23.41
CA ILE B 404 13.30 -20.84 24.28
C ILE B 404 12.95 -21.75 25.46
N ASN B 405 12.31 -21.17 26.48
CA ASN B 405 11.90 -21.92 27.66
C ASN B 405 11.12 -23.20 27.31
N LEU B 406 11.55 -24.30 27.92
CA LEU B 406 10.97 -25.62 27.70
C LEU B 406 9.46 -25.72 27.62
N ASP B 407 8.74 -24.93 28.41
CA ASP B 407 7.29 -25.00 28.40
C ASP B 407 6.64 -24.41 27.16
N VAL B 408 7.16 -23.29 26.68
CA VAL B 408 6.62 -22.68 25.47
C VAL B 408 7.05 -23.50 24.26
N ARG B 409 8.22 -24.11 24.39
CA ARG B 409 8.79 -24.94 23.34
C ARG B 409 7.82 -26.08 23.09
N LYS B 410 7.27 -26.61 24.18
CA LYS B 410 6.33 -27.73 24.11
C LYS B 410 4.95 -27.43 23.54
N GLN B 411 4.38 -26.26 23.85
CA GLN B 411 3.06 -25.96 23.28
C GLN B 411 3.21 -25.74 21.78
N TYR B 412 4.34 -25.16 21.37
CA TYR B 412 4.61 -24.94 19.95
C TYR B 412 4.64 -26.30 19.27
N LYS B 413 5.27 -27.28 19.91
CA LYS B 413 5.38 -28.61 19.31
C LYS B 413 4.01 -29.29 19.15
N ARG B 414 3.18 -29.19 20.19
CA ARG B 414 1.85 -29.76 20.19
C ARG B 414 1.01 -29.17 19.05
N ASP B 415 0.92 -27.84 19.03
CA ASP B 415 0.16 -27.12 18.00
C ASP B 415 0.65 -27.49 16.61
N ILE B 416 1.96 -27.50 16.42
CA ILE B 416 2.53 -27.83 15.13
C ILE B 416 2.15 -29.24 14.70
N GLN B 417 2.25 -30.20 15.61
CA GLN B 417 1.90 -31.58 15.26
C GLN B 417 0.41 -31.73 15.00
N ASN B 418 -0.40 -30.86 15.60
CA ASN B 418 -1.84 -30.93 15.37
C ASN B 418 -2.24 -30.31 14.03
N ILE B 419 -1.65 -29.16 13.71
CA ILE B 419 -1.94 -28.48 12.45
C ILE B 419 -1.49 -29.38 11.31
N ASP B 420 -0.42 -30.14 11.55
CA ASP B 420 0.09 -31.03 10.53
C ASP B 420 -0.96 -32.09 10.25
N ALA B 421 -1.43 -32.73 11.31
CA ALA B 421 -2.45 -33.78 11.18
C ALA B 421 -3.73 -33.23 10.58
N LEU B 422 -3.92 -31.93 10.71
CA LEU B 422 -5.12 -31.27 10.23
C LEU B 422 -5.12 -31.03 8.70
N LEU B 423 -3.94 -30.80 8.14
CA LEU B 423 -3.82 -30.52 6.71
C LEU B 423 -3.41 -31.76 5.93
N HIS B 424 -4.35 -32.69 5.77
CA HIS B 424 -4.08 -33.92 5.04
C HIS B 424 -4.72 -33.92 3.66
N GLN B 425 -5.67 -33.03 3.42
CA GLN B 425 -6.37 -32.96 2.13
C GLN B 425 -5.56 -32.31 1.02
N SER B 426 -5.07 -33.11 0.07
CA SER B 426 -4.31 -32.56 -1.04
C SER B 426 -5.20 -31.73 -1.95
N ILE B 427 -4.59 -30.83 -2.70
CA ILE B 427 -5.28 -29.90 -3.59
C ILE B 427 -5.94 -30.57 -4.80
N GLY B 428 -5.28 -31.59 -5.33
CA GLY B 428 -5.79 -32.30 -6.50
C GLY B 428 -7.29 -32.46 -6.53
N SER B 429 -7.90 -32.23 -7.68
CA SER B 429 -9.35 -32.36 -7.80
C SER B 429 -9.77 -32.56 -9.25
N THR B 430 -11.03 -32.94 -9.43
CA THR B 430 -11.58 -33.15 -10.77
C THR B 430 -12.12 -31.81 -11.28
N LEU B 431 -12.33 -30.88 -10.35
CA LEU B 431 -12.87 -29.55 -10.67
C LEU B 431 -11.98 -28.62 -11.48
N TYR B 432 -10.66 -28.81 -11.41
CA TYR B 432 -9.75 -27.94 -12.15
C TYR B 432 -8.50 -28.68 -12.63
N ASN B 433 -7.84 -28.12 -13.65
CA ASN B 433 -6.62 -28.69 -14.21
C ASN B 433 -5.47 -28.19 -13.34
N LYS B 434 -4.64 -27.27 -13.85
CA LYS B 434 -3.53 -26.71 -13.06
C LYS B 434 -4.01 -25.73 -11.98
N ILE B 435 -3.21 -25.54 -10.94
CA ILE B 435 -3.56 -24.61 -9.86
C ILE B 435 -2.40 -23.68 -9.48
N TYR B 436 -2.67 -22.38 -9.55
CA TYR B 436 -1.67 -21.36 -9.18
C TYR B 436 -2.18 -20.55 -8.01
N LEU B 437 -1.32 -20.35 -7.00
CA LEU B 437 -1.70 -19.58 -5.83
C LEU B 437 -0.76 -18.39 -5.66
N TYR B 438 -1.17 -17.37 -4.93
CA TYR B 438 -0.32 -16.17 -4.83
C TYR B 438 0.05 -15.76 -3.39
N GLU B 439 1.25 -15.15 -3.33
CA GLU B 439 1.82 -14.67 -2.08
C GLU B 439 2.54 -13.33 -2.33
N ASN B 440 2.13 -12.31 -1.58
CA ASN B 440 2.72 -10.97 -1.64
C ASN B 440 3.79 -10.94 -0.56
N MET B 441 5.06 -10.89 -0.92
CA MET B 441 6.11 -10.92 0.10
C MET B 441 6.92 -9.65 0.26
N ASN B 442 7.61 -9.53 1.39
CA ASN B 442 8.49 -8.40 1.65
C ASN B 442 9.91 -8.89 1.35
N ILE B 443 10.65 -8.13 0.54
CA ILE B 443 12.00 -8.51 0.14
C ILE B 443 12.95 -8.60 1.32
N ASN B 444 12.63 -7.90 2.41
CA ASN B 444 13.47 -7.91 3.58
C ASN B 444 13.49 -9.25 4.29
N ASN B 445 12.55 -10.12 3.97
CA ASN B 445 12.50 -11.42 4.60
C ASN B 445 13.51 -12.34 3.93
N LEU B 446 13.87 -12.02 2.70
CA LEU B 446 14.84 -12.81 1.97
C LEU B 446 16.21 -12.14 2.11
N THR B 447 16.23 -10.83 1.94
CA THR B 447 17.48 -10.09 2.03
C THR B 447 17.24 -8.62 2.29
N ALA B 448 17.29 -8.25 3.56
CA ALA B 448 17.10 -6.88 3.95
C ALA B 448 18.25 -6.03 3.40
N THR B 449 19.37 -6.67 3.10
CA THR B 449 20.50 -5.93 2.56
C THR B 449 20.12 -5.29 1.24
N LEU B 450 19.53 -6.07 0.34
CA LEU B 450 19.10 -5.52 -0.95
C LEU B 450 17.82 -4.70 -0.83
N GLY B 451 16.94 -5.06 0.09
CA GLY B 451 15.69 -4.35 0.25
C GLY B 451 15.87 -2.86 0.51
N ALA B 452 17.07 -2.49 0.94
CA ALA B 452 17.38 -1.10 1.24
C ALA B 452 17.36 -0.26 -0.03
N ASP B 453 17.96 -0.78 -1.09
CA ASP B 453 18.03 -0.04 -2.34
C ASP B 453 17.22 -0.64 -3.49
N LEU B 454 16.16 -1.39 -3.17
CA LEU B 454 15.34 -1.98 -4.22
C LEU B 454 14.52 -0.90 -4.93
N VAL B 455 13.71 -0.19 -4.16
CA VAL B 455 12.88 0.86 -4.73
C VAL B 455 13.70 2.04 -5.23
N ASP B 456 13.23 2.62 -6.33
CA ASP B 456 13.85 3.79 -6.95
C ASP B 456 13.47 4.95 -6.02
N SER B 457 14.46 5.62 -5.45
CA SER B 457 14.23 6.72 -4.52
C SER B 457 13.59 7.99 -5.08
N THR B 458 13.62 8.13 -6.41
CA THR B 458 13.03 9.28 -7.08
C THR B 458 11.55 9.04 -7.37
N ASP B 459 11.27 7.90 -7.99
CA ASP B 459 9.91 7.52 -8.34
C ASP B 459 9.61 6.22 -7.64
N ASN B 460 8.89 6.32 -6.53
CA ASN B 460 8.53 5.16 -5.72
C ASN B 460 7.85 4.03 -6.46
N THR B 461 7.26 4.31 -7.63
CA THR B 461 6.59 3.26 -8.40
C THR B 461 7.53 2.43 -9.26
N LYS B 462 8.79 2.83 -9.33
CA LYS B 462 9.76 2.09 -10.13
C LYS B 462 10.75 1.35 -9.25
N ILE B 463 11.41 0.36 -9.84
CA ILE B 463 12.37 -0.49 -9.14
C ILE B 463 13.77 -0.29 -9.73
N ASN B 464 14.80 -0.43 -8.89
CA ASN B 464 16.16 -0.27 -9.39
C ASN B 464 16.66 -1.52 -10.08
N ARG B 465 16.78 -1.44 -11.40
CA ARG B 465 17.27 -2.54 -12.23
C ARG B 465 18.55 -3.12 -11.63
N GLY B 466 19.31 -2.29 -10.93
CA GLY B 466 20.55 -2.75 -10.32
C GLY B 466 20.32 -3.76 -9.21
N ILE B 467 19.71 -3.32 -8.12
CA ILE B 467 19.45 -4.24 -7.01
C ILE B 467 18.62 -5.41 -7.53
N PHE B 468 17.83 -5.17 -8.56
CA PHE B 468 17.00 -6.24 -9.10
C PHE B 468 17.87 -7.37 -9.64
N ASN B 469 18.82 -7.02 -10.49
CA ASN B 469 19.68 -8.01 -11.08
C ASN B 469 20.39 -8.84 -10.02
N GLU B 470 20.88 -8.18 -8.98
CA GLU B 470 21.56 -8.92 -7.94
C GLU B 470 20.62 -9.83 -7.16
N PHE B 471 19.37 -9.40 -6.97
CA PHE B 471 18.40 -10.23 -6.26
C PHE B 471 18.12 -11.53 -7.02
N LYS B 472 18.07 -11.42 -8.35
CA LYS B 472 17.80 -12.52 -9.27
C LYS B 472 18.99 -13.47 -9.49
N LYS B 473 20.19 -12.90 -9.45
CA LYS B 473 21.44 -13.65 -9.68
C LYS B 473 21.51 -15.14 -9.34
N ASN B 474 21.29 -15.51 -8.07
CA ASN B 474 21.37 -16.93 -7.73
C ASN B 474 20.11 -17.51 -7.13
N PHE B 475 18.97 -16.93 -7.52
CA PHE B 475 17.71 -17.38 -6.99
C PHE B 475 17.18 -18.51 -7.86
N LYS B 476 17.58 -19.72 -7.48
CA LYS B 476 17.19 -20.94 -8.17
C LYS B 476 16.13 -21.72 -7.41
N TYR B 477 16.38 -21.99 -6.12
CA TYR B 477 15.43 -22.74 -5.31
C TYR B 477 15.10 -22.12 -3.98
N SER B 478 13.93 -22.43 -3.47
CA SER B 478 13.42 -21.89 -2.22
C SER B 478 12.90 -23.00 -1.32
N ILE B 479 12.86 -22.75 -0.01
CA ILE B 479 12.34 -23.73 0.94
C ILE B 479 11.31 -23.08 1.86
N SER B 480 10.31 -23.83 2.26
CA SER B 480 9.29 -23.32 3.16
C SER B 480 9.25 -24.21 4.41
N SER B 481 9.68 -23.66 5.55
CA SER B 481 9.68 -24.43 6.77
C SER B 481 8.41 -24.21 7.55
N ASN B 482 7.67 -23.16 7.22
CA ASN B 482 6.42 -22.93 7.92
C ASN B 482 5.19 -23.07 7.01
N TYR B 483 4.03 -22.64 7.48
CA TYR B 483 2.80 -22.75 6.71
C TYR B 483 2.52 -21.53 5.85
N MET B 484 2.82 -21.62 4.56
CA MET B 484 2.55 -20.49 3.70
C MET B 484 1.04 -20.21 3.69
N ILE B 485 0.67 -18.94 3.70
CA ILE B 485 -0.72 -18.56 3.63
C ILE B 485 -0.83 -17.74 2.37
N VAL B 486 -1.37 -18.38 1.35
CA VAL B 486 -1.51 -17.81 0.04
C VAL B 486 -2.94 -17.45 -0.35
N ASP B 487 -3.06 -16.73 -1.45
CA ASP B 487 -4.36 -16.32 -1.97
C ASP B 487 -4.73 -17.15 -3.17
N ILE B 488 -6.03 -17.38 -3.34
CA ILE B 488 -6.57 -18.13 -4.48
C ILE B 488 -6.47 -17.25 -5.75
N ASN B 489 -6.80 -15.98 -5.59
CA ASN B 489 -6.72 -14.99 -6.68
C ASN B 489 -5.80 -13.85 -6.20
N GLU B 490 -4.94 -13.34 -7.08
CA GLU B 490 -4.01 -12.30 -6.70
C GLU B 490 -4.65 -11.03 -6.14
N ARG B 491 -4.10 -10.57 -5.02
CA ARG B 491 -4.62 -9.41 -4.35
C ARG B 491 -3.56 -8.33 -4.19
N PRO B 492 -4.00 -7.06 -4.05
CA PRO B 492 -3.11 -5.91 -3.90
C PRO B 492 -2.19 -6.00 -2.67
N ALA B 493 -0.98 -5.44 -2.80
CA ALA B 493 0.02 -5.50 -1.73
C ALA B 493 0.16 -4.27 -0.85
N LEU B 494 0.86 -4.44 0.28
CA LEU B 494 1.19 -3.38 1.24
C LEU B 494 2.50 -2.73 0.76
N ASP B 495 2.68 -1.45 1.02
CA ASP B 495 3.88 -0.71 0.60
C ASP B 495 5.22 -1.46 0.62
N ASN B 496 5.51 -2.18 1.71
CA ASN B 496 6.77 -2.91 1.81
C ASN B 496 6.78 -4.27 1.10
N GLU B 497 5.66 -4.61 0.46
CA GLU B 497 5.60 -5.87 -0.27
C GLU B 497 5.78 -5.59 -1.76
N ARG B 498 6.99 -5.81 -2.27
CA ARG B 498 7.25 -5.58 -3.68
C ARG B 498 7.49 -6.89 -4.41
N LEU B 499 7.43 -7.99 -3.66
CA LEU B 499 7.62 -9.31 -4.24
C LEU B 499 6.25 -9.93 -4.48
N LYS B 500 6.03 -10.48 -5.67
CA LYS B 500 4.76 -11.13 -5.99
C LYS B 500 4.91 -12.58 -6.49
N TRP B 501 4.74 -13.52 -5.57
CA TRP B 501 4.87 -14.93 -5.94
C TRP B 501 3.61 -15.50 -6.60
N ARG B 502 3.84 -16.38 -7.57
CA ARG B 502 2.77 -17.11 -8.24
C ARG B 502 3.24 -18.56 -8.22
N ILE B 503 2.65 -19.34 -7.32
CA ILE B 503 3.04 -20.75 -7.17
C ILE B 503 2.15 -21.76 -7.89
N GLN B 504 2.80 -22.73 -8.52
CA GLN B 504 2.12 -23.83 -9.22
C GLN B 504 2.20 -25.01 -8.26
N LEU B 505 1.09 -25.29 -7.58
CA LEU B 505 1.03 -26.38 -6.61
C LEU B 505 1.13 -27.73 -7.26
N SER B 506 1.38 -28.74 -6.46
CA SER B 506 1.41 -30.09 -6.96
C SER B 506 0.05 -30.64 -6.57
N PRO B 507 -0.50 -31.57 -7.36
CA PRO B 507 -1.80 -32.08 -6.93
C PRO B 507 -1.69 -32.86 -5.63
N ASP B 508 -0.46 -33.26 -5.29
CA ASP B 508 -0.19 -34.03 -4.07
C ASP B 508 -0.03 -33.14 -2.85
N THR B 509 0.23 -31.85 -3.09
CA THR B 509 0.42 -30.86 -2.01
C THR B 509 -0.81 -30.75 -1.16
N ARG B 510 -0.64 -30.84 0.16
CA ARG B 510 -1.75 -30.77 1.10
C ARG B 510 -1.99 -29.35 1.57
N ALA B 511 -3.25 -29.00 1.78
CA ALA B 511 -3.57 -27.66 2.21
C ALA B 511 -4.90 -27.60 2.91
N GLY B 512 -5.19 -26.43 3.47
CA GLY B 512 -6.43 -26.21 4.19
C GLY B 512 -7.09 -24.94 3.69
N TYR B 513 -8.40 -25.00 3.46
CA TYR B 513 -9.13 -23.85 2.98
C TYR B 513 -9.51 -22.88 4.09
N LEU B 514 -9.38 -21.59 3.82
CA LEU B 514 -9.77 -20.53 4.76
C LEU B 514 -10.87 -19.73 4.07
N GLU B 515 -11.90 -19.34 4.82
CA GLU B 515 -13.04 -18.65 4.23
C GLU B 515 -12.78 -17.34 3.45
N ASN B 516 -11.81 -16.55 3.88
CA ASN B 516 -11.54 -15.29 3.17
C ASN B 516 -10.86 -15.48 1.81
N GLY B 517 -10.97 -16.66 1.23
CA GLY B 517 -10.37 -16.89 -0.08
C GLY B 517 -8.87 -17.14 -0.05
N LYS B 518 -8.41 -17.82 1.00
CA LYS B 518 -7.01 -18.14 1.14
C LYS B 518 -6.86 -19.63 1.40
N LEU B 519 -5.64 -20.12 1.22
CA LEU B 519 -5.32 -21.53 1.47
C LEU B 519 -4.09 -21.56 2.36
N ILE B 520 -4.05 -22.49 3.30
CA ILE B 520 -2.89 -22.61 4.16
C ILE B 520 -2.23 -23.92 3.77
N LEU B 521 -1.03 -23.83 3.22
CA LEU B 521 -0.32 -25.04 2.79
C LEU B 521 0.47 -25.72 3.91
N GLN B 522 0.81 -26.98 3.64
CA GLN B 522 1.58 -27.81 4.56
C GLN B 522 3.02 -27.28 4.65
N ARG B 523 3.68 -27.47 5.79
CA ARG B 523 5.07 -27.04 5.95
C ARG B 523 5.97 -27.97 5.17
N ASN B 524 7.28 -27.77 5.28
CA ASN B 524 8.27 -28.58 4.58
C ASN B 524 7.96 -28.83 3.11
N ILE B 525 7.88 -27.72 2.38
CA ILE B 525 7.60 -27.68 0.96
C ILE B 525 8.82 -27.12 0.19
N GLY B 526 9.04 -27.63 -1.03
CA GLY B 526 10.15 -27.14 -1.81
C GLY B 526 9.70 -26.29 -2.98
N LEU B 527 10.46 -25.25 -3.30
CA LEU B 527 10.10 -24.37 -4.42
C LEU B 527 11.21 -24.17 -5.42
N GLU B 528 10.99 -24.61 -6.65
CA GLU B 528 11.98 -24.46 -7.71
C GLU B 528 11.63 -23.14 -8.43
N ILE B 529 12.56 -22.19 -8.46
CA ILE B 529 12.26 -20.92 -9.11
C ILE B 529 12.31 -21.06 -10.61
N LYS B 530 11.21 -20.71 -11.27
CA LYS B 530 11.10 -20.82 -12.73
C LYS B 530 11.36 -19.54 -13.50
N ASP B 531 11.05 -18.39 -12.90
CA ASP B 531 11.28 -17.11 -13.55
C ASP B 531 11.26 -15.97 -12.52
N VAL B 532 12.06 -14.95 -12.77
CA VAL B 532 12.12 -13.78 -11.92
C VAL B 532 12.16 -12.56 -12.85
N GLN B 533 11.04 -11.86 -12.97
CA GLN B 533 10.98 -10.70 -13.86
C GLN B 533 10.31 -9.48 -13.24
N ILE B 534 10.59 -8.30 -13.81
CA ILE B 534 9.96 -7.07 -13.33
C ILE B 534 8.63 -6.90 -14.05
N ILE B 535 7.57 -6.62 -13.32
CA ILE B 535 6.29 -6.45 -13.96
C ILE B 535 5.57 -5.22 -13.43
N LYS B 536 4.47 -4.89 -14.08
CA LYS B 536 3.71 -3.73 -13.70
C LYS B 536 2.31 -4.18 -13.30
N GLN B 537 1.80 -3.62 -12.20
CA GLN B 537 0.47 -3.98 -11.74
C GLN B 537 -0.13 -2.79 -11.00
N SER B 538 -1.28 -2.33 -11.48
CA SER B 538 -1.94 -1.17 -10.92
C SER B 538 -1.01 0.02 -10.97
N GLU B 539 -0.18 0.07 -12.00
CA GLU B 539 0.76 1.17 -12.22
C GLU B 539 1.99 1.25 -11.30
N LYS B 540 2.20 0.21 -10.49
CA LYS B 540 3.37 0.19 -9.63
C LYS B 540 4.21 -1.00 -10.06
N GLU B 541 5.53 -0.90 -9.97
CA GLU B 541 6.37 -2.01 -10.35
C GLU B 541 6.53 -3.05 -9.21
N TYR B 542 6.78 -4.30 -9.58
CA TYR B 542 6.94 -5.38 -8.61
C TYR B 542 7.83 -6.45 -9.21
N ILE B 543 8.38 -7.31 -8.35
CA ILE B 543 9.16 -8.42 -8.84
C ILE B 543 8.25 -9.66 -8.82
N ARG B 544 8.01 -10.22 -10.00
CA ARG B 544 7.17 -11.40 -10.10
C ARG B 544 8.03 -12.62 -9.91
N ILE B 545 7.65 -13.51 -9.01
CA ILE B 545 8.43 -14.71 -8.82
C ILE B 545 7.59 -15.91 -9.15
N ASP B 546 7.97 -16.63 -10.20
CA ASP B 546 7.25 -17.84 -10.60
C ASP B 546 7.93 -19.08 -10.06
N ALA B 547 7.24 -19.76 -9.13
CA ALA B 547 7.76 -20.96 -8.49
C ALA B 547 6.85 -22.18 -8.67
N LYS B 548 7.47 -23.34 -8.81
CA LYS B 548 6.73 -24.59 -8.95
C LYS B 548 6.97 -25.40 -7.69
N VAL B 549 5.92 -25.93 -7.08
CA VAL B 549 6.13 -26.72 -5.87
C VAL B 549 6.80 -28.05 -6.21
N VAL B 550 7.75 -28.46 -5.39
CA VAL B 550 8.42 -29.74 -5.63
C VAL B 550 8.71 -30.41 -4.29
N PRO B 551 9.18 -31.65 -4.31
CA PRO B 551 9.47 -32.27 -3.02
C PRO B 551 10.70 -31.61 -2.37
N LYS B 552 10.56 -31.19 -1.12
CA LYS B 552 11.64 -30.55 -0.40
C LYS B 552 12.92 -31.38 -0.50
N SER B 553 12.80 -32.69 -0.35
CA SER B 553 13.96 -33.57 -0.41
C SER B 553 14.82 -33.27 -1.61
N LYS B 554 14.20 -32.92 -2.74
CA LYS B 554 14.98 -32.62 -3.96
C LYS B 554 15.89 -31.41 -3.77
N ILE B 555 15.43 -30.47 -2.94
CA ILE B 555 16.19 -29.27 -2.67
C ILE B 555 17.26 -29.46 -1.60
N ASP B 556 16.91 -30.22 -0.57
CA ASP B 556 17.87 -30.49 0.49
C ASP B 556 19.13 -31.16 -0.05
N THR B 557 18.99 -32.10 -0.99
CA THR B 557 20.17 -32.79 -1.49
C THR B 557 21.03 -31.90 -2.38
N LYS B 558 20.44 -30.84 -2.92
CA LYS B 558 21.18 -29.90 -3.76
C LYS B 558 22.14 -29.21 -2.78
N ILE B 559 21.57 -28.83 -1.63
CA ILE B 559 22.30 -28.18 -0.56
C ILE B 559 23.38 -29.10 -0.03
N GLN B 560 23.00 -30.32 0.32
CA GLN B 560 23.98 -31.28 0.81
C GLN B 560 25.15 -31.31 -0.16
N GLU B 561 24.86 -31.55 -1.44
CA GLU B 561 25.91 -31.60 -2.44
C GLU B 561 26.76 -30.34 -2.44
N ALA B 562 26.11 -29.19 -2.41
CA ALA B 562 26.81 -27.90 -2.40
C ALA B 562 27.81 -27.85 -1.26
N GLN B 563 27.38 -28.25 -0.07
CA GLN B 563 28.26 -28.23 1.08
C GLN B 563 29.53 -29.05 0.82
N LEU B 564 29.36 -30.32 0.48
CA LEU B 564 30.51 -31.18 0.23
C LEU B 564 31.43 -30.48 -0.74
N ASN B 565 30.81 -29.79 -1.69
CA ASN B 565 31.59 -29.13 -2.71
C ASN B 565 32.40 -27.92 -2.24
N ILE B 566 31.76 -26.98 -1.55
CA ILE B 566 32.48 -25.79 -1.11
C ILE B 566 33.64 -26.16 -0.19
N ASN B 567 33.52 -27.30 0.50
CA ASN B 567 34.56 -27.78 1.40
C ASN B 567 35.73 -28.41 0.65
N GLN B 568 35.43 -29.16 -0.40
CA GLN B 568 36.48 -29.80 -1.18
C GLN B 568 37.31 -28.71 -1.84
N GLU B 569 36.64 -27.64 -2.23
CA GLU B 569 37.30 -26.53 -2.85
C GLU B 569 38.21 -25.76 -1.90
N TRP B 570 37.68 -25.34 -0.76
CA TRP B 570 38.47 -24.56 0.19
C TRP B 570 39.50 -25.37 0.99
N ASN B 571 39.28 -26.65 1.22
CA ASN B 571 40.31 -27.43 1.90
C ASN B 571 41.54 -27.37 1.03
N LYS B 572 41.32 -27.24 -0.29
CA LYS B 572 42.42 -27.16 -1.23
C LYS B 572 43.11 -25.79 -1.20
N ALA B 573 42.35 -24.72 -1.40
CA ALA B 573 42.88 -23.37 -1.40
C ALA B 573 43.62 -22.99 -0.13
N LEU B 574 43.21 -23.57 1.00
CA LEU B 574 43.82 -23.26 2.28
C LEU B 574 44.87 -24.27 2.69
N GLY B 575 45.05 -25.29 1.87
CA GLY B 575 46.04 -26.31 2.17
C GLY B 575 45.72 -27.10 3.42
N LEU B 576 44.44 -27.19 3.78
CA LEU B 576 44.01 -27.96 4.94
C LEU B 576 43.96 -29.43 4.56
N PRO B 577 43.97 -30.32 5.55
CA PRO B 577 43.92 -31.75 5.29
C PRO B 577 42.66 -32.11 4.52
N LYS B 578 42.74 -33.17 3.73
CA LYS B 578 41.60 -33.64 2.95
C LYS B 578 40.55 -34.17 3.92
N TYR B 579 39.27 -34.00 3.58
CA TYR B 579 38.17 -34.46 4.42
C TYR B 579 37.90 -33.58 5.62
N THR B 580 38.45 -32.37 5.63
CA THR B 580 38.22 -31.44 6.72
C THR B 580 36.80 -30.94 6.61
N LYS B 581 36.15 -30.74 7.74
CA LYS B 581 34.79 -30.25 7.76
C LYS B 581 34.78 -28.84 8.31
N LEU B 582 35.05 -27.87 7.44
CA LEU B 582 35.10 -26.46 7.83
C LEU B 582 33.81 -25.67 7.60
N ILE B 583 33.18 -25.83 6.45
CA ILE B 583 31.97 -25.08 6.14
C ILE B 583 30.66 -25.86 6.30
N THR B 584 29.64 -25.19 6.81
CA THR B 584 28.33 -25.80 7.02
C THR B 584 27.22 -24.92 6.45
N PHE B 585 26.27 -25.54 5.75
CA PHE B 585 25.13 -24.83 5.16
C PHE B 585 23.94 -25.21 5.99
N ASN B 586 23.44 -24.30 6.82
CA ASN B 586 22.28 -24.55 7.67
C ASN B 586 21.10 -23.77 7.02
N VAL B 587 20.73 -24.16 5.82
CA VAL B 587 19.68 -23.48 5.05
C VAL B 587 18.29 -24.10 5.16
N HIS B 588 17.27 -23.29 5.43
CA HIS B 588 15.90 -23.80 5.57
C HIS B 588 14.77 -22.88 5.09
N ASN B 589 15.10 -21.74 4.51
CA ASN B 589 14.06 -20.82 4.12
C ASN B 589 13.90 -20.38 2.67
N ARG B 590 13.06 -19.36 2.47
CA ARG B 590 12.64 -18.90 1.15
C ARG B 590 13.75 -18.38 0.16
N TYR B 591 14.91 -17.96 0.63
CA TYR B 591 15.98 -17.46 -0.30
C TYR B 591 17.12 -18.50 -0.36
N ALA B 592 16.81 -19.72 0.05
CA ALA B 592 17.76 -20.81 0.20
C ALA B 592 18.95 -20.84 -0.75
N SER B 593 18.68 -21.00 -2.02
CA SER B 593 19.76 -21.12 -2.97
C SER B 593 20.74 -19.94 -2.93
N ASN B 594 20.26 -18.77 -2.53
CA ASN B 594 21.14 -17.60 -2.47
C ASN B 594 22.14 -17.65 -1.31
N ILE B 595 21.72 -18.25 -0.19
CA ILE B 595 22.57 -18.39 0.98
C ILE B 595 23.79 -19.25 0.61
N VAL B 596 23.52 -20.32 -0.11
CA VAL B 596 24.55 -21.24 -0.53
C VAL B 596 25.52 -20.56 -1.48
N GLU B 597 25.01 -20.09 -2.61
CA GLU B 597 25.83 -19.44 -3.62
C GLU B 597 26.63 -18.24 -3.13
N SER B 598 26.06 -17.45 -2.23
CA SER B 598 26.77 -16.29 -1.74
C SER B 598 28.02 -16.71 -0.95
N ALA B 599 27.88 -17.77 -0.14
CA ALA B 599 29.00 -18.26 0.67
C ALA B 599 30.26 -18.39 -0.18
N TYR B 600 30.10 -18.74 -1.45
CA TYR B 600 31.25 -18.88 -2.32
C TYR B 600 31.84 -17.48 -2.55
N LEU B 601 30.95 -16.52 -2.86
CA LEU B 601 31.33 -15.14 -3.07
C LEU B 601 31.96 -14.54 -1.81
N ILE B 602 31.34 -14.80 -0.66
CA ILE B 602 31.84 -14.30 0.61
C ILE B 602 33.27 -14.77 0.93
N LEU B 603 33.54 -16.07 0.83
CA LEU B 603 34.90 -16.54 1.14
C LEU B 603 35.91 -16.02 0.14
N ASN B 604 35.46 -15.67 -1.06
CA ASN B 604 36.37 -15.13 -2.08
C ASN B 604 36.88 -13.76 -1.70
N GLU B 605 35.99 -12.91 -1.17
CA GLU B 605 36.35 -11.57 -0.72
C GLU B 605 37.37 -11.73 0.39
N TRP B 606 37.03 -12.62 1.32
CA TRP B 606 37.85 -12.95 2.48
C TRP B 606 39.29 -13.28 2.08
N LYS B 607 39.44 -14.19 1.12
CA LYS B 607 40.76 -14.61 0.64
C LYS B 607 41.44 -13.51 -0.20
N ASN B 608 40.62 -12.74 -0.91
CA ASN B 608 41.10 -11.66 -1.78
C ASN B 608 41.58 -10.42 -1.05
N ASN B 609 41.12 -10.21 0.18
CA ASN B 609 41.51 -9.01 0.94
C ASN B 609 42.39 -9.26 2.15
N ILE B 610 42.84 -10.49 2.36
CA ILE B 610 43.66 -10.75 3.54
C ILE B 610 44.85 -11.64 3.25
N GLN B 611 45.98 -11.30 3.87
CA GLN B 611 47.24 -12.01 3.71
C GLN B 611 47.06 -13.53 3.81
N SER B 612 47.39 -14.23 2.74
CA SER B 612 47.27 -15.67 2.68
C SER B 612 47.72 -16.37 3.98
N ASP B 613 48.82 -15.94 4.56
CA ASP B 613 49.31 -16.56 5.80
C ASP B 613 48.43 -16.34 7.00
N LEU B 614 47.85 -15.14 7.13
CA LEU B 614 46.99 -14.84 8.28
C LEU B 614 45.78 -15.78 8.26
N ILE B 615 45.25 -16.00 7.06
CA ILE B 615 44.12 -16.89 6.85
C ILE B 615 44.50 -18.29 7.30
N LYS B 616 45.44 -18.91 6.59
CA LYS B 616 45.88 -20.26 6.93
C LYS B 616 46.08 -20.42 8.42
N LYS B 617 46.94 -19.57 8.97
CA LYS B 617 47.26 -19.62 10.39
C LYS B 617 46.03 -19.55 11.27
N VAL B 618 45.21 -18.53 11.06
CA VAL B 618 44.02 -18.37 11.86
C VAL B 618 43.06 -19.56 11.72
N THR B 619 42.69 -19.88 10.48
CA THR B 619 41.77 -20.98 10.20
C THR B 619 42.19 -22.31 10.82
N ASN B 620 43.49 -22.62 10.73
CA ASN B 620 44.02 -23.86 11.29
C ASN B 620 43.77 -23.93 12.78
N TYR B 621 43.85 -22.78 13.45
CA TYR B 621 43.60 -22.71 14.89
C TYR B 621 42.11 -23.06 15.11
N LEU B 622 41.25 -22.51 14.27
CA LEU B 622 39.81 -22.77 14.36
C LEU B 622 39.55 -24.24 14.07
N VAL B 623 40.19 -24.75 13.03
CA VAL B 623 40.00 -26.16 12.69
C VAL B 623 40.45 -27.05 13.85
N ASP B 624 41.58 -26.75 14.47
CA ASP B 624 42.03 -27.57 15.60
C ASP B 624 41.03 -27.60 16.74
N GLY B 625 40.06 -26.70 16.71
CA GLY B 625 39.05 -26.68 17.77
C GLY B 625 37.73 -27.18 17.22
N ASN B 626 37.80 -27.87 16.08
CA ASN B 626 36.62 -28.42 15.46
C ASN B 626 35.62 -27.30 15.18
N GLY B 627 36.14 -26.11 14.88
CA GLY B 627 35.31 -24.95 14.58
C GLY B 627 34.67 -25.02 13.21
N ARG B 628 33.66 -24.18 12.97
CA ARG B 628 32.96 -24.18 11.69
C ARG B 628 32.63 -22.79 11.18
N PHE B 629 32.60 -22.65 9.86
CA PHE B 629 32.15 -21.42 9.25
C PHE B 629 30.73 -21.82 8.90
N VAL B 630 29.76 -21.31 9.65
CA VAL B 630 28.36 -21.65 9.42
C VAL B 630 27.58 -20.57 8.69
N PHE B 631 27.08 -20.89 7.50
CA PHE B 631 26.25 -19.95 6.73
C PHE B 631 24.80 -20.43 6.89
N THR B 632 23.93 -19.57 7.41
CA THR B 632 22.54 -19.98 7.65
C THR B 632 21.50 -18.91 7.43
N ASP B 633 20.26 -19.34 7.28
CA ASP B 633 19.13 -18.45 7.11
C ASP B 633 18.10 -18.61 8.24
N ILE B 634 18.50 -19.25 9.35
CA ILE B 634 17.61 -19.38 10.52
C ILE B 634 18.34 -18.59 11.61
N THR B 635 17.61 -18.02 12.56
CA THR B 635 18.23 -17.20 13.61
C THR B 635 19.32 -17.87 14.45
N LEU B 636 20.40 -17.11 14.67
CA LEU B 636 21.58 -17.56 15.40
C LEU B 636 21.39 -18.27 16.75
N PRO B 637 20.33 -17.93 17.50
CA PRO B 637 20.10 -18.59 18.78
C PRO B 637 19.70 -20.03 18.57
N ASN B 638 19.57 -20.46 17.32
CA ASN B 638 19.17 -21.83 17.03
C ASN B 638 20.25 -22.65 16.35
N ILE B 639 21.47 -22.13 16.32
CA ILE B 639 22.55 -22.88 15.73
C ILE B 639 23.30 -23.50 16.90
N ALA B 640 23.54 -24.80 16.84
CA ALA B 640 24.24 -25.51 17.93
C ALA B 640 25.59 -24.89 18.30
N GLU B 641 26.36 -24.49 17.29
CA GLU B 641 27.65 -23.85 17.54
C GLU B 641 27.51 -22.74 18.57
N GLN B 642 26.30 -22.24 18.76
CA GLN B 642 26.08 -21.20 19.77
C GLN B 642 25.41 -21.73 21.03
N TYR B 643 24.22 -22.30 20.89
CA TYR B 643 23.48 -22.77 22.05
C TYR B 643 24.05 -23.91 22.90
N THR B 644 24.85 -24.81 22.32
CA THR B 644 25.41 -25.90 23.12
C THR B 644 26.52 -25.40 24.04
N HIS B 645 26.82 -24.10 23.94
CA HIS B 645 27.87 -23.49 24.75
C HIS B 645 27.39 -22.35 25.64
N GLN B 646 26.08 -22.09 25.68
CA GLN B 646 25.55 -21.02 26.51
C GLN B 646 25.37 -21.51 27.94
N ASP B 647 25.44 -20.60 28.91
CA ASP B 647 25.24 -21.00 30.31
C ASP B 647 23.75 -21.15 30.50
N GLU B 648 23.03 -20.06 30.32
CA GLU B 648 21.58 -20.06 30.44
C GLU B 648 21.02 -19.75 29.06
N ILE B 649 19.75 -20.06 28.84
CA ILE B 649 19.11 -19.82 27.55
C ILE B 649 19.09 -18.35 27.16
N TYR B 650 18.54 -17.49 28.02
CA TYR B 650 18.45 -16.06 27.74
C TYR B 650 19.77 -15.37 27.39
N GLU B 651 20.87 -16.09 27.41
CA GLU B 651 22.16 -15.49 27.08
C GLU B 651 22.43 -15.43 25.58
N GLN B 652 21.47 -15.95 24.81
CA GLN B 652 21.53 -15.99 23.35
C GLN B 652 21.77 -14.64 22.69
N VAL B 653 22.21 -14.69 21.44
CA VAL B 653 22.46 -13.49 20.66
C VAL B 653 22.07 -13.75 19.23
N HIS B 654 21.45 -12.77 18.60
CA HIS B 654 21.07 -12.90 17.19
C HIS B 654 21.47 -11.63 16.46
N SER B 655 22.17 -11.79 15.35
CA SER B 655 22.59 -10.62 14.59
C SER B 655 23.20 -11.04 13.27
N LYS B 656 23.78 -10.09 12.55
CA LYS B 656 24.38 -10.39 11.26
C LYS B 656 25.40 -11.51 11.39
N GLY B 657 26.28 -11.39 12.37
CA GLY B 657 27.30 -12.42 12.55
C GLY B 657 27.61 -12.69 14.00
N LEU B 658 28.52 -13.64 14.22
CA LEU B 658 28.91 -13.96 15.57
C LEU B 658 30.08 -14.93 15.59
N TYR B 659 31.01 -14.67 16.52
CA TYR B 659 32.16 -15.53 16.72
C TYR B 659 32.02 -16.12 18.11
N VAL B 660 32.08 -17.45 18.20
CA VAL B 660 31.97 -18.12 19.48
C VAL B 660 33.32 -18.77 19.79
N PRO B 661 34.03 -18.26 20.81
CA PRO B 661 35.33 -18.79 21.19
C PRO B 661 35.28 -20.27 21.56
N GLU B 662 34.32 -20.62 22.41
CA GLU B 662 34.12 -21.99 22.88
C GLU B 662 33.99 -23.00 21.74
N SER B 663 33.33 -22.59 20.67
CA SER B 663 33.15 -23.48 19.51
C SER B 663 34.11 -23.10 18.37
N ARG B 664 34.80 -21.96 18.53
CA ARG B 664 35.72 -21.44 17.53
C ARG B 664 35.06 -21.39 16.17
N SER B 665 33.86 -20.85 16.12
CA SER B 665 33.11 -20.79 14.88
C SER B 665 32.59 -19.40 14.53
N ILE B 666 32.47 -19.13 13.24
CA ILE B 666 31.92 -17.86 12.79
C ILE B 666 30.54 -18.25 12.26
N LEU B 667 29.51 -17.48 12.61
CA LEU B 667 28.16 -17.76 12.11
C LEU B 667 27.69 -16.52 11.34
N LEU B 668 27.13 -16.72 10.16
CA LEU B 668 26.69 -15.58 9.38
C LEU B 668 25.23 -15.74 8.97
N HIS B 669 24.39 -14.82 9.43
CA HIS B 669 22.96 -14.89 9.11
C HIS B 669 22.72 -14.12 7.81
N GLY B 670 22.20 -14.83 6.81
CA GLY B 670 21.95 -14.21 5.53
C GLY B 670 20.93 -13.09 5.48
N PRO B 671 19.64 -13.40 5.54
CA PRO B 671 18.53 -12.45 5.50
C PRO B 671 18.72 -11.09 6.17
N SER B 672 19.28 -11.06 7.37
CA SER B 672 19.45 -9.80 8.08
C SER B 672 20.48 -8.82 7.51
N LYS B 673 20.21 -7.54 7.78
CA LYS B 673 21.08 -6.46 7.33
C LYS B 673 21.98 -6.02 8.48
N GLY B 674 23.29 -6.14 8.28
CA GLY B 674 24.23 -5.76 9.32
C GLY B 674 24.40 -4.27 9.42
N VAL B 675 24.57 -3.78 10.64
CA VAL B 675 24.76 -2.37 10.88
C VAL B 675 26.18 -1.92 10.50
N GLU B 676 26.26 -0.88 9.69
CA GLU B 676 27.55 -0.33 9.25
C GLU B 676 28.12 -1.19 8.15
N LEU B 677 27.31 -2.09 7.61
CA LEU B 677 27.80 -2.98 6.57
C LEU B 677 27.00 -2.83 5.28
N ARG B 678 27.68 -2.92 4.14
CA ARG B 678 26.99 -2.78 2.87
C ARG B 678 26.81 -4.11 2.17
N ASN B 679 27.43 -5.16 2.70
CA ASN B 679 27.32 -6.48 2.12
C ASN B 679 27.80 -7.52 3.11
N ASP B 680 27.40 -8.77 2.89
CA ASP B 680 27.76 -9.86 3.78
C ASP B 680 29.25 -10.12 3.92
N SER B 681 30.04 -9.82 2.89
CA SER B 681 31.47 -10.07 3.01
C SER B 681 32.03 -9.26 4.16
N GLU B 682 31.65 -7.99 4.23
CA GLU B 682 32.13 -7.14 5.32
C GLU B 682 31.75 -7.71 6.67
N GLY B 683 30.56 -8.28 6.76
CA GLY B 683 30.10 -8.88 8.00
C GLY B 683 30.94 -10.08 8.41
N PHE B 684 31.35 -10.88 7.44
CA PHE B 684 32.17 -12.06 7.71
C PHE B 684 33.58 -11.65 8.16
N ILE B 685 34.15 -10.66 7.47
CA ILE B 685 35.49 -10.18 7.79
C ILE B 685 35.55 -9.63 9.21
N HIS B 686 34.52 -8.87 9.60
CA HIS B 686 34.45 -8.32 10.94
C HIS B 686 34.60 -9.46 11.94
N GLU B 687 33.89 -10.55 11.67
CA GLU B 687 33.94 -11.70 12.56
C GLU B 687 35.32 -12.33 12.55
N PHE B 688 35.94 -12.42 11.38
CA PHE B 688 37.26 -13.00 11.31
C PHE B 688 38.17 -12.22 12.26
N GLY B 689 37.95 -10.91 12.34
CA GLY B 689 38.73 -10.08 13.25
C GLY B 689 38.66 -10.62 14.67
N HIS B 690 37.46 -10.99 15.10
CA HIS B 690 37.27 -11.56 16.43
C HIS B 690 38.04 -12.87 16.59
N ALA B 691 38.38 -13.51 15.47
CA ALA B 691 39.12 -14.77 15.53
C ALA B 691 40.61 -14.46 15.66
N VAL B 692 41.06 -13.39 14.99
CA VAL B 692 42.46 -12.95 15.05
C VAL B 692 42.74 -12.55 16.49
N ASP B 693 41.80 -11.79 17.04
CA ASP B 693 41.85 -11.34 18.42
C ASP B 693 42.02 -12.57 19.32
N ASP B 694 41.26 -13.63 19.06
CA ASP B 694 41.36 -14.84 19.89
C ASP B 694 42.64 -15.64 19.66
N TYR B 695 43.23 -15.56 18.47
CA TYR B 695 44.44 -16.31 18.22
C TYR B 695 45.70 -15.63 18.73
N ALA B 696 45.81 -14.32 18.49
CA ALA B 696 46.97 -13.57 18.97
C ALA B 696 47.00 -13.70 20.48
N GLY B 697 45.82 -13.61 21.10
CA GLY B 697 45.75 -13.72 22.54
C GLY B 697 46.28 -15.05 23.05
N TYR B 698 45.96 -16.13 22.35
CA TYR B 698 46.40 -17.44 22.77
C TYR B 698 47.88 -17.64 22.51
N LEU B 699 48.42 -16.95 21.52
CA LEU B 699 49.83 -17.08 21.21
C LEU B 699 50.72 -16.37 22.24
N LEU B 700 50.11 -15.53 23.08
CA LEU B 700 50.86 -14.83 24.12
C LEU B 700 51.27 -15.82 25.20
N ASP B 701 50.31 -16.63 25.64
CA ASP B 701 50.55 -17.66 26.64
C ASP B 701 49.42 -18.67 26.58
N LYS B 702 49.64 -19.68 25.76
CA LYS B 702 48.69 -20.75 25.51
C LYS B 702 48.05 -21.34 26.77
N ASN B 703 48.78 -21.38 27.88
CA ASN B 703 48.26 -21.94 29.13
C ASN B 703 47.08 -21.15 29.69
N GLN B 704 47.08 -19.84 29.44
CA GLN B 704 46.01 -18.96 29.92
C GLN B 704 45.52 -18.12 28.74
N SER B 705 44.72 -18.74 27.87
CA SER B 705 44.18 -18.05 26.68
C SER B 705 43.23 -16.91 27.01
N ASP B 706 43.54 -15.73 26.49
CA ASP B 706 42.73 -14.54 26.71
C ASP B 706 42.72 -13.75 25.41
N LEU B 707 41.89 -12.72 25.34
CA LEU B 707 41.81 -11.91 24.13
C LEU B 707 42.87 -10.83 24.14
N VAL B 708 43.55 -10.65 23.01
CA VAL B 708 44.59 -9.64 22.94
C VAL B 708 44.04 -8.25 23.19
N THR B 709 42.73 -8.08 23.07
CA THR B 709 42.13 -6.76 23.29
C THR B 709 41.92 -6.47 24.77
N ASN B 710 42.25 -7.43 25.63
CA ASN B 710 42.11 -7.26 27.07
C ASN B 710 43.43 -6.73 27.61
N SER B 711 44.45 -6.80 26.77
CA SER B 711 45.77 -6.33 27.16
C SER B 711 45.67 -4.88 27.61
N LYS B 712 46.59 -4.55 28.51
CA LYS B 712 46.71 -3.22 29.09
C LYS B 712 47.01 -2.23 27.97
N LYS B 713 47.93 -2.60 27.09
CA LYS B 713 48.32 -1.75 25.98
C LYS B 713 47.12 -1.32 25.13
N PHE B 714 46.23 -2.27 24.80
CA PHE B 714 45.05 -1.97 23.97
C PHE B 714 43.94 -1.21 24.68
N ILE B 715 43.68 -1.54 25.95
CA ILE B 715 42.63 -0.85 26.70
C ILE B 715 42.92 0.65 26.66
N ASP B 716 44.19 0.99 26.52
CA ASP B 716 44.62 2.36 26.43
C ASP B 716 44.34 2.90 25.04
N ILE B 717 44.85 2.18 24.04
CA ILE B 717 44.64 2.57 22.65
C ILE B 717 43.15 2.84 22.44
N PHE B 718 42.34 1.91 22.91
CA PHE B 718 40.90 2.04 22.80
C PHE B 718 40.43 3.35 23.41
N LYS B 719 40.87 3.64 24.63
CA LYS B 719 40.46 4.87 25.29
C LYS B 719 40.79 6.12 24.48
N GLU B 720 41.86 6.07 23.70
CA GLU B 720 42.25 7.23 22.91
C GLU B 720 41.56 7.35 21.55
N GLU B 721 41.61 6.31 20.73
CA GLU B 721 40.99 6.35 19.41
C GLU B 721 39.58 5.72 19.38
N GLY B 722 39.19 5.17 20.51
CA GLY B 722 37.89 4.52 20.67
C GLY B 722 36.76 4.88 19.74
N SER B 723 36.42 6.16 19.67
CA SER B 723 35.33 6.57 18.80
C SER B 723 35.81 7.36 17.59
N ASN B 724 36.86 6.86 16.95
CA ASN B 724 37.41 7.53 15.77
C ASN B 724 37.07 6.80 14.47
N LEU B 725 36.43 5.64 14.60
CA LEU B 725 36.06 4.84 13.43
C LEU B 725 34.55 4.78 13.23
N THR B 726 33.94 3.63 13.47
CA THR B 726 32.51 3.50 13.30
C THR B 726 31.85 3.56 14.66
N SER B 727 30.55 3.86 14.66
CA SER B 727 29.78 3.93 15.87
C SER B 727 29.74 2.56 16.53
N TYR B 728 29.39 1.55 15.74
CA TYR B 728 29.32 0.19 16.26
C TYR B 728 30.62 -0.15 16.94
N GLY B 729 31.71 0.43 16.44
CA GLY B 729 33.03 0.16 17.00
C GLY B 729 33.25 0.70 18.39
N ARG B 730 32.59 1.81 18.73
CA ARG B 730 32.74 2.42 20.05
C ARG B 730 32.07 1.60 21.17
N THR B 731 31.52 0.45 20.82
CA THR B 731 30.86 -0.41 21.79
C THR B 731 31.85 -0.82 22.88
N ASN B 732 32.97 -1.41 22.47
CA ASN B 732 34.00 -1.85 23.41
C ASN B 732 35.27 -2.21 22.62
N GLU B 733 36.34 -2.54 23.32
CA GLU B 733 37.60 -2.87 22.66
C GLU B 733 37.46 -3.99 21.64
N ALA B 734 36.80 -5.07 22.03
CA ALA B 734 36.61 -6.20 21.13
C ALA B 734 35.98 -5.76 19.81
N GLU B 735 34.87 -5.04 19.91
CA GLU B 735 34.17 -4.59 18.72
C GLU B 735 34.96 -3.57 17.91
N PHE B 736 35.75 -2.76 18.61
CA PHE B 736 36.57 -1.74 17.95
C PHE B 736 37.69 -2.44 17.17
N PHE B 737 38.30 -3.45 17.79
CA PHE B 737 39.36 -4.20 17.16
C PHE B 737 38.86 -4.82 15.85
N ALA B 738 37.66 -5.38 15.89
CA ALA B 738 37.07 -6.02 14.71
C ALA B 738 36.66 -5.02 13.64
N GLU B 739 36.06 -3.91 14.06
CA GLU B 739 35.67 -2.92 13.08
C GLU B 739 36.91 -2.39 12.40
N ALA B 740 37.96 -2.17 13.18
CA ALA B 740 39.20 -1.64 12.63
C ALA B 740 39.81 -2.65 11.67
N PHE B 741 39.85 -3.91 12.08
CA PHE B 741 40.40 -4.98 11.25
C PHE B 741 39.62 -5.03 9.93
N ARG B 742 38.30 -4.95 10.02
CA ARG B 742 37.43 -5.01 8.85
C ARG B 742 37.70 -3.90 7.83
N LEU B 743 37.78 -2.67 8.32
CA LEU B 743 38.03 -1.53 7.47
C LEU B 743 39.45 -1.57 6.90
N MET B 744 40.40 -2.07 7.69
CA MET B 744 41.79 -2.16 7.23
C MET B 744 41.91 -3.17 6.11
N HIS B 745 40.94 -4.09 6.07
CA HIS B 745 40.93 -5.16 5.07
C HIS B 745 39.69 -5.05 4.18
N SER B 746 39.31 -3.81 3.91
CA SER B 746 38.16 -3.51 3.07
C SER B 746 38.55 -3.68 1.61
N THR B 747 37.55 -3.75 0.74
CA THR B 747 37.79 -3.89 -0.69
C THR B 747 37.98 -2.49 -1.23
N ASP B 748 37.38 -1.53 -0.52
CA ASP B 748 37.48 -0.14 -0.89
C ASP B 748 38.69 0.42 -0.14
N HIS B 749 39.78 0.65 -0.87
CA HIS B 749 41.01 1.15 -0.26
C HIS B 749 40.85 2.47 0.48
N ALA B 750 39.88 3.28 0.08
CA ALA B 750 39.65 4.56 0.76
C ALA B 750 39.43 4.31 2.24
N GLU B 751 38.59 3.32 2.55
CA GLU B 751 38.27 2.96 3.93
C GLU B 751 39.48 2.57 4.75
N ARG B 752 40.50 2.02 4.09
CA ARG B 752 41.73 1.61 4.77
C ARG B 752 42.49 2.85 5.22
N LEU B 753 42.72 3.75 4.27
CA LEU B 753 43.45 4.99 4.54
C LEU B 753 42.80 5.74 5.68
N LYS B 754 41.48 5.70 5.73
CA LYS B 754 40.72 6.38 6.76
C LYS B 754 41.11 5.90 8.16
N VAL B 755 41.50 4.63 8.28
CA VAL B 755 41.88 4.11 9.57
C VAL B 755 43.28 4.57 9.97
N GLN B 756 44.23 4.45 9.06
CA GLN B 756 45.60 4.85 9.34
C GLN B 756 45.72 6.33 9.69
N LYS B 757 44.82 7.14 9.16
CA LYS B 757 44.87 8.57 9.44
C LYS B 757 43.78 9.05 10.38
N ASN B 758 43.15 8.13 11.11
CA ASN B 758 42.11 8.51 12.06
C ASN B 758 42.22 7.66 13.32
N ALA B 759 42.96 6.56 13.22
CA ALA B 759 43.16 5.67 14.35
C ALA B 759 44.54 5.03 14.25
N PRO B 760 45.60 5.86 14.12
CA PRO B 760 46.99 5.47 14.01
C PRO B 760 47.46 4.42 15.01
N LYS B 761 47.17 4.63 16.28
CA LYS B 761 47.58 3.67 17.29
C LYS B 761 47.02 2.30 16.96
N THR B 762 45.73 2.24 16.69
CA THR B 762 45.03 0.99 16.36
C THR B 762 45.59 0.33 15.09
N PHE B 763 45.56 1.06 13.98
CA PHE B 763 46.07 0.55 12.71
C PHE B 763 47.40 -0.19 12.92
N GLN B 764 48.24 0.36 13.79
CA GLN B 764 49.55 -0.22 14.07
C GLN B 764 49.46 -1.41 15.03
N PHE B 765 48.71 -1.27 16.12
CA PHE B 765 48.57 -2.36 17.07
C PHE B 765 48.11 -3.62 16.35
N ILE B 766 47.13 -3.44 15.47
CA ILE B 766 46.55 -4.51 14.66
C ILE B 766 47.55 -5.10 13.68
N ASN B 767 48.24 -4.25 12.94
CA ASN B 767 49.24 -4.73 11.99
C ASN B 767 50.34 -5.47 12.75
N ASP B 768 50.49 -5.15 14.02
CA ASP B 768 51.49 -5.81 14.85
C ASP B 768 51.02 -7.22 15.15
N GLN B 769 49.75 -7.35 15.52
CA GLN B 769 49.18 -8.66 15.83
C GLN B 769 49.25 -9.58 14.62
N ILE B 770 49.03 -9.01 13.43
CA ILE B 770 49.09 -9.79 12.22
C ILE B 770 50.51 -10.33 11.98
N LYS B 771 51.52 -9.51 12.21
CA LYS B 771 52.90 -9.96 12.01
C LYS B 771 53.27 -10.97 13.08
N PHE B 772 52.71 -10.82 14.27
CA PHE B 772 52.98 -11.74 15.36
C PHE B 772 52.56 -13.15 14.93
N ILE B 773 51.39 -13.24 14.28
CA ILE B 773 50.85 -14.51 13.82
C ILE B 773 51.52 -15.04 12.55
N ILE B 774 51.76 -14.17 11.58
CA ILE B 774 52.39 -14.57 10.31
C ILE B 774 53.86 -14.94 10.45
N ASN B 775 54.50 -14.51 11.55
CA ASN B 775 55.92 -14.81 11.73
C ASN B 775 56.22 -15.94 12.71
N SER B 776 55.35 -16.12 13.70
CA SER B 776 55.55 -17.19 14.67
C SER B 776 55.03 -18.51 14.11
ZN ZN C . 2.22 31.38 20.51
C12 NSC D . 5.92 29.54 15.84
C3 NSC D . 6.73 28.51 15.32
C2 NSC D . 8.03 28.77 14.87
N1 NSC D . 8.54 30.00 14.94
C7 NSC D . 8.80 27.71 14.32
C6 NSC D . 8.25 26.42 14.26
C8 NSC D . 9.07 25.27 13.67
N5 NSC D . 6.99 26.18 14.71
C4 NSC D . 6.22 27.18 15.23
C9 NSC D . 4.91 26.90 15.67
C10 NSC D . 4.10 27.93 16.18
C11 NSC D . 4.60 29.25 16.28
N13 NSC D . 3.76 30.21 16.75
C14 NSC D . 4.05 31.52 16.91
O28 NSC D . 5.16 32.00 16.60
N15 NSC D . 3.06 32.27 17.41
C16 NSC D . 3.09 33.61 17.67
C17 NSC D . 4.29 34.37 17.58
C18 NSC D . 4.30 35.72 17.98
C24 NSC D . 5.47 36.49 17.93
N25 NSC D . 6.61 35.97 17.47
C23 NSC D . 5.45 37.82 18.37
C21 NSC D . 4.25 38.38 18.86
C20 NSC D . 4.21 39.83 19.33
N22 NSC D . 3.12 37.61 18.90
C19 NSC D . 3.12 36.31 18.47
C26 NSC D . 1.93 35.56 18.56
C27 NSC D . 1.92 34.21 18.16
ZN ZN E . 31.66 -8.11 16.54
C12 NSC F . 26.61 -7.60 16.39
C3 NSC F . 25.55 -6.71 16.10
C2 NSC F . 24.95 -5.93 17.12
N1 NSC F . 25.40 -6.00 18.37
C7 NSC F . 23.88 -5.08 16.79
C6 NSC F . 23.42 -5.01 15.47
C8 NSC F . 22.26 -4.08 15.11
N5 NSC F . 24.01 -5.76 14.50
C4 NSC F . 25.05 -6.60 14.77
C9 NSC F . 25.62 -7.38 13.75
C10 NSC F . 26.69 -8.26 14.04
C11 NSC F . 27.19 -8.38 15.36
N13 NSC F . 28.19 -9.26 15.59
C14 NSC F . 28.78 -9.51 16.77
O28 NSC F . 28.46 -8.93 17.81
N15 NSC F . 29.75 -10.45 16.74
C16 NSC F . 30.51 -10.87 17.77
C17 NSC F . 30.46 -10.26 19.07
C18 NSC F . 31.35 -10.67 20.08
C24 NSC F . 31.35 -10.06 21.35
N25 NSC F . 30.47 -9.09 21.64
C23 NSC F . 32.28 -10.46 22.32
C21 NSC F . 33.20 -11.48 22.01
C20 NSC F . 34.23 -11.92 23.06
N22 NSC F . 33.19 -12.06 20.78
C19 NSC F . 32.31 -11.69 19.82
C26 NSC F . 32.35 -12.29 18.55
C27 NSC F . 31.46 -11.89 17.54
#